data_7DLK
#
_entry.id   7DLK
#
_cell.length_a   79.988
_cell.length_b   102.108
_cell.length_c   105.470
_cell.angle_alpha   87.840
_cell.angle_beta   76.450
_cell.angle_gamma   83.220
#
_symmetry.space_group_name_H-M   'P 1'
#
loop_
_entity.id
_entity.type
_entity.pdbx_description
1 polymer Deferrochelatase/peroxidase
2 non-polymer 'PROTOPORPHYRIN IX CONTAINING FE'
3 non-polymer 'OXYGEN MOLECULE'
4 non-polymer (4S)-2-METHYL-2,4-PENTANEDIOL
5 non-polymer GLYCEROL
6 non-polymer 'CHLORIDE ION'
7 non-polymer 'PHOSPHATE ION'
8 non-polymer 'Veratryl alcohol'
9 non-polymer '4-(2-HYDROXYETHYL)-1-PIPERAZINE ETHANESULFONIC ACID'
10 water water
#
_entity_poly.entity_id   1
_entity_poly.type   'polypeptide(L)'
_entity_poly.pdbx_seq_one_letter_code
;MEEQIVPFYGKHQAGITTAHQTYVYFAALDVTAKEKSDIITLFRNWTSLTQMLTSGKKMSAEQRNQYLPPQDTGESADLS
PSNLTVTFGFGPSFFEKDGKDRFGLKSKKPKHLAALPAMPNDNLDEKQGGGDICIQVCADDEQVAFHALRNLLNQAVGTC
EVRFVNKGFLSGGKNGETPRNLFGFKDGTGNQSTEDDSLMNSIVWVQSGEPDWMTGGTYMAFRKIKMFLEIWDRSSLKDQ
EDTFGRRKSSGAPFGQKKETDPVKLNQIPSNSHVSLAKSTGKQILRRAFSYTEGLDPKTGYMDAGLLFISFQKNPDNQFI
PMLKALSAKDALNEYTQTIGSALYACPGGCKKGEYIAQRLLES
;
_entity_poly.pdbx_strand_id   A,B,C,D,E,F
#
loop_
_chem_comp.id
_chem_comp.type
_chem_comp.name
_chem_comp.formula
CL non-polymer 'CHLORIDE ION' 'Cl -1'
EPE non-polymer '4-(2-HYDROXYETHYL)-1-PIPERAZINE ETHANESULFONIC ACID' 'C8 H18 N2 O4 S'
GOL non-polymer GLYCEROL 'C3 H8 O3'
HEM non-polymer 'PROTOPORPHYRIN IX CONTAINING FE' 'C34 H32 Fe N4 O4'
MPD non-polymer (4S)-2-METHYL-2,4-PENTANEDIOL 'C6 H14 O2'
OXY non-polymer 'OXYGEN MOLECULE' O2
PO4 non-polymer 'PHOSPHATE ION' 'O4 P -3'
VOH non-polymer 'Veratryl alcohol' 'C9 H12 O3'
#
# COMPACT_ATOMS: atom_id res chain seq x y z
N MET A 1 1.12 -6.45 10.67
CA MET A 1 1.78 -5.30 10.03
C MET A 1 0.73 -4.22 9.75
N GLU A 2 0.92 -3.42 8.71
CA GLU A 2 -0.09 -2.41 8.31
C GLU A 2 -0.82 -2.97 7.10
N GLU A 3 -0.65 -2.33 5.94
CA GLU A 3 -1.26 -2.87 4.69
C GLU A 3 -0.14 -3.41 3.80
N GLN A 4 -0.52 -4.14 2.75
CA GLN A 4 0.45 -4.75 1.83
C GLN A 4 0.46 -3.96 0.51
N ILE A 5 0.91 -2.71 0.55
CA ILE A 5 0.93 -1.87 -0.62
C ILE A 5 2.39 -1.45 -0.86
N VAL A 6 2.93 -1.77 -2.04
CA VAL A 6 4.27 -1.38 -2.38
C VAL A 6 4.18 -0.23 -3.40
N PRO A 7 4.79 0.97 -3.15
CA PRO A 7 4.72 2.07 -4.12
C PRO A 7 5.12 1.59 -5.50
N PHE A 8 4.46 2.17 -6.52
CA PHE A 8 4.80 1.87 -7.89
C PHE A 8 5.81 2.90 -8.40
N TYR A 9 5.60 4.18 -7.99
CA TYR A 9 6.38 5.34 -8.43
C TYR A 9 7.64 5.39 -7.58
N GLY A 10 8.78 5.70 -8.21
CA GLY A 10 9.96 5.94 -7.40
C GLY A 10 11.22 6.00 -8.25
N LYS A 11 12.35 6.20 -7.59
CA LYS A 11 13.65 6.14 -8.25
C LYS A 11 13.78 4.86 -9.07
N HIS A 12 13.38 3.74 -8.49
CA HIS A 12 13.52 2.44 -9.16
C HIS A 12 12.16 1.84 -9.40
N GLN A 13 12.10 0.86 -10.28
CA GLN A 13 10.87 0.09 -10.43
C GLN A 13 10.81 -0.86 -9.22
N ALA A 14 9.61 -1.04 -8.67
CA ALA A 14 9.39 -2.04 -7.64
C ALA A 14 9.61 -3.43 -8.24
N GLY A 15 9.74 -4.45 -7.38
CA GLY A 15 9.83 -5.83 -7.83
C GLY A 15 11.28 -6.33 -7.93
N ILE A 16 12.27 -5.58 -7.42
CA ILE A 16 13.66 -5.94 -7.64
C ILE A 16 14.33 -6.10 -6.29
N THR A 17 14.40 -5.01 -5.52
CA THR A 17 14.84 -5.04 -4.13
C THR A 17 13.65 -5.22 -3.19
N THR A 18 12.43 -5.09 -3.73
CA THR A 18 11.23 -5.40 -2.93
C THR A 18 11.38 -6.77 -2.30
N ALA A 19 11.09 -6.86 -1.00
CA ALA A 19 11.00 -8.19 -0.35
C ALA A 19 10.28 -9.18 -1.25
N HIS A 20 10.79 -10.43 -1.33
CA HIS A 20 10.39 -11.40 -2.33
C HIS A 20 8.98 -11.92 -2.04
N GLN A 21 7.99 -11.69 -2.92
CA GLN A 21 6.61 -12.11 -2.66
C GLN A 21 6.50 -13.63 -2.87
N THR A 22 5.31 -14.18 -2.57
CA THR A 22 5.11 -15.61 -2.77
C THR A 22 4.87 -16.00 -4.24
N TYR A 23 4.18 -15.21 -5.07
CA TYR A 23 3.79 -15.71 -6.39
C TYR A 23 4.36 -14.84 -7.50
N VAL A 24 4.65 -15.41 -8.68
CA VAL A 24 4.98 -14.63 -9.85
C VAL A 24 4.17 -15.13 -11.06
N TYR A 25 3.79 -14.17 -11.90
CA TYR A 25 3.45 -14.46 -13.27
C TYR A 25 4.51 -13.73 -14.09
N PHE A 26 5.11 -14.46 -15.05
CA PHE A 26 6.20 -13.91 -15.85
C PHE A 26 5.85 -14.04 -17.33
N ALA A 27 5.74 -12.88 -18.01
CA ALA A 27 5.26 -12.87 -19.38
C ALA A 27 6.20 -12.07 -20.28
N ALA A 28 6.40 -12.58 -21.50
CA ALA A 28 7.08 -11.82 -22.53
C ALA A 28 6.13 -11.64 -23.72
N LEU A 29 6.28 -10.48 -24.39
CA LEU A 29 5.44 -10.02 -25.47
C LEU A 29 6.30 -9.55 -26.66
N ASP A 30 5.77 -9.73 -27.88
CA ASP A 30 6.26 -9.05 -29.07
C ASP A 30 5.32 -7.94 -29.53
N VAL A 31 5.91 -6.80 -29.92
CA VAL A 31 5.22 -5.66 -30.51
C VAL A 31 5.01 -5.94 -32.00
N THR A 32 3.74 -5.92 -32.44
CA THR A 32 3.38 -6.10 -33.85
C THR A 32 3.05 -4.76 -34.51
N ALA A 33 2.78 -3.73 -33.68
CA ALA A 33 2.53 -2.37 -34.13
C ALA A 33 3.77 -1.84 -34.84
N LYS A 34 3.62 -0.80 -35.70
CA LYS A 34 4.74 -0.28 -36.48
C LYS A 34 5.16 1.14 -36.06
N GLU A 35 4.25 1.92 -35.46
CA GLU A 35 4.63 3.23 -34.98
C GLU A 35 5.02 3.16 -33.52
N LYS A 36 6.04 3.97 -33.21
CA LYS A 36 6.47 4.25 -31.87
C LYS A 36 5.30 4.85 -31.09
N SER A 37 4.38 5.54 -31.77
CA SER A 37 3.37 6.31 -31.03
C SER A 37 2.31 5.38 -30.41
N ASP A 38 2.12 4.22 -31.03
CA ASP A 38 1.31 3.14 -30.48
C ASP A 38 1.92 2.63 -29.18
N ILE A 39 3.27 2.59 -29.13
CA ILE A 39 4.00 2.05 -28.00
C ILE A 39 3.89 3.00 -26.82
N ILE A 40 4.01 4.30 -27.08
CA ILE A 40 3.84 5.33 -26.06
C ILE A 40 2.45 5.18 -25.46
N THR A 41 1.48 4.82 -26.29
CA THR A 41 0.10 4.70 -25.83
C THR A 41 -0.02 3.52 -24.88
N LEU A 42 0.64 2.40 -25.24
CA LEU A 42 0.65 1.19 -24.45
C LEU A 42 1.32 1.45 -23.09
N PHE A 43 2.45 2.16 -23.10
CA PHE A 43 3.19 2.41 -21.87
C PHE A 43 2.47 3.41 -20.97
N ARG A 44 1.74 4.38 -21.56
CA ARG A 44 0.99 5.34 -20.76
C ARG A 44 -0.10 4.61 -19.99
N ASN A 45 -0.85 3.79 -20.73
CA ASN A 45 -1.95 3.02 -20.18
C ASN A 45 -1.45 1.98 -19.18
N TRP A 46 -0.39 1.18 -19.52
CA TRP A 46 0.21 0.25 -18.56
C TRP A 46 0.55 0.96 -17.26
N THR A 47 1.04 2.21 -17.38
CA THR A 47 1.43 2.99 -16.21
C THR A 47 0.21 3.38 -15.38
N SER A 48 -0.85 3.90 -16.03
CA SER A 48 -2.01 4.29 -15.23
C SER A 48 -2.56 3.10 -14.46
N LEU A 49 -2.64 1.96 -15.15
CA LEU A 49 -3.26 0.73 -14.62
C LEU A 49 -2.38 0.09 -13.55
N THR A 50 -1.04 0.09 -13.73
CA THR A 50 -0.20 -0.48 -12.66
C THR A 50 -0.33 0.31 -11.37
N GLN A 51 -0.25 1.62 -11.49
CA GLN A 51 -0.46 2.52 -10.36
C GLN A 51 -1.77 2.15 -9.66
N MET A 52 -2.83 1.94 -10.43
CA MET A 52 -4.10 1.66 -9.78
C MET A 52 -4.09 0.27 -9.14
N LEU A 53 -3.66 -0.78 -9.85
CA LEU A 53 -3.65 -2.13 -9.29
C LEU A 53 -2.79 -2.23 -8.02
N THR A 54 -1.62 -1.58 -8.00
CA THR A 54 -0.71 -1.82 -6.88
C THR A 54 -1.11 -0.98 -5.67
N SER A 55 -1.87 0.10 -5.90
CA SER A 55 -2.15 1.06 -4.84
C SER A 55 -3.31 0.65 -3.95
N GLY A 56 -4.17 -0.24 -4.43
CA GLY A 56 -5.30 -0.62 -3.61
C GLY A 56 -6.60 0.11 -3.97
N LYS A 57 -6.52 1.14 -4.83
CA LYS A 57 -7.70 1.77 -5.41
C LYS A 57 -8.50 0.70 -6.14
N LYS A 58 -9.78 0.53 -5.76
CA LYS A 58 -10.68 -0.32 -6.53
C LYS A 58 -11.51 0.58 -7.45
N MET A 59 -11.71 0.03 -8.65
CA MET A 59 -12.53 0.69 -9.69
C MET A 59 -13.94 0.56 -9.15
N SER A 60 -14.63 1.70 -8.97
CA SER A 60 -16.01 1.74 -8.44
C SER A 60 -16.86 0.67 -9.14
N ALA A 61 -16.88 0.71 -10.48
CA ALA A 61 -17.59 -0.20 -11.40
C ALA A 61 -19.08 0.12 -11.51
N GLU A 62 -19.50 1.36 -11.21
CA GLU A 62 -20.88 1.66 -11.55
C GLU A 62 -20.94 2.03 -13.03
N GLN A 63 -20.96 0.99 -13.86
CA GLN A 63 -20.86 1.06 -15.31
C GLN A 63 -22.01 1.91 -15.86
N ARG A 64 -21.67 3.04 -16.50
CA ARG A 64 -22.65 3.93 -17.10
C ARG A 64 -23.42 3.26 -18.25
N ASN A 65 -22.90 2.12 -18.77
CA ASN A 65 -23.49 1.53 -19.95
C ASN A 65 -23.32 0.01 -19.90
N GLN A 66 -24.45 -0.66 -19.61
CA GLN A 66 -24.52 -2.10 -19.41
C GLN A 66 -24.04 -2.84 -20.65
N TYR A 67 -24.07 -2.16 -21.82
CA TYR A 67 -23.78 -2.81 -23.12
C TYR A 67 -22.29 -2.83 -23.49
N LEU A 68 -21.44 -2.25 -22.64
CA LEU A 68 -19.98 -2.32 -22.89
C LEU A 68 -19.36 -3.36 -21.96
N PRO A 69 -18.16 -3.91 -22.28
CA PRO A 69 -17.46 -4.79 -21.35
C PRO A 69 -17.11 -4.02 -20.06
N PRO A 70 -17.00 -4.71 -18.89
CA PRO A 70 -16.50 -4.06 -17.68
C PRO A 70 -15.03 -3.74 -17.97
N GLN A 71 -14.59 -2.60 -17.45
CA GLN A 71 -13.22 -2.14 -17.69
C GLN A 71 -12.24 -2.98 -16.87
N ASP A 72 -12.71 -3.59 -15.76
CA ASP A 72 -11.93 -4.50 -14.94
C ASP A 72 -12.56 -5.89 -14.96
N THR A 73 -11.74 -6.97 -14.94
CA THR A 73 -12.24 -8.34 -14.99
C THR A 73 -12.83 -8.80 -13.67
N GLY A 74 -12.52 -8.08 -12.57
CA GLY A 74 -13.30 -8.16 -11.34
C GLY A 74 -12.91 -9.26 -10.35
N GLU A 75 -12.06 -10.22 -10.73
CA GLU A 75 -11.79 -11.31 -9.79
C GLU A 75 -10.93 -10.86 -8.59
N SER A 76 -10.53 -9.60 -8.56
CA SER A 76 -9.73 -9.17 -7.41
C SER A 76 -10.50 -8.22 -6.49
N ALA A 77 -11.76 -7.94 -6.83
CA ALA A 77 -12.62 -6.97 -6.16
C ALA A 77 -12.48 -7.03 -4.65
N ASP A 78 -12.48 -8.23 -4.08
CA ASP A 78 -12.55 -8.29 -2.63
C ASP A 78 -11.18 -8.58 -1.99
N LEU A 79 -10.08 -8.48 -2.77
CA LEU A 79 -8.76 -8.91 -2.32
C LEU A 79 -7.90 -7.69 -1.98
N SER A 80 -6.97 -7.91 -1.03
CA SER A 80 -6.00 -6.93 -0.63
C SER A 80 -4.95 -6.80 -1.72
N PRO A 81 -4.18 -5.69 -1.79
CA PRO A 81 -3.14 -5.58 -2.81
C PRO A 81 -2.03 -6.63 -2.71
N SER A 82 -1.75 -7.17 -1.51
CA SER A 82 -0.85 -8.31 -1.33
C SER A 82 0.57 -8.02 -1.85
N ASN A 83 0.99 -6.74 -1.77
CA ASN A 83 2.37 -6.35 -2.09
C ASN A 83 2.64 -6.53 -3.58
N LEU A 84 1.57 -6.48 -4.39
CA LEU A 84 1.67 -6.49 -5.84
C LEU A 84 2.79 -5.56 -6.31
N THR A 85 3.64 -6.11 -7.19
CA THR A 85 4.56 -5.31 -8.00
C THR A 85 4.54 -5.80 -9.44
N VAL A 86 4.73 -4.82 -10.33
CA VAL A 86 4.82 -5.12 -11.74
C VAL A 86 6.10 -4.44 -12.22
N THR A 87 7.01 -5.21 -12.82
CA THR A 87 8.32 -4.74 -13.28
C THR A 87 8.36 -5.02 -14.77
N PHE A 88 8.76 -4.01 -15.56
CA PHE A 88 8.85 -4.07 -17.02
C PHE A 88 10.31 -4.06 -17.49
N GLY A 89 10.59 -4.82 -18.55
CA GLY A 89 11.89 -4.85 -19.19
C GLY A 89 11.75 -4.92 -20.72
N PHE A 90 12.84 -4.60 -21.43
CA PHE A 90 12.87 -4.63 -22.88
C PHE A 90 14.02 -5.50 -23.33
N GLY A 91 13.72 -6.37 -24.30
CA GLY A 91 14.68 -7.29 -24.84
C GLY A 91 15.45 -6.60 -25.95
N PRO A 92 16.51 -7.24 -26.45
CA PRO A 92 17.30 -6.67 -27.55
C PRO A 92 16.44 -6.42 -28.79
N SER A 93 15.49 -7.33 -29.07
CA SER A 93 14.67 -7.26 -30.27
C SER A 93 13.73 -6.05 -30.28
N PHE A 94 13.54 -5.39 -29.14
CA PHE A 94 12.76 -4.16 -29.10
C PHE A 94 13.55 -3.04 -29.80
N PHE A 95 14.87 -3.11 -29.68
CA PHE A 95 15.70 -2.05 -30.23
C PHE A 95 16.05 -2.32 -31.69
N GLU A 96 16.17 -3.61 -32.06
CA GLU A 96 16.55 -4.02 -33.40
C GLU A 96 16.12 -5.47 -33.64
N LYS A 97 15.11 -5.66 -34.49
CA LYS A 97 14.64 -6.98 -34.88
C LYS A 97 15.05 -7.25 -36.33
N ASP A 98 15.79 -8.36 -36.54
CA ASP A 98 16.08 -8.86 -37.88
C ASP A 98 16.70 -7.74 -38.71
N GLY A 99 17.70 -7.06 -38.14
CA GLY A 99 18.48 -6.04 -38.83
C GLY A 99 17.89 -4.63 -38.80
N LYS A 100 16.56 -4.53 -38.58
CA LYS A 100 15.83 -3.28 -38.65
C LYS A 100 15.67 -2.65 -37.27
N ASP A 101 16.04 -1.36 -37.16
CA ASP A 101 15.68 -0.52 -36.03
C ASP A 101 14.25 -0.03 -36.21
N ARG A 102 13.29 -0.87 -35.85
CA ARG A 102 11.88 -0.66 -36.17
C ARG A 102 11.34 0.67 -35.67
N PHE A 103 11.87 1.22 -34.57
CA PHE A 103 11.11 2.25 -33.85
C PHE A 103 11.99 3.47 -33.60
N GLY A 104 13.18 3.45 -34.21
CA GLY A 104 14.10 4.57 -34.11
C GLY A 104 14.70 4.66 -32.71
N LEU A 105 15.12 3.51 -32.16
CA LEU A 105 15.54 3.52 -30.77
C LEU A 105 16.96 2.97 -30.66
N LYS A 106 17.53 2.50 -31.77
CA LYS A 106 18.85 1.90 -31.73
C LYS A 106 19.89 2.82 -31.07
N SER A 107 19.70 4.14 -31.07
CA SER A 107 20.69 5.01 -30.46
C SER A 107 20.49 5.12 -28.94
N LYS A 108 19.35 4.67 -28.45
CA LYS A 108 19.13 4.71 -27.01
C LYS A 108 19.27 3.31 -26.43
N LYS A 109 19.84 2.39 -27.24
CA LYS A 109 20.05 0.99 -26.88
C LYS A 109 20.98 0.90 -25.67
N PRO A 110 20.71 0.05 -24.66
CA PRO A 110 21.57 -0.06 -23.49
C PRO A 110 22.90 -0.70 -23.85
N LYS A 111 23.91 -0.42 -23.03
CA LYS A 111 25.29 -0.77 -23.30
C LYS A 111 25.45 -2.30 -23.38
N HIS A 112 24.64 -3.10 -22.65
CA HIS A 112 24.95 -4.52 -22.56
C HIS A 112 23.75 -5.40 -22.92
N LEU A 113 22.82 -4.89 -23.73
CA LEU A 113 21.64 -5.67 -24.01
C LEU A 113 21.85 -6.48 -25.29
N ALA A 114 22.11 -7.78 -25.13
CA ALA A 114 22.21 -8.74 -26.21
C ALA A 114 21.69 -10.08 -25.69
N ALA A 115 21.15 -10.93 -26.59
CA ALA A 115 20.78 -12.29 -26.23
C ALA A 115 21.95 -12.96 -25.54
N LEU A 116 21.65 -13.90 -24.63
CA LEU A 116 22.71 -14.57 -23.89
C LEU A 116 23.38 -15.59 -24.81
N PRO A 117 24.71 -15.77 -24.66
CA PRO A 117 25.41 -16.73 -25.51
C PRO A 117 24.89 -18.13 -25.22
N ALA A 118 24.76 -18.94 -26.28
CA ALA A 118 24.60 -20.38 -26.18
C ALA A 118 25.57 -20.92 -25.14
N MET A 119 25.11 -21.89 -24.34
CA MET A 119 25.97 -22.51 -23.35
C MET A 119 25.84 -24.01 -23.50
N PRO A 120 26.84 -24.81 -23.07
CA PRO A 120 26.71 -26.27 -23.14
C PRO A 120 25.56 -26.72 -22.23
N ASN A 121 24.89 -27.82 -22.61
CA ASN A 121 23.80 -28.42 -21.85
C ASN A 121 22.47 -27.67 -22.07
N ASP A 122 22.50 -26.45 -22.62
CA ASP A 122 21.29 -25.76 -22.99
C ASP A 122 20.37 -26.72 -23.75
N ASN A 123 19.06 -26.65 -23.52
CA ASN A 123 18.12 -27.23 -24.48
C ASN A 123 16.98 -26.23 -24.71
N LEU A 124 17.32 -25.08 -25.29
CA LEU A 124 16.42 -23.93 -25.29
C LEU A 124 15.26 -24.14 -26.26
N ASP A 125 14.05 -23.82 -25.82
CA ASP A 125 12.97 -23.61 -26.76
C ASP A 125 12.85 -22.11 -27.03
N GLU A 126 13.11 -21.73 -28.27
CA GLU A 126 13.24 -20.34 -28.67
C GLU A 126 11.97 -19.56 -28.31
N LYS A 127 10.82 -20.22 -28.35
CA LYS A 127 9.57 -19.52 -28.12
C LYS A 127 9.32 -19.37 -26.62
N GLN A 128 10.13 -20.04 -25.78
CA GLN A 128 10.02 -19.97 -24.33
C GLN A 128 11.04 -18.95 -23.79
N GLY A 129 11.51 -18.05 -24.65
CA GLY A 129 12.63 -17.16 -24.37
C GLY A 129 12.46 -15.88 -25.16
N GLY A 130 13.41 -14.95 -25.03
CA GLY A 130 13.42 -13.67 -25.71
C GLY A 130 12.15 -12.86 -25.45
N GLY A 131 11.65 -12.16 -26.48
CA GLY A 131 10.53 -11.24 -26.35
C GLY A 131 10.99 -9.77 -26.40
N ASP A 132 10.11 -8.90 -26.92
CA ASP A 132 10.42 -7.47 -26.92
C ASP A 132 10.24 -6.87 -25.53
N ILE A 133 9.20 -7.31 -24.80
CA ILE A 133 8.85 -6.76 -23.51
C ILE A 133 8.62 -7.91 -22.53
N CYS A 134 9.14 -7.80 -21.30
CA CYS A 134 8.71 -8.74 -20.28
C CYS A 134 7.94 -7.96 -19.24
N ILE A 135 6.92 -8.62 -18.66
CA ILE A 135 6.23 -8.12 -17.48
C ILE A 135 6.40 -9.19 -16.39
N GLN A 136 6.99 -8.77 -15.25
CA GLN A 136 7.13 -9.63 -14.08
C GLN A 136 6.09 -9.19 -13.05
N VAL A 137 5.13 -10.06 -12.74
CA VAL A 137 4.09 -9.64 -11.78
C VAL A 137 4.23 -10.44 -10.48
N CYS A 138 4.36 -9.74 -9.34
CA CYS A 138 4.52 -10.46 -8.08
C CYS A 138 3.49 -10.00 -7.06
N ALA A 139 3.09 -10.94 -6.18
CA ALA A 139 2.16 -10.63 -5.13
C ALA A 139 2.18 -11.81 -4.15
N ASP A 140 1.63 -11.59 -2.95
CA ASP A 140 1.51 -12.66 -1.97
C ASP A 140 0.26 -13.53 -2.20
N ASP A 141 -0.50 -13.28 -3.25
CA ASP A 141 -1.71 -14.08 -3.50
C ASP A 141 -1.77 -14.39 -5.00
N GLU A 142 -1.88 -15.67 -5.41
CA GLU A 142 -1.80 -15.97 -6.85
C GLU A 142 -2.88 -15.25 -7.68
N GLN A 143 -4.11 -15.21 -7.14
CA GLN A 143 -5.23 -14.56 -7.84
C GLN A 143 -5.02 -13.05 -7.99
N VAL A 144 -4.41 -12.35 -7.01
CA VAL A 144 -4.08 -10.94 -7.21
C VAL A 144 -3.11 -10.77 -8.39
N ALA A 145 -2.11 -11.65 -8.45
CA ALA A 145 -1.06 -11.60 -9.45
C ALA A 145 -1.63 -11.83 -10.85
N PHE A 146 -2.41 -12.91 -11.03
CA PHE A 146 -2.99 -13.28 -12.31
C PHE A 146 -3.89 -12.14 -12.80
N HIS A 147 -4.70 -11.58 -11.89
CA HIS A 147 -5.61 -10.51 -12.26
C HIS A 147 -4.83 -9.33 -12.87
N ALA A 148 -3.69 -8.97 -12.26
CA ALA A 148 -2.91 -7.85 -12.74
C ALA A 148 -2.35 -8.16 -14.12
N LEU A 149 -1.74 -9.35 -14.27
CA LEU A 149 -1.24 -9.72 -15.59
C LEU A 149 -2.39 -9.65 -16.60
N ARG A 150 -3.51 -10.31 -16.32
CA ARG A 150 -4.58 -10.44 -17.30
C ARG A 150 -5.04 -9.05 -17.73
N ASN A 151 -5.27 -8.15 -16.77
CA ASN A 151 -5.76 -6.84 -17.10
C ASN A 151 -4.67 -6.07 -17.85
N LEU A 152 -3.39 -6.34 -17.51
CA LEU A 152 -2.36 -5.62 -18.26
C LEU A 152 -2.31 -6.12 -19.69
N LEU A 153 -2.42 -7.45 -19.86
CA LEU A 153 -2.27 -8.01 -21.20
C LEU A 153 -3.47 -7.58 -22.05
N ASN A 154 -4.67 -7.60 -21.45
CA ASN A 154 -5.86 -7.10 -22.15
C ASN A 154 -5.58 -5.75 -22.83
N GLN A 155 -4.81 -4.87 -22.16
CA GLN A 155 -4.58 -3.55 -22.72
C GLN A 155 -3.71 -3.56 -23.98
N ALA A 156 -2.98 -4.66 -24.21
CA ALA A 156 -1.96 -4.79 -25.24
C ALA A 156 -2.53 -5.44 -26.49
N VAL A 157 -3.80 -5.82 -26.44
CA VAL A 157 -4.44 -6.38 -27.62
C VAL A 157 -4.48 -5.29 -28.68
N GLY A 158 -3.93 -5.59 -29.85
CA GLY A 158 -3.84 -4.60 -30.92
C GLY A 158 -2.41 -4.14 -31.22
N THR A 159 -1.51 -4.31 -30.23
CA THR A 159 -0.19 -3.70 -30.24
C THR A 159 0.85 -4.81 -30.13
N CYS A 160 0.50 -5.88 -29.38
CA CYS A 160 1.44 -6.91 -28.99
C CYS A 160 0.77 -8.26 -29.04
N GLU A 161 1.56 -9.28 -29.40
CA GLU A 161 1.20 -10.67 -29.24
C GLU A 161 1.91 -11.18 -27.99
N VAL A 162 1.22 -12.02 -27.21
CA VAL A 162 1.87 -12.61 -26.05
C VAL A 162 2.70 -13.81 -26.49
N ARG A 163 3.97 -13.81 -26.09
CA ARG A 163 4.92 -14.91 -26.44
C ARG A 163 4.72 -16.10 -25.50
N PHE A 164 4.91 -15.88 -24.19
CA PHE A 164 4.76 -16.95 -23.20
C PHE A 164 4.28 -16.35 -21.89
N VAL A 165 3.64 -17.19 -21.05
CA VAL A 165 3.36 -16.80 -19.68
C VAL A 165 3.79 -17.95 -18.78
N ASN A 166 4.69 -17.63 -17.84
CA ASN A 166 5.11 -18.61 -16.85
C ASN A 166 4.56 -18.14 -15.52
N LYS A 167 4.48 -19.04 -14.52
CA LYS A 167 4.18 -18.55 -13.19
C LYS A 167 4.91 -19.42 -12.17
N GLY A 168 5.02 -18.93 -10.93
CA GLY A 168 5.85 -19.62 -9.94
C GLY A 168 5.47 -19.24 -8.52
N PHE A 169 6.05 -19.95 -7.57
CA PHE A 169 5.77 -19.73 -6.16
C PHE A 169 7.07 -19.90 -5.41
N LEU A 170 7.22 -19.22 -4.28
CA LEU A 170 8.32 -19.60 -3.42
C LEU A 170 7.94 -19.17 -2.00
N SER A 171 7.72 -20.12 -1.06
CA SER A 171 7.28 -19.72 0.28
C SER A 171 8.45 -19.53 1.23
N GLY A 172 8.51 -18.34 1.86
CA GLY A 172 9.43 -18.08 2.96
C GLY A 172 8.98 -18.78 4.23
N GLY A 173 9.92 -18.99 5.14
CA GLY A 173 9.63 -19.75 6.36
C GLY A 173 8.73 -18.95 7.30
N LYS A 174 8.04 -19.68 8.19
CA LYS A 174 7.00 -19.02 8.98
C LYS A 174 7.55 -17.85 9.80
N ASN A 175 8.76 -18.02 10.37
CA ASN A 175 9.51 -17.04 11.14
C ASN A 175 10.51 -16.25 10.27
N GLY A 176 10.24 -16.13 8.96
CA GLY A 176 11.10 -15.39 8.05
C GLY A 176 12.43 -16.06 7.67
N GLU A 177 12.50 -17.40 7.76
CA GLU A 177 13.68 -18.12 7.28
C GLU A 177 13.78 -17.97 5.76
N THR A 178 14.98 -18.16 5.23
CA THR A 178 15.24 -18.15 3.80
C THR A 178 14.35 -19.17 3.10
N PRO A 179 13.62 -18.81 2.03
CA PRO A 179 12.70 -19.74 1.37
C PRO A 179 13.47 -20.91 0.76
N ARG A 180 12.86 -22.10 0.73
CA ARG A 180 13.53 -23.24 0.12
C ARG A 180 12.97 -23.49 -1.27
N ASN A 181 13.87 -23.95 -2.18
CA ASN A 181 13.48 -24.29 -3.55
C ASN A 181 12.96 -25.72 -3.54
N LEU A 182 12.71 -26.29 -4.71
CA LEU A 182 12.08 -27.60 -4.73
C LEU A 182 13.09 -28.70 -4.41
N PHE A 183 14.39 -28.35 -4.38
CA PHE A 183 15.37 -29.38 -4.00
C PHE A 183 15.49 -29.43 -2.48
N GLY A 184 14.75 -28.54 -1.83
CA GLY A 184 14.68 -28.52 -0.38
C GLY A 184 15.77 -27.66 0.27
N PHE A 185 16.53 -26.91 -0.55
CA PHE A 185 17.62 -26.09 -0.04
C PHE A 185 17.17 -24.63 0.04
N LYS A 186 17.66 -23.94 1.09
CA LYS A 186 17.53 -22.50 1.23
C LYS A 186 18.08 -21.84 -0.03
N ASP A 187 17.36 -20.88 -0.58
CA ASP A 187 17.66 -20.30 -1.88
C ASP A 187 17.63 -18.78 -1.71
N GLY A 188 18.82 -18.13 -1.65
CA GLY A 188 18.92 -16.67 -1.50
C GLY A 188 20.07 -16.23 -0.58
N THR A 189 20.60 -17.16 0.24
CA THR A 189 21.54 -16.85 1.31
C THR A 189 22.66 -15.95 0.78
N GLY A 190 23.25 -16.34 -0.37
CA GLY A 190 24.40 -15.62 -0.89
C GLY A 190 24.05 -14.22 -1.39
N ASN A 191 22.75 -13.83 -1.56
CA ASN A 191 22.37 -12.49 -1.97
C ASN A 191 22.86 -11.51 -0.90
N GLN A 192 23.35 -10.33 -1.27
CA GLN A 192 23.51 -9.33 -0.24
C GLN A 192 22.13 -8.83 0.17
N SER A 193 22.08 -8.12 1.30
CA SER A 193 20.83 -7.57 1.81
C SER A 193 20.24 -6.52 0.88
N THR A 194 18.97 -6.70 0.53
CA THR A 194 18.21 -5.78 -0.31
C THR A 194 18.02 -4.45 0.44
N GLU A 195 18.23 -4.48 1.75
CA GLU A 195 18.09 -3.24 2.49
C GLU A 195 19.42 -2.47 2.62
N ASP A 196 20.54 -3.01 2.10
CA ASP A 196 21.85 -2.33 2.12
C ASP A 196 21.98 -1.53 0.82
N ASP A 197 21.73 -0.22 0.88
CA ASP A 197 21.68 0.61 -0.32
C ASP A 197 23.03 0.59 -1.05
N SER A 198 24.11 0.68 -0.27
CA SER A 198 25.46 0.66 -0.82
C SER A 198 25.65 -0.55 -1.73
N LEU A 199 25.41 -1.76 -1.20
CA LEU A 199 25.54 -2.99 -1.97
C LEU A 199 24.53 -3.05 -3.14
N MET A 200 23.28 -2.59 -2.94
CA MET A 200 22.34 -2.65 -4.05
C MET A 200 22.82 -1.64 -5.10
N ASN A 201 23.32 -0.47 -4.66
CA ASN A 201 23.88 0.47 -5.65
C ASN A 201 25.01 -0.17 -6.47
N SER A 202 25.87 -0.96 -5.82
CA SER A 202 27.01 -1.45 -6.58
C SER A 202 26.69 -2.72 -7.37
N ILE A 203 25.70 -3.53 -6.92
CA ILE A 203 25.44 -4.78 -7.60
C ILE A 203 24.30 -4.62 -8.61
N VAL A 204 23.28 -3.81 -8.27
CA VAL A 204 22.05 -3.91 -9.07
C VAL A 204 21.85 -2.69 -9.98
N TRP A 205 21.84 -1.49 -9.38
CA TRP A 205 21.32 -0.25 -9.95
C TRP A 205 22.35 0.48 -10.83
N VAL A 206 21.93 0.75 -12.07
CA VAL A 206 22.60 1.58 -13.06
C VAL A 206 22.65 3.03 -12.60
N GLN A 207 23.86 3.59 -12.52
CA GLN A 207 24.02 5.01 -12.23
C GLN A 207 24.73 5.76 -13.36
N SER A 208 25.57 5.09 -14.15
CA SER A 208 26.31 5.77 -15.20
C SER A 208 26.51 4.82 -16.38
N GLY A 209 26.88 5.40 -17.52
CA GLY A 209 27.48 4.64 -18.59
C GLY A 209 26.41 3.94 -19.40
N GLU A 210 25.19 4.46 -19.31
CA GLU A 210 24.09 3.91 -20.07
C GLU A 210 23.22 5.08 -20.51
N PRO A 211 22.30 4.91 -21.50
CA PRO A 211 21.34 5.98 -21.81
C PRO A 211 20.55 6.40 -20.57
N ASP A 212 20.13 7.68 -20.48
CA ASP A 212 19.45 8.27 -19.31
C ASP A 212 18.25 7.45 -18.82
N TRP A 213 17.51 6.86 -19.76
CA TRP A 213 16.31 6.13 -19.36
C TRP A 213 16.67 4.92 -18.49
N MET A 214 17.94 4.49 -18.51
CA MET A 214 18.41 3.32 -17.76
C MET A 214 18.93 3.73 -16.39
N THR A 215 19.09 5.04 -16.16
CA THR A 215 19.47 5.46 -14.82
C THR A 215 18.44 4.97 -13.80
N GLY A 216 18.93 4.23 -12.79
CA GLY A 216 18.07 3.67 -11.75
C GLY A 216 17.43 2.35 -12.19
N GLY A 217 17.72 1.92 -13.43
CA GLY A 217 17.32 0.63 -13.98
C GLY A 217 18.37 -0.45 -13.71
N THR A 218 18.18 -1.60 -14.34
CA THR A 218 19.11 -2.69 -14.10
C THR A 218 18.88 -3.63 -15.25
N TYR A 219 19.63 -4.74 -15.30
CA TYR A 219 19.33 -5.76 -16.29
C TYR A 219 18.75 -6.97 -15.59
N MET A 220 17.78 -7.62 -16.23
CA MET A 220 17.17 -8.82 -15.69
C MET A 220 17.56 -10.00 -16.59
N ALA A 221 18.13 -11.05 -15.99
CA ALA A 221 18.36 -12.26 -16.75
C ALA A 221 17.30 -13.28 -16.38
N PHE A 222 16.83 -14.08 -17.34
CA PHE A 222 15.80 -15.06 -17.06
C PHE A 222 16.25 -16.40 -17.64
N ARG A 223 16.21 -17.44 -16.84
CA ARG A 223 16.56 -18.76 -17.35
C ARG A 223 15.50 -19.71 -16.81
N LYS A 224 14.82 -20.43 -17.71
CA LYS A 224 13.83 -21.37 -17.21
C LYS A 224 14.53 -22.72 -17.06
N ILE A 225 14.59 -23.18 -15.81
CA ILE A 225 15.45 -24.33 -15.56
C ILE A 225 14.63 -25.50 -15.02
N LYS A 226 14.40 -26.52 -15.86
CA LYS A 226 13.67 -27.71 -15.42
C LYS A 226 14.49 -28.38 -14.32
N MET A 227 13.86 -28.84 -13.23
CA MET A 227 14.54 -29.60 -12.21
C MET A 227 13.94 -31.01 -12.17
N PHE A 228 14.82 -32.02 -12.24
CA PHE A 228 14.39 -33.41 -12.33
C PHE A 228 14.15 -34.00 -10.95
N LEU A 229 12.92 -33.82 -10.43
CA LEU A 229 12.66 -34.08 -9.02
C LEU A 229 12.81 -35.56 -8.74
N GLU A 230 12.46 -36.40 -9.72
CA GLU A 230 12.44 -37.83 -9.44
C GLU A 230 13.87 -38.35 -9.31
N ILE A 231 14.79 -37.78 -10.10
CA ILE A 231 16.19 -38.17 -10.04
C ILE A 231 16.78 -37.67 -8.72
N TRP A 232 16.57 -36.39 -8.43
CA TRP A 232 17.07 -35.78 -7.22
C TRP A 232 16.62 -36.54 -5.96
N ASP A 233 15.34 -36.97 -5.95
CA ASP A 233 14.69 -37.49 -4.75
C ASP A 233 15.21 -38.90 -4.46
N ARG A 234 15.76 -39.55 -5.50
CA ARG A 234 16.33 -40.88 -5.44
C ARG A 234 17.82 -40.82 -5.08
N SER A 235 18.36 -39.60 -4.94
CA SER A 235 19.78 -39.39 -4.67
C SER A 235 20.07 -39.41 -3.18
N SER A 236 21.29 -39.82 -2.80
CA SER A 236 21.65 -39.82 -1.39
C SER A 236 21.72 -38.38 -0.87
N LEU A 237 21.50 -38.20 0.45
CA LEU A 237 21.74 -36.92 1.07
C LEU A 237 23.14 -36.41 0.77
N LYS A 238 24.09 -37.35 0.65
CA LYS A 238 25.48 -36.94 0.45
C LYS A 238 25.61 -36.29 -0.93
N ASP A 239 25.00 -36.93 -1.94
CA ASP A 239 25.02 -36.38 -3.29
C ASP A 239 24.34 -35.01 -3.38
N GLN A 240 23.23 -34.80 -2.65
CA GLN A 240 22.47 -33.54 -2.58
C GLN A 240 23.34 -32.42 -1.99
N GLU A 241 23.89 -32.65 -0.77
CA GLU A 241 24.76 -31.68 -0.15
C GLU A 241 26.02 -31.41 -0.99
N ASP A 242 26.64 -32.46 -1.53
CA ASP A 242 27.85 -32.24 -2.30
C ASP A 242 27.57 -31.42 -3.56
N THR A 243 26.36 -31.53 -4.10
CA THR A 243 26.02 -30.85 -5.34
C THR A 243 26.11 -29.33 -5.14
N PHE A 244 25.73 -28.86 -3.95
CA PHE A 244 25.67 -27.45 -3.60
C PHE A 244 26.85 -27.04 -2.72
N GLY A 245 27.20 -27.87 -1.72
CA GLY A 245 28.28 -27.47 -0.83
C GLY A 245 27.76 -26.63 0.34
N ARG A 246 26.45 -26.68 0.55
CA ARG A 246 25.92 -26.37 1.88
C ARG A 246 25.16 -27.59 2.37
N ARG A 247 24.94 -27.61 3.69
CA ARG A 247 24.15 -28.63 4.34
C ARG A 247 22.67 -28.28 4.14
N LYS A 248 21.84 -29.32 3.89
CA LYS A 248 20.50 -29.12 3.36
C LYS A 248 19.69 -28.37 4.39
N SER A 249 19.72 -28.97 5.57
CA SER A 249 18.88 -28.54 6.67
C SER A 249 19.31 -27.18 7.21
N SER A 250 20.55 -27.09 7.71
CA SER A 250 20.99 -25.82 8.28
C SER A 250 21.24 -24.78 7.20
N GLY A 251 21.62 -25.21 5.99
CA GLY A 251 21.93 -24.21 4.97
C GLY A 251 23.38 -23.72 5.08
N ALA A 252 24.11 -24.21 6.09
CA ALA A 252 25.46 -23.72 6.39
C ALA A 252 26.47 -24.27 5.40
N PRO A 253 27.52 -23.48 5.00
CA PRO A 253 28.55 -23.96 4.08
C PRO A 253 29.30 -25.11 4.78
N PHE A 254 29.86 -26.05 4.02
CA PHE A 254 30.43 -27.22 4.69
C PHE A 254 31.46 -26.74 5.70
N GLY A 255 31.54 -27.41 6.86
CA GLY A 255 32.50 -27.08 7.90
C GLY A 255 32.10 -25.90 8.79
N GLN A 256 30.88 -25.38 8.62
CA GLN A 256 30.50 -24.17 9.36
C GLN A 256 29.24 -24.48 10.15
N LYS A 257 28.91 -23.60 11.10
CA LYS A 257 27.79 -23.79 12.01
C LYS A 257 26.49 -23.20 11.44
N LYS A 258 26.58 -22.05 10.75
CA LYS A 258 25.40 -21.25 10.44
C LYS A 258 25.27 -21.00 8.94
N GLU A 259 24.03 -20.80 8.50
CA GLU A 259 23.66 -20.36 7.16
C GLU A 259 24.53 -19.18 6.69
N THR A 260 24.63 -18.16 7.55
CA THR A 260 25.25 -16.89 7.19
C THR A 260 26.75 -16.85 7.50
N ASP A 261 27.39 -17.99 7.82
CA ASP A 261 28.85 -18.08 8.00
C ASP A 261 29.51 -18.07 6.63
N PRO A 262 30.72 -17.47 6.49
CA PRO A 262 31.38 -17.40 5.18
C PRO A 262 31.61 -18.78 4.58
N VAL A 263 31.59 -18.85 3.24
CA VAL A 263 31.92 -20.08 2.57
C VAL A 263 33.44 -20.29 2.67
N LYS A 264 33.85 -21.47 3.16
CA LYS A 264 35.23 -21.95 3.08
C LYS A 264 35.40 -22.79 1.82
N LEU A 265 35.95 -22.16 0.77
CA LEU A 265 36.03 -22.77 -0.54
C LEU A 265 36.76 -24.10 -0.48
N ASN A 266 37.69 -24.24 0.46
CA ASN A 266 38.56 -25.41 0.41
C ASN A 266 37.89 -26.60 1.09
N GLN A 267 36.62 -26.46 1.47
CA GLN A 267 35.92 -27.50 2.20
C GLN A 267 34.72 -28.02 1.40
N ILE A 268 34.62 -27.61 0.14
CA ILE A 268 33.51 -27.94 -0.73
C ILE A 268 34.06 -28.38 -2.08
N PRO A 269 33.42 -29.36 -2.76
CA PRO A 269 33.94 -29.84 -4.04
C PRO A 269 34.09 -28.68 -4.98
N SER A 270 35.10 -28.79 -5.85
CA SER A 270 35.44 -27.72 -6.79
C SER A 270 34.26 -27.35 -7.68
N ASN A 271 33.46 -28.36 -8.07
CA ASN A 271 32.39 -28.22 -9.05
C ASN A 271 31.01 -28.26 -8.39
N SER A 272 30.98 -28.10 -7.07
CA SER A 272 29.76 -27.79 -6.38
C SER A 272 29.26 -26.42 -6.81
N HIS A 273 27.93 -26.32 -6.97
CA HIS A 273 27.25 -25.09 -7.36
C HIS A 273 27.79 -23.86 -6.61
N VAL A 274 27.89 -23.92 -5.29
CA VAL A 274 28.33 -22.74 -4.58
C VAL A 274 29.79 -22.41 -4.92
N SER A 275 30.62 -23.46 -5.10
CA SER A 275 32.04 -23.23 -5.36
C SER A 275 32.18 -22.45 -6.66
N LEU A 276 31.51 -22.93 -7.70
CA LEU A 276 31.63 -22.41 -9.05
C LEU A 276 31.08 -20.99 -9.12
N ALA A 277 29.97 -20.75 -8.40
CA ALA A 277 29.35 -19.44 -8.45
C ALA A 277 30.19 -18.42 -7.67
N LYS A 278 30.67 -18.84 -6.50
CA LYS A 278 31.35 -17.88 -5.65
C LYS A 278 32.71 -17.51 -6.26
N SER A 279 33.24 -18.38 -7.12
CA SER A 279 34.67 -18.38 -7.39
C SER A 279 34.99 -17.41 -8.53
N THR A 280 33.99 -17.06 -9.34
CA THR A 280 34.11 -15.97 -10.29
C THR A 280 34.37 -14.62 -9.58
N GLY A 281 34.09 -14.52 -8.27
CA GLY A 281 34.31 -13.28 -7.57
C GLY A 281 33.17 -12.26 -7.77
N LYS A 282 32.13 -12.61 -8.55
CA LYS A 282 31.12 -11.64 -8.94
C LYS A 282 29.82 -11.80 -8.13
N GLN A 283 28.98 -10.77 -8.14
CA GLN A 283 27.74 -10.76 -7.37
C GLN A 283 26.57 -10.41 -8.29
N ILE A 284 25.41 -11.06 -8.06
CA ILE A 284 24.15 -10.74 -8.71
C ILE A 284 23.04 -10.74 -7.65
N LEU A 285 21.83 -10.27 -8.02
CA LEU A 285 20.71 -10.41 -7.08
C LEU A 285 19.69 -11.38 -7.66
N ARG A 286 19.62 -12.57 -7.07
CA ARG A 286 18.75 -13.65 -7.52
C ARG A 286 17.39 -13.46 -6.84
N ARG A 287 16.31 -13.69 -7.60
CA ARG A 287 14.96 -13.37 -7.18
C ARG A 287 14.05 -14.35 -7.93
N ALA A 288 14.32 -15.65 -7.69
CA ALA A 288 13.79 -16.76 -8.49
C ALA A 288 12.51 -17.32 -7.84
N PHE A 289 11.74 -18.10 -8.63
CA PHE A 289 10.54 -18.79 -8.10
C PHE A 289 10.49 -20.21 -8.63
N SER A 290 9.96 -21.15 -7.85
CA SER A 290 9.72 -22.48 -8.36
C SER A 290 8.50 -22.49 -9.29
N TYR A 291 8.47 -23.47 -10.19
CA TYR A 291 7.25 -23.72 -10.94
C TYR A 291 6.94 -25.23 -10.98
N THR A 292 5.66 -25.53 -11.23
CA THR A 292 5.16 -26.84 -11.63
C THR A 292 4.13 -26.63 -12.74
N GLU A 293 4.25 -27.42 -13.82
CA GLU A 293 3.30 -27.38 -14.92
C GLU A 293 2.73 -28.77 -15.21
N GLY A 294 2.23 -29.45 -14.18
CA GLY A 294 1.64 -30.77 -14.37
C GLY A 294 2.69 -31.81 -14.70
N LEU A 295 2.22 -32.92 -15.29
CA LEU A 295 3.03 -34.01 -15.80
C LEU A 295 3.71 -33.60 -17.09
N ASP A 296 4.98 -34.02 -17.24
CA ASP A 296 5.76 -33.91 -18.46
C ASP A 296 5.38 -35.10 -19.33
N PRO A 297 4.80 -34.85 -20.53
CA PRO A 297 4.36 -35.93 -21.42
C PRO A 297 5.51 -36.82 -21.90
N LYS A 298 6.72 -36.26 -21.92
CA LYS A 298 7.89 -36.95 -22.42
C LYS A 298 8.62 -37.68 -21.29
N THR A 299 7.99 -37.82 -20.12
CA THR A 299 8.70 -38.25 -18.91
C THR A 299 7.79 -39.05 -18.00
N GLY A 300 6.51 -38.64 -17.94
CA GLY A 300 5.49 -39.19 -17.04
C GLY A 300 5.70 -38.83 -15.57
N TYR A 301 6.64 -37.92 -15.32
CA TYR A 301 6.84 -37.35 -14.00
C TYR A 301 6.48 -35.88 -14.09
N MET A 302 6.31 -35.25 -12.91
CA MET A 302 6.09 -33.83 -12.71
C MET A 302 7.03 -33.03 -13.61
N ASP A 303 6.49 -31.97 -14.18
CA ASP A 303 7.27 -30.97 -14.88
C ASP A 303 7.44 -29.82 -13.91
N ALA A 304 8.65 -29.59 -13.45
CA ALA A 304 8.83 -28.69 -12.34
C ALA A 304 10.22 -28.11 -12.44
N GLY A 305 10.43 -26.89 -11.92
CA GLY A 305 11.77 -26.33 -12.03
C GLY A 305 11.87 -24.97 -11.37
N LEU A 306 12.86 -24.20 -11.84
CA LEU A 306 13.08 -22.89 -11.26
C LEU A 306 12.89 -21.86 -12.37
N LEU A 307 12.10 -20.80 -12.07
CA LEU A 307 12.09 -19.60 -12.89
C LEU A 307 13.21 -18.71 -12.35
N PHE A 308 14.41 -18.85 -12.92
CA PHE A 308 15.60 -18.15 -12.45
C PHE A 308 15.51 -16.74 -13.00
N ILE A 309 15.41 -15.76 -12.10
CA ILE A 309 15.45 -14.35 -12.41
C ILE A 309 16.56 -13.75 -11.56
N SER A 310 17.49 -12.95 -12.16
CA SER A 310 18.49 -12.21 -11.42
C SER A 310 18.60 -10.79 -11.97
N PHE A 311 19.00 -9.87 -11.10
CA PHE A 311 19.19 -8.48 -11.43
C PHE A 311 20.66 -8.09 -11.19
N GLN A 312 21.21 -7.28 -12.11
CA GLN A 312 22.62 -6.89 -12.07
C GLN A 312 22.84 -5.71 -13.02
N LYS A 313 23.71 -4.78 -12.61
CA LYS A 313 23.90 -3.51 -13.30
C LYS A 313 24.68 -3.75 -14.58
N ASN A 314 25.52 -4.78 -14.61
CA ASN A 314 26.23 -5.05 -15.85
C ASN A 314 26.38 -6.55 -16.05
N PRO A 315 25.51 -7.19 -16.87
CA PRO A 315 25.53 -8.62 -17.04
C PRO A 315 26.77 -9.21 -17.72
N ASP A 316 27.44 -8.39 -18.56
CA ASP A 316 28.70 -8.82 -19.16
C ASP A 316 29.72 -9.01 -18.04
N ASN A 317 29.69 -8.14 -17.04
CA ASN A 317 30.66 -8.24 -15.97
C ASN A 317 30.25 -9.28 -14.90
N GLN A 318 28.96 -9.31 -14.57
CA GLN A 318 28.53 -9.89 -13.30
C GLN A 318 27.92 -11.28 -13.52
N PHE A 319 27.19 -11.43 -14.64
CA PHE A 319 26.32 -12.58 -14.85
C PHE A 319 26.89 -13.62 -15.82
N ILE A 320 27.25 -13.20 -17.03
CA ILE A 320 27.66 -14.13 -18.09
C ILE A 320 28.85 -14.98 -17.63
N PRO A 321 29.88 -14.40 -16.98
CA PRO A 321 30.98 -15.23 -16.45
C PRO A 321 30.46 -16.34 -15.54
N MET A 322 29.50 -16.03 -14.66
CA MET A 322 28.92 -17.05 -13.79
C MET A 322 28.28 -18.15 -14.63
N LEU A 323 27.46 -17.74 -15.60
CA LEU A 323 26.79 -18.66 -16.50
C LEU A 323 27.82 -19.56 -17.17
N LYS A 324 28.88 -18.94 -17.68
CA LYS A 324 29.93 -19.69 -18.34
C LYS A 324 30.52 -20.72 -17.37
N ALA A 325 30.80 -20.32 -16.12
CA ALA A 325 31.52 -21.24 -15.26
C ALA A 325 30.64 -22.38 -14.73
N LEU A 326 29.36 -22.13 -14.55
CA LEU A 326 28.45 -23.17 -14.10
C LEU A 326 28.08 -24.10 -15.26
N SER A 327 27.93 -23.55 -16.47
CA SER A 327 27.33 -24.33 -17.54
C SER A 327 28.21 -25.52 -17.90
N ALA A 328 29.53 -25.32 -17.77
CA ALA A 328 30.51 -26.34 -18.10
C ALA A 328 30.47 -27.48 -17.08
N LYS A 329 30.62 -27.12 -15.79
CA LYS A 329 31.18 -28.02 -14.80
C LYS A 329 30.29 -28.22 -13.57
N ASP A 330 29.13 -27.53 -13.48
CA ASP A 330 28.31 -27.54 -12.26
C ASP A 330 27.79 -28.95 -11.96
N ALA A 331 27.98 -29.42 -10.72
CA ALA A 331 27.43 -30.70 -10.32
C ALA A 331 25.91 -30.69 -10.59
N LEU A 332 25.27 -29.51 -10.44
CA LEU A 332 23.82 -29.31 -10.52
C LEU A 332 23.30 -29.73 -11.91
N ASN A 333 24.17 -29.72 -12.92
CA ASN A 333 23.78 -30.12 -14.26
C ASN A 333 23.25 -31.54 -14.30
N GLU A 334 23.67 -32.38 -13.36
CA GLU A 334 23.12 -33.72 -13.26
C GLU A 334 21.59 -33.71 -13.10
N TYR A 335 21.03 -32.63 -12.53
CA TYR A 335 19.64 -32.69 -12.07
C TYR A 335 18.77 -31.64 -12.75
N THR A 336 19.34 -30.87 -13.70
CA THR A 336 18.65 -29.71 -14.25
C THR A 336 18.95 -29.58 -15.75
N GLN A 337 18.08 -28.87 -16.48
CA GLN A 337 18.31 -28.49 -17.86
C GLN A 337 17.62 -27.17 -18.17
N THR A 338 18.37 -26.25 -18.78
CA THR A 338 17.84 -24.95 -19.10
C THR A 338 17.04 -25.02 -20.39
N ILE A 339 15.77 -24.55 -20.34
CA ILE A 339 14.84 -24.72 -21.48
C ILE A 339 14.31 -23.37 -21.98
N GLY A 340 14.61 -22.27 -21.28
CA GLY A 340 14.24 -20.93 -21.72
C GLY A 340 15.28 -19.91 -21.29
N SER A 341 15.40 -18.82 -22.04
CA SER A 341 16.45 -17.84 -21.82
C SER A 341 16.09 -16.46 -22.38
N ALA A 342 16.46 -15.42 -21.64
CA ALA A 342 16.23 -14.05 -22.08
C ALA A 342 17.08 -13.13 -21.21
N LEU A 343 17.47 -12.00 -21.76
CA LEU A 343 18.00 -10.90 -20.99
C LEU A 343 17.17 -9.66 -21.31
N TYR A 344 16.81 -8.87 -20.30
CA TYR A 344 16.01 -7.66 -20.54
C TYR A 344 16.63 -6.48 -19.83
N ALA A 345 16.42 -5.29 -20.40
CA ALA A 345 16.89 -4.09 -19.72
C ALA A 345 15.64 -3.52 -19.09
N CYS A 346 15.69 -3.24 -17.78
CA CYS A 346 14.58 -2.69 -17.02
C CYS A 346 14.83 -1.21 -16.80
N PRO A 347 13.93 -0.34 -17.30
CA PRO A 347 14.03 1.11 -17.09
C PRO A 347 14.14 1.47 -15.63
N GLY A 348 14.66 2.67 -15.41
CA GLY A 348 14.68 3.31 -14.10
C GLY A 348 13.22 3.50 -13.69
N GLY A 349 13.02 3.99 -12.46
CA GLY A 349 11.67 4.10 -11.92
C GLY A 349 10.83 5.16 -12.64
N CYS A 350 9.52 5.13 -12.43
CA CYS A 350 8.62 6.12 -12.99
C CYS A 350 8.36 7.20 -11.95
N LYS A 351 8.44 8.48 -12.33
CA LYS A 351 8.04 9.54 -11.40
C LYS A 351 6.54 9.78 -11.57
N LYS A 352 5.87 10.31 -10.53
CA LYS A 352 4.45 10.63 -10.67
C LYS A 352 4.29 11.68 -11.76
N GLY A 353 3.47 11.39 -12.77
CA GLY A 353 3.22 12.32 -13.86
C GLY A 353 3.93 11.94 -15.15
N GLU A 354 4.87 10.99 -15.07
CA GLU A 354 5.50 10.41 -16.24
C GLU A 354 5.00 8.98 -16.39
N TYR A 355 5.39 8.33 -17.49
CA TYR A 355 5.09 6.94 -17.78
C TYR A 355 6.40 6.16 -17.95
N ILE A 356 6.31 4.83 -17.76
CA ILE A 356 7.40 3.85 -17.90
C ILE A 356 8.10 4.03 -19.25
N ALA A 357 9.44 4.15 -19.20
CA ALA A 357 10.27 4.18 -20.40
C ALA A 357 10.05 5.47 -21.23
N GLN A 358 9.55 6.55 -20.60
CA GLN A 358 9.23 7.79 -21.30
C GLN A 358 10.49 8.41 -21.89
N ARG A 359 11.51 8.55 -21.06
CA ARG A 359 12.77 9.14 -21.48
C ARG A 359 13.44 8.31 -22.58
N LEU A 360 12.90 7.12 -22.88
CA LEU A 360 13.29 6.32 -24.03
C LEU A 360 12.37 6.63 -25.22
N LEU A 361 11.07 6.78 -24.97
CA LEU A 361 10.19 6.65 -26.12
C LEU A 361 9.98 8.00 -26.78
N GLU A 362 10.31 9.08 -26.05
CA GLU A 362 10.01 10.45 -26.42
C GLU A 362 11.27 11.17 -26.89
N SER A 363 11.05 12.31 -27.57
CA SER A 363 12.06 13.29 -27.94
C SER A 363 13.33 12.63 -28.52
N GLU B 3 -29.06 11.59 -44.04
CA GLU B 3 -29.16 10.95 -42.69
C GLU B 3 -29.99 11.83 -41.75
N GLN B 4 -30.94 11.18 -41.06
CA GLN B 4 -32.07 11.83 -40.42
C GLN B 4 -31.96 11.60 -38.91
N ILE B 5 -31.18 12.46 -38.24
CA ILE B 5 -30.85 12.27 -36.84
C ILE B 5 -31.28 13.50 -36.08
N VAL B 6 -31.84 13.27 -34.88
CA VAL B 6 -32.18 14.30 -33.93
C VAL B 6 -31.42 14.01 -32.66
N PRO B 7 -30.62 14.98 -32.16
CA PRO B 7 -29.86 14.78 -30.94
C PRO B 7 -30.79 14.42 -29.78
N PHE B 8 -30.33 13.44 -29.00
CA PHE B 8 -30.97 12.99 -27.77
C PHE B 8 -30.57 13.90 -26.61
N TYR B 9 -29.25 14.12 -26.47
CA TYR B 9 -28.78 14.94 -25.37
C TYR B 9 -29.04 16.40 -25.71
N GLY B 10 -29.37 17.21 -24.69
CA GLY B 10 -29.45 18.64 -24.95
C GLY B 10 -30.05 19.32 -23.72
N LYS B 11 -30.21 20.65 -23.80
CA LYS B 11 -30.85 21.43 -22.74
C LYS B 11 -32.29 20.96 -22.53
N HIS B 12 -32.94 20.54 -23.62
CA HIS B 12 -34.34 20.12 -23.57
C HIS B 12 -34.43 18.66 -24.03
N GLN B 13 -35.50 17.94 -23.64
CA GLN B 13 -35.73 16.68 -24.34
C GLN B 13 -36.16 17.02 -25.76
N ALA B 14 -35.78 16.15 -26.72
CA ALA B 14 -36.24 16.21 -28.10
C ALA B 14 -37.70 15.77 -28.17
N GLY B 15 -38.37 15.96 -29.34
CA GLY B 15 -39.74 15.52 -29.51
C GLY B 15 -40.78 16.50 -28.96
N ILE B 16 -40.34 17.72 -28.63
CA ILE B 16 -41.23 18.76 -28.15
C ILE B 16 -41.30 19.90 -29.17
N THR B 17 -40.16 20.58 -29.43
CA THR B 17 -39.99 21.60 -30.46
C THR B 17 -39.45 21.01 -31.76
N THR B 18 -39.00 19.73 -31.69
CA THR B 18 -38.57 19.00 -32.87
C THR B 18 -39.67 19.10 -33.91
N ALA B 19 -39.29 19.23 -35.18
CA ALA B 19 -40.26 19.11 -36.27
C ALA B 19 -41.12 17.82 -36.14
N HIS B 20 -42.40 17.98 -36.42
CA HIS B 20 -43.40 16.94 -36.16
C HIS B 20 -43.18 15.76 -37.10
N GLN B 21 -42.77 14.60 -36.58
CA GLN B 21 -42.60 13.41 -37.44
C GLN B 21 -43.98 12.85 -37.86
N THR B 22 -43.99 11.88 -38.78
CA THR B 22 -45.21 11.33 -39.35
C THR B 22 -45.89 10.38 -38.36
N TYR B 23 -45.11 9.55 -37.61
CA TYR B 23 -45.59 8.46 -36.74
C TYR B 23 -45.31 8.74 -35.27
N VAL B 24 -46.27 8.36 -34.41
CA VAL B 24 -46.03 8.26 -32.98
C VAL B 24 -46.37 6.85 -32.43
N TYR B 25 -45.60 6.35 -31.45
CA TYR B 25 -46.08 5.39 -30.45
C TYR B 25 -46.01 6.04 -29.07
N PHE B 26 -47.11 5.94 -28.33
CA PHE B 26 -47.33 6.66 -27.11
C PHE B 26 -47.78 5.66 -26.05
N ALA B 27 -46.94 5.46 -25.00
CA ALA B 27 -47.18 4.42 -24.00
C ALA B 27 -47.15 5.01 -22.59
N ALA B 28 -47.93 4.40 -21.69
CA ALA B 28 -47.86 4.76 -20.28
C ALA B 28 -47.57 3.49 -19.49
N LEU B 29 -46.81 3.66 -18.39
CA LEU B 29 -46.36 2.57 -17.54
C LEU B 29 -46.62 2.93 -16.08
N ASP B 30 -46.90 1.91 -15.26
CA ASP B 30 -46.93 2.03 -13.82
C ASP B 30 -45.76 1.26 -13.21
N VAL B 31 -45.04 1.95 -12.33
CA VAL B 31 -43.91 1.36 -11.62
C VAL B 31 -44.46 0.41 -10.55
N THR B 32 -44.09 -0.88 -10.64
CA THR B 32 -44.49 -1.86 -9.63
C THR B 32 -43.33 -2.17 -8.67
N ALA B 33 -42.18 -1.57 -8.91
CA ALA B 33 -41.06 -1.82 -8.03
C ALA B 33 -41.21 -0.97 -6.78
N LYS B 34 -40.64 -1.52 -5.68
CA LYS B 34 -40.72 -0.97 -4.34
C LYS B 34 -39.66 0.11 -4.13
N GLU B 35 -38.49 -0.04 -4.75
CA GLU B 35 -37.32 0.75 -4.35
C GLU B 35 -36.93 1.75 -5.43
N LYS B 36 -36.57 2.96 -4.99
CA LYS B 36 -36.03 4.03 -5.83
C LYS B 36 -34.83 3.57 -6.65
N SER B 37 -34.04 2.64 -6.11
CA SER B 37 -32.80 2.29 -6.78
C SER B 37 -33.13 1.46 -8.02
N ASP B 38 -34.28 0.76 -7.99
CA ASP B 38 -34.81 0.05 -9.13
C ASP B 38 -35.16 1.01 -10.27
N ILE B 39 -35.71 2.20 -9.92
CA ILE B 39 -36.08 3.21 -10.90
C ILE B 39 -34.83 3.87 -11.44
N ILE B 40 -33.80 4.01 -10.59
CA ILE B 40 -32.55 4.63 -11.04
C ILE B 40 -31.94 3.78 -12.15
N THR B 41 -31.87 2.46 -11.96
CA THR B 41 -31.38 1.53 -12.98
C THR B 41 -32.18 1.66 -14.28
N LEU B 42 -33.52 1.60 -14.17
CA LEU B 42 -34.40 1.76 -15.32
C LEU B 42 -34.05 3.03 -16.09
N PHE B 43 -33.99 4.18 -15.40
CA PHE B 43 -33.69 5.43 -16.11
C PHE B 43 -32.29 5.42 -16.73
N ARG B 44 -31.33 4.79 -16.04
CA ARG B 44 -29.96 4.74 -16.59
C ARG B 44 -29.97 3.92 -17.88
N ASN B 45 -30.70 2.79 -17.86
CA ASN B 45 -30.64 1.88 -18.99
C ASN B 45 -31.36 2.47 -20.20
N TRP B 46 -32.45 3.21 -19.95
CA TRP B 46 -33.25 3.78 -21.03
C TRP B 46 -32.44 4.91 -21.66
N THR B 47 -31.63 5.61 -20.87
CA THR B 47 -30.81 6.69 -21.41
C THR B 47 -29.82 6.11 -22.42
N SER B 48 -29.15 5.02 -22.04
CA SER B 48 -28.12 4.56 -22.96
C SER B 48 -28.78 3.91 -24.15
N LEU B 49 -29.88 3.17 -23.91
CA LEU B 49 -30.55 2.62 -25.07
C LEU B 49 -31.04 3.73 -26.00
N THR B 50 -31.61 4.81 -25.44
CA THR B 50 -32.22 5.80 -26.33
C THR B 50 -31.13 6.50 -27.13
N GLN B 51 -30.03 6.83 -26.43
CA GLN B 51 -28.92 7.49 -27.13
C GLN B 51 -28.55 6.60 -28.30
N MET B 52 -28.51 5.27 -28.07
CA MET B 52 -28.16 4.37 -29.16
C MET B 52 -29.19 4.37 -30.29
N LEU B 53 -30.50 4.29 -29.95
CA LEU B 53 -31.54 4.17 -30.97
C LEU B 53 -31.63 5.48 -31.77
N THR B 54 -31.62 6.63 -31.09
CA THR B 54 -31.85 7.89 -31.79
C THR B 54 -30.66 8.29 -32.65
N SER B 55 -29.45 7.79 -32.30
CA SER B 55 -28.24 8.30 -32.95
C SER B 55 -27.88 7.45 -34.16
N GLY B 56 -28.33 6.19 -34.20
CA GLY B 56 -27.97 5.31 -35.30
C GLY B 56 -26.61 4.63 -35.10
N LYS B 57 -26.07 4.69 -33.87
CA LYS B 57 -24.71 4.25 -33.58
C LYS B 57 -24.69 2.80 -33.06
N LYS B 58 -23.51 2.38 -32.56
CA LYS B 58 -23.31 1.16 -31.79
C LYS B 58 -23.02 1.49 -30.33
N MET B 59 -21.74 1.52 -29.94
CA MET B 59 -21.29 1.58 -28.55
C MET B 59 -21.76 0.35 -27.77
N SER B 60 -21.47 -0.85 -28.30
CA SER B 60 -21.72 -2.13 -27.65
C SER B 60 -20.64 -3.14 -28.03
N ALA B 61 -20.39 -4.12 -27.14
CA ALA B 61 -19.42 -5.17 -27.43
C ALA B 61 -19.81 -5.95 -28.69
N GLU B 62 -18.82 -6.34 -29.49
CA GLU B 62 -19.14 -7.06 -30.74
C GLU B 62 -19.33 -8.55 -30.43
N GLN B 63 -18.86 -9.00 -29.28
CA GLN B 63 -19.00 -10.41 -28.84
C GLN B 63 -20.48 -10.66 -28.54
N ARG B 64 -21.05 -11.71 -29.10
CA ARG B 64 -22.49 -12.02 -28.91
C ARG B 64 -22.65 -13.41 -28.30
N ASN B 65 -23.67 -13.61 -27.45
CA ASN B 65 -23.89 -14.96 -26.94
C ASN B 65 -25.11 -15.55 -27.67
N GLN B 66 -24.85 -16.42 -28.67
CA GLN B 66 -25.83 -17.26 -29.36
C GLN B 66 -26.85 -17.87 -28.40
N TYR B 67 -26.45 -18.21 -27.17
CA TYR B 67 -27.31 -18.89 -26.21
C TYR B 67 -28.18 -17.91 -25.41
N LEU B 68 -28.10 -16.62 -25.77
CA LEU B 68 -28.85 -15.60 -25.08
C LEU B 68 -29.81 -14.97 -26.08
N PRO B 69 -30.95 -14.39 -25.63
CA PRO B 69 -31.83 -13.58 -26.48
C PRO B 69 -31.01 -12.47 -27.11
N PRO B 70 -31.26 -12.13 -28.38
CA PRO B 70 -30.57 -10.98 -28.97
C PRO B 70 -30.81 -9.74 -28.09
N GLN B 71 -29.79 -8.89 -27.99
CA GLN B 71 -29.88 -7.67 -27.21
C GLN B 71 -30.83 -6.68 -27.89
N ASP B 72 -30.92 -6.79 -29.20
CA ASP B 72 -31.79 -5.96 -30.04
C ASP B 72 -32.77 -6.87 -30.77
N THR B 73 -34.02 -6.39 -30.95
CA THR B 73 -35.04 -7.22 -31.57
C THR B 73 -34.84 -7.37 -33.07
N GLY B 74 -34.00 -6.47 -33.64
CA GLY B 74 -33.49 -6.70 -34.98
C GLY B 74 -34.29 -6.08 -36.12
N GLU B 75 -35.53 -5.58 -35.88
CA GLU B 75 -36.28 -5.25 -37.10
C GLU B 75 -35.99 -3.85 -37.68
N SER B 76 -35.18 -3.04 -36.97
CA SER B 76 -34.74 -1.73 -37.48
C SER B 76 -33.33 -1.80 -38.05
N ALA B 77 -32.74 -3.00 -38.15
CA ALA B 77 -31.35 -3.18 -38.58
C ALA B 77 -31.00 -2.46 -39.88
N ASP B 78 -31.91 -2.35 -40.85
CA ASP B 78 -31.51 -1.80 -42.14
C ASP B 78 -32.15 -0.44 -42.38
N LEU B 79 -32.69 0.15 -41.32
CA LEU B 79 -33.48 1.37 -41.43
C LEU B 79 -32.69 2.53 -40.85
N SER B 80 -32.90 3.70 -41.48
CA SER B 80 -32.38 4.96 -40.94
C SER B 80 -33.07 5.29 -39.62
N PRO B 81 -32.46 6.16 -38.77
CA PRO B 81 -33.07 6.57 -37.51
C PRO B 81 -34.33 7.37 -37.72
N SER B 82 -34.46 7.96 -38.90
CA SER B 82 -35.72 8.48 -39.39
C SER B 82 -36.26 9.54 -38.43
N ASN B 83 -35.37 10.36 -37.87
CA ASN B 83 -35.74 11.44 -36.97
C ASN B 83 -36.32 10.91 -35.66
N LEU B 84 -35.95 9.68 -35.28
CA LEU B 84 -36.47 9.10 -34.06
C LEU B 84 -36.22 10.07 -32.91
N THR B 85 -37.27 10.39 -32.12
CA THR B 85 -37.11 11.03 -30.81
C THR B 85 -37.84 10.19 -29.74
N VAL B 86 -37.36 10.23 -28.50
CA VAL B 86 -38.06 9.54 -27.42
C VAL B 86 -38.18 10.53 -26.27
N THR B 87 -39.40 10.89 -25.83
CA THR B 87 -39.64 11.85 -24.76
C THR B 87 -40.30 11.18 -23.55
N PHE B 88 -39.79 11.49 -22.35
CA PHE B 88 -40.16 10.92 -21.06
C PHE B 88 -40.96 11.96 -20.24
N GLY B 89 -41.97 11.49 -19.51
CA GLY B 89 -42.83 12.32 -18.67
C GLY B 89 -43.29 11.49 -17.47
N PHE B 90 -43.61 12.17 -16.37
CA PHE B 90 -44.00 11.49 -15.16
C PHE B 90 -45.37 12.00 -14.75
N GLY B 91 -46.27 11.08 -14.38
CA GLY B 91 -47.57 11.47 -13.89
C GLY B 91 -47.58 11.76 -12.38
N PRO B 92 -48.70 12.30 -11.87
CA PRO B 92 -48.86 12.58 -10.45
C PRO B 92 -48.57 11.34 -9.59
N SER B 93 -48.92 10.16 -10.12
CA SER B 93 -48.81 8.97 -9.31
C SER B 93 -47.36 8.49 -9.18
N PHE B 94 -46.42 9.09 -9.91
CA PHE B 94 -45.00 8.80 -9.65
C PHE B 94 -44.62 9.31 -8.25
N PHE B 95 -45.17 10.48 -7.90
CA PHE B 95 -44.83 11.23 -6.70
C PHE B 95 -45.68 10.81 -5.49
N GLU B 96 -46.95 10.41 -5.70
CA GLU B 96 -47.85 10.04 -4.62
C GLU B 96 -48.95 9.11 -5.15
N LYS B 97 -48.89 7.84 -4.78
CA LYS B 97 -49.89 6.86 -5.19
C LYS B 97 -50.67 6.39 -3.96
N ASP B 98 -51.94 6.80 -3.86
CA ASP B 98 -52.87 6.37 -2.83
C ASP B 98 -52.44 6.98 -1.48
N GLY B 99 -52.16 8.29 -1.50
CA GLY B 99 -51.80 9.04 -0.31
C GLY B 99 -50.39 8.76 0.22
N LYS B 100 -49.60 7.96 -0.50
CA LYS B 100 -48.30 7.57 0.00
C LYS B 100 -47.18 7.85 -1.01
N ASP B 101 -46.14 8.54 -0.52
CA ASP B 101 -44.95 8.86 -1.28
C ASP B 101 -44.06 7.62 -1.34
N ARG B 102 -44.13 6.86 -2.44
CA ARG B 102 -43.49 5.56 -2.58
C ARG B 102 -41.98 5.66 -2.67
N PHE B 103 -41.47 6.75 -3.26
CA PHE B 103 -40.06 6.78 -3.65
C PHE B 103 -39.34 7.94 -2.95
N GLY B 104 -40.09 8.68 -2.15
CA GLY B 104 -39.57 9.79 -1.37
C GLY B 104 -39.33 11.04 -2.23
N LEU B 105 -40.32 11.44 -3.03
CA LEU B 105 -40.10 12.42 -4.09
C LEU B 105 -41.01 13.63 -3.91
N LYS B 106 -41.87 13.59 -2.88
CA LYS B 106 -42.83 14.67 -2.66
C LYS B 106 -42.17 16.05 -2.58
N SER B 107 -40.96 16.16 -2.03
CA SER B 107 -40.26 17.44 -1.92
C SER B 107 -39.95 18.00 -3.30
N LYS B 108 -39.80 17.10 -4.29
CA LYS B 108 -39.40 17.45 -5.64
C LYS B 108 -40.56 17.40 -6.64
N LYS B 109 -41.81 17.45 -6.17
CA LYS B 109 -42.93 17.30 -7.09
C LYS B 109 -43.15 18.63 -7.81
N PRO B 110 -43.39 18.62 -9.14
CA PRO B 110 -43.60 19.87 -9.87
C PRO B 110 -44.85 20.59 -9.35
N LYS B 111 -44.89 21.89 -9.62
CA LYS B 111 -45.82 22.77 -8.97
C LYS B 111 -47.24 22.57 -9.55
N HIS B 112 -47.37 22.02 -10.78
CA HIS B 112 -48.67 22.00 -11.44
C HIS B 112 -49.10 20.60 -11.86
N LEU B 113 -48.43 19.56 -11.35
CA LEU B 113 -48.75 18.20 -11.73
C LEU B 113 -49.88 17.63 -10.86
N ALA B 114 -51.09 17.52 -11.45
CA ALA B 114 -52.20 16.73 -10.92
C ALA B 114 -53.07 16.24 -12.07
N ALA B 115 -53.82 15.15 -11.83
CA ALA B 115 -54.86 14.71 -12.74
C ALA B 115 -55.69 15.90 -13.25
N LEU B 116 -55.98 15.93 -14.55
CA LEU B 116 -56.89 16.94 -15.05
C LEU B 116 -58.25 16.81 -14.36
N PRO B 117 -58.94 17.93 -14.09
CA PRO B 117 -60.31 17.87 -13.56
C PRO B 117 -61.28 17.26 -14.56
N ALA B 118 -62.32 16.58 -14.04
CA ALA B 118 -63.43 16.10 -14.84
C ALA B 118 -64.04 17.25 -15.65
N MET B 119 -64.40 16.97 -16.90
CA MET B 119 -64.94 17.97 -17.80
C MET B 119 -66.26 17.47 -18.38
N PRO B 120 -67.19 18.41 -18.65
CA PRO B 120 -68.49 18.07 -19.25
C PRO B 120 -68.17 17.30 -20.52
N ASN B 121 -68.90 16.20 -20.72
CA ASN B 121 -68.86 15.47 -21.97
C ASN B 121 -67.73 14.44 -21.95
N ASP B 122 -66.88 14.45 -20.90
CA ASP B 122 -65.88 13.39 -20.75
C ASP B 122 -66.54 12.00 -20.80
N ASN B 123 -65.84 11.04 -21.39
CA ASN B 123 -66.22 9.66 -21.21
C ASN B 123 -64.96 8.82 -20.99
N LEU B 124 -64.27 9.09 -19.89
CA LEU B 124 -62.91 8.59 -19.66
C LEU B 124 -62.89 7.12 -19.28
N ASP B 125 -62.10 6.31 -20.02
CA ASP B 125 -61.68 5.02 -19.54
C ASP B 125 -60.38 5.22 -18.76
N GLU B 126 -60.44 4.97 -17.44
CA GLU B 126 -59.35 5.21 -16.51
C GLU B 126 -58.09 4.49 -16.97
N LYS B 127 -58.25 3.30 -17.57
CA LYS B 127 -57.18 2.46 -18.05
C LYS B 127 -56.55 3.01 -19.33
N GLN B 128 -57.04 4.13 -19.87
CA GLN B 128 -56.53 4.70 -21.11
C GLN B 128 -55.98 6.09 -20.85
N GLY B 129 -55.81 6.43 -19.58
CA GLY B 129 -55.04 7.60 -19.20
C GLY B 129 -54.18 7.26 -17.99
N GLY B 130 -53.72 8.30 -17.27
CA GLY B 130 -52.93 8.12 -16.07
C GLY B 130 -51.55 7.53 -16.40
N GLY B 131 -50.91 6.91 -15.40
CA GLY B 131 -49.59 6.34 -15.58
C GLY B 131 -48.54 7.11 -14.79
N ASP B 132 -47.62 6.34 -14.17
CA ASP B 132 -46.46 6.88 -13.49
C ASP B 132 -45.49 7.50 -14.50
N ILE B 133 -45.31 6.83 -15.65
CA ILE B 133 -44.32 7.27 -16.64
C ILE B 133 -44.98 7.25 -18.02
N CYS B 134 -44.69 8.27 -18.83
CA CYS B 134 -45.12 8.22 -20.21
C CYS B 134 -43.92 8.15 -21.14
N ILE B 135 -44.06 7.45 -22.27
CA ILE B 135 -43.03 7.44 -23.28
C ILE B 135 -43.69 7.78 -24.62
N GLN B 136 -43.21 8.86 -25.24
CA GLN B 136 -43.68 9.25 -26.57
C GLN B 136 -42.55 9.01 -27.56
N VAL B 137 -42.77 8.09 -28.51
CA VAL B 137 -41.76 7.72 -29.50
C VAL B 137 -42.26 8.18 -30.87
N CYS B 138 -41.50 9.09 -31.51
CA CYS B 138 -41.87 9.61 -32.81
C CYS B 138 -40.80 9.34 -33.87
N ALA B 139 -41.22 8.99 -35.08
CA ALA B 139 -40.29 8.77 -36.17
C ALA B 139 -41.02 8.91 -37.50
N ASP B 140 -40.26 9.15 -38.57
CA ASP B 140 -40.82 9.26 -39.91
C ASP B 140 -41.16 7.89 -40.48
N ASP B 141 -40.94 6.84 -39.67
CA ASP B 141 -41.15 5.49 -40.14
C ASP B 141 -41.77 4.71 -38.99
N GLU B 142 -42.93 4.07 -39.23
CA GLU B 142 -43.58 3.37 -38.13
C GLU B 142 -42.73 2.24 -37.54
N GLN B 143 -42.17 1.35 -38.37
CA GLN B 143 -41.33 0.25 -37.93
C GLN B 143 -40.19 0.74 -36.99
N VAL B 144 -39.62 1.92 -37.24
CA VAL B 144 -38.57 2.45 -36.36
C VAL B 144 -39.10 2.88 -34.99
N ALA B 145 -40.26 3.58 -35.00
CA ALA B 145 -40.86 3.97 -33.74
C ALA B 145 -41.24 2.69 -32.95
N PHE B 146 -41.79 1.68 -33.63
CA PHE B 146 -42.29 0.53 -32.88
C PHE B 146 -41.08 -0.22 -32.32
N HIS B 147 -40.06 -0.41 -33.17
CA HIS B 147 -38.79 -0.95 -32.71
C HIS B 147 -38.27 -0.25 -31.44
N ALA B 148 -38.15 1.08 -31.47
CA ALA B 148 -37.74 1.81 -30.27
C ALA B 148 -38.62 1.48 -29.06
N LEU B 149 -39.96 1.60 -29.20
CA LEU B 149 -40.79 1.40 -28.01
C LEU B 149 -40.58 0.00 -27.44
N ARG B 150 -40.56 -1.04 -28.31
CA ARG B 150 -40.48 -2.43 -27.94
C ARG B 150 -39.19 -2.70 -27.16
N ASN B 151 -38.04 -2.25 -27.70
CA ASN B 151 -36.76 -2.36 -26.99
C ASN B 151 -36.78 -1.51 -25.72
N LEU B 152 -37.43 -0.34 -25.71
CA LEU B 152 -37.52 0.37 -24.43
C LEU B 152 -38.36 -0.43 -23.43
N LEU B 153 -39.52 -0.96 -23.85
CA LEU B 153 -40.37 -1.63 -22.89
C LEU B 153 -39.76 -2.97 -22.45
N ASN B 154 -38.99 -3.62 -23.34
CA ASN B 154 -38.35 -4.88 -23.00
C ASN B 154 -37.46 -4.69 -21.77
N GLN B 155 -36.92 -3.48 -21.59
CA GLN B 155 -36.05 -3.15 -20.46
C GLN B 155 -36.81 -2.85 -19.17
N ALA B 156 -38.09 -2.51 -19.25
CA ALA B 156 -38.83 -2.18 -18.04
C ALA B 156 -39.38 -3.44 -17.37
N VAL B 157 -39.21 -4.62 -18.02
CA VAL B 157 -39.82 -5.84 -17.50
C VAL B 157 -39.29 -6.11 -16.08
N GLY B 158 -40.19 -6.31 -15.12
CA GLY B 158 -39.75 -6.58 -13.76
C GLY B 158 -39.80 -5.31 -12.90
N THR B 159 -39.82 -4.13 -13.57
CA THR B 159 -39.92 -2.86 -12.87
C THR B 159 -41.30 -2.23 -13.08
N CYS B 160 -41.84 -2.34 -14.30
CA CYS B 160 -43.10 -1.66 -14.57
C CYS B 160 -44.10 -2.60 -15.23
N GLU B 161 -45.38 -2.25 -15.13
CA GLU B 161 -46.38 -2.78 -16.03
C GLU B 161 -46.82 -1.67 -16.99
N VAL B 162 -47.06 -2.03 -18.25
CA VAL B 162 -47.59 -1.11 -19.25
C VAL B 162 -49.11 -1.01 -19.10
N ARG B 163 -49.61 0.22 -19.07
CA ARG B 163 -51.04 0.47 -18.95
C ARG B 163 -51.67 0.47 -20.33
N PHE B 164 -51.04 1.18 -21.30
CA PHE B 164 -51.57 1.18 -22.65
C PHE B 164 -50.49 1.58 -23.64
N VAL B 165 -50.69 1.19 -24.90
CA VAL B 165 -49.93 1.67 -26.04
C VAL B 165 -50.88 2.13 -27.14
N ASN B 166 -50.75 3.41 -27.50
CA ASN B 166 -51.47 4.03 -28.60
C ASN B 166 -50.49 4.31 -29.72
N LYS B 167 -50.99 4.39 -30.94
CA LYS B 167 -50.14 4.90 -32.00
C LYS B 167 -50.98 5.76 -32.94
N GLY B 168 -50.28 6.52 -33.77
CA GLY B 168 -50.91 7.51 -34.64
C GLY B 168 -49.99 8.03 -35.75
N PHE B 169 -50.60 8.75 -36.67
CA PHE B 169 -49.94 9.27 -37.85
C PHE B 169 -50.48 10.66 -38.13
N LEU B 170 -49.61 11.47 -38.77
CA LEU B 170 -49.97 12.79 -39.27
C LEU B 170 -49.03 13.18 -40.42
N SER B 171 -49.48 13.10 -41.69
CA SER B 171 -48.62 13.46 -42.81
C SER B 171 -48.73 14.97 -43.12
N GLY B 172 -47.60 15.70 -43.15
CA GLY B 172 -47.56 17.07 -43.66
C GLY B 172 -47.59 17.13 -45.19
N GLY B 173 -48.01 18.27 -45.76
CA GLY B 173 -48.03 18.42 -47.21
C GLY B 173 -46.66 18.18 -47.82
N LYS B 174 -46.67 17.72 -49.08
CA LYS B 174 -45.45 17.41 -49.83
C LYS B 174 -44.55 18.65 -49.98
N ASN B 175 -45.13 19.85 -49.76
CA ASN B 175 -44.43 21.11 -49.88
C ASN B 175 -44.40 21.85 -48.54
N GLY B 176 -44.46 21.12 -47.42
CA GLY B 176 -44.48 21.78 -46.12
C GLY B 176 -45.81 22.46 -45.72
N GLU B 177 -46.91 22.25 -46.44
CA GLU B 177 -48.23 22.72 -45.95
C GLU B 177 -48.56 22.09 -44.59
N THR B 178 -49.22 22.87 -43.70
CA THR B 178 -49.72 22.40 -42.41
C THR B 178 -50.41 21.04 -42.55
N PRO B 179 -50.11 20.04 -41.70
CA PRO B 179 -50.68 18.70 -41.87
C PRO B 179 -52.18 18.72 -41.58
N ARG B 180 -52.92 17.84 -42.26
CA ARG B 180 -54.37 17.77 -42.06
C ARG B 180 -54.75 16.61 -41.11
N ASN B 181 -55.64 16.90 -40.16
CA ASN B 181 -56.27 15.85 -39.34
C ASN B 181 -57.26 15.08 -40.22
N LEU B 182 -57.93 14.05 -39.66
CA LEU B 182 -58.90 13.24 -40.42
C LEU B 182 -60.26 13.93 -40.65
N PHE B 183 -60.49 15.10 -40.06
CA PHE B 183 -61.59 15.94 -40.52
C PHE B 183 -61.21 16.76 -41.75
N GLY B 184 -59.96 16.64 -42.22
CA GLY B 184 -59.59 17.26 -43.50
C GLY B 184 -59.17 18.72 -43.40
N PHE B 185 -59.09 19.26 -42.18
CA PHE B 185 -58.65 20.61 -41.87
C PHE B 185 -57.17 20.57 -41.48
N LYS B 186 -56.44 21.61 -41.89
CA LYS B 186 -55.07 21.76 -41.41
C LYS B 186 -55.11 21.97 -39.91
N ASP B 187 -54.10 21.37 -39.26
CA ASP B 187 -54.09 21.29 -37.84
C ASP B 187 -52.72 21.80 -37.41
N GLY B 188 -52.69 22.90 -36.64
CA GLY B 188 -51.44 23.40 -36.10
C GLY B 188 -51.16 24.86 -36.44
N THR B 189 -51.96 25.43 -37.38
CA THR B 189 -51.86 26.84 -37.73
C THR B 189 -51.71 27.75 -36.53
N GLY B 190 -52.57 27.61 -35.51
CA GLY B 190 -52.50 28.50 -34.36
C GLY B 190 -51.21 28.36 -33.53
N ASN B 191 -50.37 27.36 -33.82
CA ASN B 191 -49.15 27.18 -33.01
C ASN B 191 -48.20 28.34 -33.28
N GLN B 192 -47.44 28.81 -32.30
CA GLN B 192 -46.30 29.65 -32.66
C GLN B 192 -45.20 28.80 -33.32
N SER B 193 -44.21 29.45 -33.96
CA SER B 193 -43.11 28.79 -34.64
C SER B 193 -42.17 28.10 -33.63
N THR B 194 -41.87 26.81 -33.86
CA THR B 194 -41.03 26.01 -32.96
C THR B 194 -39.57 26.49 -33.06
N GLU B 195 -39.30 27.38 -34.02
CA GLU B 195 -37.96 27.92 -34.27
C GLU B 195 -37.78 29.26 -33.57
N ASP B 196 -38.87 29.89 -33.17
CA ASP B 196 -38.76 31.13 -32.43
C ASP B 196 -38.48 30.76 -30.97
N ASP B 197 -37.19 30.85 -30.60
CA ASP B 197 -36.74 30.54 -29.24
C ASP B 197 -37.48 31.38 -28.21
N SER B 198 -37.85 32.62 -28.60
CA SER B 198 -38.40 33.53 -27.61
C SER B 198 -39.80 33.05 -27.21
N LEU B 199 -40.57 32.66 -28.21
CA LEU B 199 -41.96 32.23 -28.00
C LEU B 199 -41.98 30.83 -27.38
N MET B 200 -41.07 29.93 -27.79
CA MET B 200 -40.99 28.65 -27.10
C MET B 200 -40.67 28.85 -25.62
N ASN B 201 -39.73 29.76 -25.28
CA ASN B 201 -39.35 29.96 -23.89
C ASN B 201 -40.50 30.46 -23.03
N SER B 202 -41.38 31.27 -23.62
CA SER B 202 -42.49 31.83 -22.86
C SER B 202 -43.79 30.98 -22.88
N ILE B 203 -43.94 30.03 -23.84
CA ILE B 203 -45.10 29.15 -23.97
C ILE B 203 -44.82 27.75 -23.40
N VAL B 204 -43.65 27.19 -23.77
CA VAL B 204 -43.35 25.77 -23.53
C VAL B 204 -42.41 25.55 -22.35
N TRP B 205 -41.21 26.15 -22.42
CA TRP B 205 -40.09 25.76 -21.58
C TRP B 205 -40.12 26.41 -20.20
N VAL B 206 -39.82 25.60 -19.19
CA VAL B 206 -39.69 26.04 -17.80
C VAL B 206 -38.29 26.60 -17.57
N GLN B 207 -38.26 27.81 -16.97
CA GLN B 207 -37.01 28.49 -16.67
C GLN B 207 -36.72 28.51 -15.17
N SER B 208 -37.78 28.70 -14.38
CA SER B 208 -37.63 28.89 -12.94
C SER B 208 -38.95 28.52 -12.27
N GLY B 209 -38.95 28.49 -10.93
CA GLY B 209 -40.17 28.33 -10.17
C GLY B 209 -40.59 26.87 -10.03
N GLU B 210 -39.76 25.98 -10.58
CA GLU B 210 -39.96 24.54 -10.51
C GLU B 210 -38.74 23.91 -9.88
N PRO B 211 -38.84 22.67 -9.35
CA PRO B 211 -37.66 21.94 -8.89
C PRO B 211 -36.68 21.95 -10.07
N ASP B 212 -35.39 21.94 -9.73
CA ASP B 212 -34.31 22.09 -10.68
C ASP B 212 -34.44 21.08 -11.84
N TRP B 213 -34.88 19.85 -11.54
CA TRP B 213 -34.86 18.80 -12.56
C TRP B 213 -35.87 19.09 -13.66
N MET B 214 -36.83 19.97 -13.34
CA MET B 214 -37.86 20.48 -14.25
C MET B 214 -37.36 21.65 -15.12
N THR B 215 -36.16 22.17 -14.83
CA THR B 215 -35.65 23.30 -15.62
C THR B 215 -35.31 22.81 -17.02
N GLY B 216 -35.74 23.58 -18.03
CA GLY B 216 -35.62 23.09 -19.39
C GLY B 216 -36.70 22.06 -19.73
N GLY B 217 -37.55 21.70 -18.75
CA GLY B 217 -38.67 20.81 -18.97
C GLY B 217 -39.96 21.58 -19.30
N THR B 218 -41.08 20.85 -19.28
CA THR B 218 -42.41 21.31 -19.66
C THR B 218 -43.41 20.30 -19.15
N TYR B 219 -44.70 20.60 -19.36
CA TYR B 219 -45.80 19.73 -19.00
C TYR B 219 -46.50 19.26 -20.27
N MET B 220 -46.77 17.95 -20.34
CA MET B 220 -47.40 17.35 -21.50
C MET B 220 -48.84 16.95 -21.11
N ALA B 221 -49.82 17.45 -21.90
CA ALA B 221 -51.21 17.08 -21.72
C ALA B 221 -51.57 16.12 -22.84
N PHE B 222 -52.27 15.04 -22.46
CA PHE B 222 -52.68 14.00 -23.36
C PHE B 222 -54.19 13.84 -23.29
N ARG B 223 -54.86 13.85 -24.44
CA ARG B 223 -56.30 13.62 -24.50
C ARG B 223 -56.53 12.72 -25.68
N LYS B 224 -57.04 11.52 -25.41
CA LYS B 224 -57.39 10.66 -26.54
C LYS B 224 -58.82 11.03 -26.96
N ILE B 225 -59.03 11.54 -28.19
CA ILE B 225 -60.34 12.05 -28.53
C ILE B 225 -60.85 11.27 -29.74
N LYS B 226 -61.90 10.46 -29.53
CA LYS B 226 -62.57 9.79 -30.64
C LYS B 226 -63.19 10.83 -31.57
N MET B 227 -63.11 10.57 -32.87
CA MET B 227 -63.71 11.45 -33.86
C MET B 227 -64.70 10.63 -34.67
N PHE B 228 -65.98 11.06 -34.71
CA PHE B 228 -66.98 10.29 -35.42
C PHE B 228 -66.97 10.59 -36.92
N LEU B 229 -66.12 9.85 -37.65
CA LEU B 229 -65.90 10.03 -39.07
C LEU B 229 -67.22 9.93 -39.84
N GLU B 230 -68.02 8.91 -39.50
CA GLU B 230 -69.19 8.58 -40.30
C GLU B 230 -70.21 9.72 -40.19
N ILE B 231 -70.33 10.35 -39.01
CA ILE B 231 -71.23 11.49 -38.76
C ILE B 231 -70.70 12.77 -39.44
N TRP B 232 -69.41 13.06 -39.25
CA TRP B 232 -68.76 14.15 -39.95
C TRP B 232 -68.88 14.02 -41.47
N ASP B 233 -68.58 12.84 -42.03
CA ASP B 233 -68.53 12.66 -43.46
C ASP B 233 -69.88 12.99 -44.13
N ARG B 234 -70.99 12.85 -43.37
CA ARG B 234 -72.32 13.07 -43.91
C ARG B 234 -72.77 14.48 -43.61
N SER B 235 -71.95 15.27 -42.90
CA SER B 235 -72.35 16.63 -42.63
C SER B 235 -72.07 17.51 -43.82
N SER B 236 -72.74 18.65 -43.85
CA SER B 236 -72.55 19.59 -44.93
C SER B 236 -71.22 20.31 -44.72
N LEU B 237 -70.67 20.85 -45.83
CA LEU B 237 -69.42 21.59 -45.71
C LEU B 237 -69.64 22.80 -44.81
N LYS B 238 -70.84 23.41 -44.92
CA LYS B 238 -71.13 24.56 -44.09
C LYS B 238 -71.06 24.20 -42.60
N ASP B 239 -71.74 23.11 -42.22
CA ASP B 239 -71.60 22.57 -40.86
C ASP B 239 -70.12 22.29 -40.48
N GLN B 240 -69.38 21.60 -41.35
CA GLN B 240 -67.96 21.33 -41.05
C GLN B 240 -67.23 22.63 -40.77
N GLU B 241 -67.41 23.64 -41.62
CA GLU B 241 -66.63 24.87 -41.48
C GLU B 241 -67.12 25.72 -40.30
N ASP B 242 -68.44 25.73 -40.05
CA ASP B 242 -68.96 26.50 -38.92
C ASP B 242 -68.51 25.92 -37.58
N THR B 243 -68.21 24.62 -37.56
CA THR B 243 -67.76 23.98 -36.33
C THR B 243 -66.42 24.62 -35.91
N PHE B 244 -65.54 24.92 -36.89
CA PHE B 244 -64.18 25.37 -36.61
C PHE B 244 -64.08 26.91 -36.73
N GLY B 245 -64.73 27.51 -37.75
CA GLY B 245 -64.60 28.91 -38.10
C GLY B 245 -63.36 29.24 -38.96
N ARG B 246 -62.79 28.21 -39.60
CA ARG B 246 -61.82 28.37 -40.67
C ARG B 246 -62.41 27.64 -41.84
N ARG B 247 -62.07 28.06 -43.05
CA ARG B 247 -62.50 27.34 -44.24
C ARG B 247 -61.64 26.10 -44.43
N LYS B 248 -62.19 25.09 -45.13
CA LYS B 248 -61.51 23.80 -45.08
C LYS B 248 -60.27 23.79 -45.99
N SER B 249 -60.45 24.16 -47.27
CA SER B 249 -59.34 23.99 -48.21
C SER B 249 -58.21 24.95 -47.87
N SER B 250 -58.59 26.23 -47.65
CA SER B 250 -57.63 27.31 -47.52
C SER B 250 -57.06 27.34 -46.10
N GLY B 251 -57.88 26.94 -45.12
CA GLY B 251 -57.43 27.05 -43.75
C GLY B 251 -57.61 28.45 -43.18
N ALA B 252 -58.22 29.36 -43.98
CA ALA B 252 -58.28 30.76 -43.59
C ALA B 252 -59.43 30.94 -42.61
N PRO B 253 -59.26 31.82 -41.58
CA PRO B 253 -60.39 32.27 -40.77
C PRO B 253 -61.46 32.79 -41.74
N PHE B 254 -62.74 32.57 -41.38
CA PHE B 254 -63.86 33.23 -42.03
C PHE B 254 -63.52 34.71 -42.26
N GLY B 255 -63.82 35.21 -43.48
CA GLY B 255 -63.64 36.61 -43.86
C GLY B 255 -62.19 36.96 -44.23
N GLN B 256 -61.27 35.99 -44.19
CA GLN B 256 -59.86 36.20 -44.51
C GLN B 256 -59.53 35.42 -45.77
N LYS B 257 -58.31 35.63 -46.28
CA LYS B 257 -57.94 35.12 -47.59
C LYS B 257 -56.99 33.94 -47.46
N LYS B 258 -56.12 34.02 -46.45
CA LYS B 258 -54.96 33.16 -46.29
C LYS B 258 -55.04 32.52 -44.91
N GLU B 259 -54.47 31.31 -44.79
CA GLU B 259 -54.38 30.51 -43.58
C GLU B 259 -53.78 31.33 -42.44
N THR B 260 -52.76 32.13 -42.75
CA THR B 260 -51.98 32.79 -41.70
C THR B 260 -52.61 34.12 -41.31
N ASP B 261 -53.69 34.55 -41.97
CA ASP B 261 -54.32 35.81 -41.60
C ASP B 261 -54.83 35.76 -40.16
N PRO B 262 -54.89 36.90 -39.45
CA PRO B 262 -55.46 36.94 -38.09
C PRO B 262 -56.92 36.52 -38.10
N VAL B 263 -57.33 35.83 -37.03
CA VAL B 263 -58.71 35.43 -36.84
C VAL B 263 -59.48 36.70 -36.45
N LYS B 264 -60.57 36.95 -37.17
CA LYS B 264 -61.53 37.99 -36.80
C LYS B 264 -62.72 37.36 -36.09
N LEU B 265 -62.74 37.49 -34.74
CA LEU B 265 -63.64 36.81 -33.84
C LEU B 265 -65.08 37.17 -34.18
N ASN B 266 -65.30 38.36 -34.71
CA ASN B 266 -66.68 38.79 -34.93
C ASN B 266 -67.18 38.16 -36.24
N GLN B 267 -66.34 37.38 -36.90
CA GLN B 267 -66.85 36.83 -38.14
C GLN B 267 -67.16 35.34 -37.99
N ILE B 268 -67.00 34.79 -36.78
CA ILE B 268 -67.16 33.34 -36.70
C ILE B 268 -68.21 33.05 -35.65
N PRO B 269 -68.82 31.85 -35.65
CA PRO B 269 -69.73 31.47 -34.56
C PRO B 269 -69.06 31.57 -33.19
N SER B 270 -69.76 32.16 -32.20
CA SER B 270 -69.25 32.28 -30.84
C SER B 270 -68.71 30.96 -30.30
N ASN B 271 -69.38 29.86 -30.65
CA ASN B 271 -69.09 28.55 -30.09
C ASN B 271 -68.32 27.66 -31.08
N SER B 272 -67.86 28.21 -32.21
CA SER B 272 -66.97 27.44 -33.07
C SER B 272 -65.63 27.23 -32.34
N HIS B 273 -64.91 26.18 -32.73
CA HIS B 273 -63.77 25.64 -31.99
C HIS B 273 -62.69 26.72 -31.85
N VAL B 274 -62.38 27.39 -32.95
CA VAL B 274 -61.35 28.44 -32.95
C VAL B 274 -61.83 29.64 -32.12
N SER B 275 -63.14 29.97 -32.17
CA SER B 275 -63.58 31.09 -31.34
C SER B 275 -63.32 30.77 -29.86
N LEU B 276 -63.66 29.54 -29.43
CA LEU B 276 -63.54 29.31 -27.99
C LEU B 276 -62.08 29.13 -27.54
N ALA B 277 -61.23 28.55 -28.40
CA ALA B 277 -59.84 28.28 -28.03
C ALA B 277 -59.09 29.59 -27.92
N LYS B 278 -59.38 30.53 -28.84
CA LYS B 278 -58.82 31.88 -28.76
C LYS B 278 -59.36 32.69 -27.58
N SER B 279 -60.65 32.52 -27.23
CA SER B 279 -61.35 33.31 -26.21
C SER B 279 -60.50 33.47 -24.97
N THR B 280 -59.60 32.50 -24.79
CA THR B 280 -59.02 32.32 -23.48
C THR B 280 -57.85 33.30 -23.31
N GLY B 281 -57.28 33.73 -24.43
CA GLY B 281 -56.06 34.51 -24.41
C GLY B 281 -54.76 33.72 -24.21
N LYS B 282 -54.81 32.41 -23.97
CA LYS B 282 -53.65 31.61 -23.60
C LYS B 282 -53.04 30.93 -24.82
N GLN B 283 -51.80 30.46 -24.68
CA GLN B 283 -51.18 29.75 -25.79
C GLN B 283 -50.62 28.39 -25.35
N ILE B 284 -50.62 27.41 -26.26
CA ILE B 284 -50.06 26.09 -26.00
C ILE B 284 -49.35 25.63 -27.27
N LEU B 285 -48.50 24.63 -27.16
CA LEU B 285 -47.99 24.00 -28.37
C LEU B 285 -48.65 22.63 -28.54
N ARG B 286 -49.45 22.50 -29.62
CA ARG B 286 -50.14 21.25 -29.90
C ARG B 286 -49.29 20.46 -30.89
N ARG B 287 -49.16 19.16 -30.62
CA ARG B 287 -48.30 18.29 -31.40
C ARG B 287 -48.99 16.92 -31.49
N ALA B 288 -50.16 16.89 -32.16
CA ALA B 288 -51.08 15.78 -32.10
C ALA B 288 -50.85 14.79 -33.24
N PHE B 289 -51.31 13.52 -33.09
CA PHE B 289 -51.36 12.63 -34.24
C PHE B 289 -52.74 12.02 -34.37
N SER B 290 -53.10 11.63 -35.61
CA SER B 290 -54.35 10.93 -35.87
C SER B 290 -54.14 9.45 -35.52
N TYR B 291 -55.21 8.75 -35.09
CA TYR B 291 -55.18 7.28 -34.94
C TYR B 291 -56.38 6.64 -35.62
N THR B 292 -56.15 5.42 -36.12
CA THR B 292 -57.21 4.50 -36.47
C THR B 292 -56.88 3.18 -35.77
N GLU B 293 -57.94 2.51 -35.22
CA GLU B 293 -57.83 1.23 -34.52
C GLU B 293 -58.87 0.21 -35.00
N GLY B 294 -59.02 -0.02 -36.33
CA GLY B 294 -60.00 -0.98 -36.85
C GLY B 294 -61.47 -0.56 -36.62
N LEU B 295 -62.42 -1.50 -36.77
CA LEU B 295 -63.84 -1.20 -36.56
C LEU B 295 -64.08 -1.09 -35.07
N ASP B 296 -64.87 -0.09 -34.66
CA ASP B 296 -65.41 0.00 -33.30
C ASP B 296 -66.51 -1.07 -33.11
N PRO B 297 -66.32 -2.07 -32.20
CA PRO B 297 -67.32 -3.13 -32.00
C PRO B 297 -68.68 -2.63 -31.51
N LYS B 298 -68.70 -1.43 -30.90
CA LYS B 298 -69.93 -0.79 -30.39
C LYS B 298 -70.52 0.15 -31.45
N THR B 299 -70.22 -0.07 -32.72
CA THR B 299 -70.45 0.96 -33.73
C THR B 299 -70.52 0.34 -35.12
N GLY B 300 -69.64 -0.64 -35.43
CA GLY B 300 -69.54 -1.16 -36.78
C GLY B 300 -68.87 -0.17 -37.74
N TYR B 301 -68.46 1.00 -37.26
CA TYR B 301 -67.74 1.95 -38.11
C TYR B 301 -66.28 2.07 -37.66
N MET B 302 -65.47 2.87 -38.37
CA MET B 302 -64.05 2.97 -38.01
C MET B 302 -63.95 3.53 -36.60
N ASP B 303 -63.09 2.88 -35.82
CA ASP B 303 -62.66 3.49 -34.59
C ASP B 303 -61.47 4.43 -34.90
N ALA B 304 -61.67 5.75 -34.77
CA ALA B 304 -60.65 6.70 -35.21
C ALA B 304 -60.69 7.93 -34.33
N GLY B 305 -59.60 8.70 -34.30
CA GLY B 305 -59.65 9.95 -33.54
C GLY B 305 -58.33 10.71 -33.55
N LEU B 306 -58.09 11.53 -32.52
CA LEU B 306 -56.87 12.31 -32.39
C LEU B 306 -56.21 11.89 -31.09
N LEU B 307 -54.92 11.59 -31.13
CA LEU B 307 -54.15 11.54 -29.89
C LEU B 307 -53.72 12.98 -29.71
N PHE B 308 -54.47 13.72 -28.88
CA PHE B 308 -54.14 15.11 -28.64
C PHE B 308 -52.99 15.17 -27.64
N ILE B 309 -51.89 15.87 -27.99
CA ILE B 309 -50.74 16.08 -27.11
C ILE B 309 -50.33 17.55 -27.17
N SER B 310 -50.23 18.20 -26.02
CA SER B 310 -49.80 19.58 -26.05
C SER B 310 -48.77 19.83 -24.95
N PHE B 311 -47.90 20.80 -25.16
CA PHE B 311 -46.87 21.14 -24.18
C PHE B 311 -47.04 22.58 -23.71
N GLN B 312 -46.83 22.83 -22.43
CA GLN B 312 -47.02 24.17 -21.87
C GLN B 312 -46.29 24.24 -20.54
N LYS B 313 -45.71 25.41 -20.22
CA LYS B 313 -44.87 25.51 -19.03
C LYS B 313 -45.72 25.49 -17.76
N ASN B 314 -46.94 26.03 -17.87
CA ASN B 314 -47.86 26.07 -16.75
C ASN B 314 -49.23 25.64 -17.30
N PRO B 315 -49.64 24.37 -17.08
CA PRO B 315 -50.92 23.88 -17.58
C PRO B 315 -52.12 24.44 -16.83
N ASP B 316 -51.88 24.94 -15.61
CA ASP B 316 -52.89 25.56 -14.76
C ASP B 316 -53.31 26.90 -15.35
N ASN B 317 -52.37 27.57 -16.02
CA ASN B 317 -52.57 28.90 -16.55
C ASN B 317 -53.01 28.84 -18.03
N GLN B 318 -52.37 27.94 -18.78
CA GLN B 318 -52.45 27.93 -20.23
C GLN B 318 -53.45 26.89 -20.74
N PHE B 319 -53.54 25.71 -20.12
CA PHE B 319 -54.18 24.58 -20.78
C PHE B 319 -55.58 24.31 -20.23
N ILE B 320 -55.70 24.20 -18.90
CA ILE B 320 -56.97 23.89 -18.23
C ILE B 320 -58.03 24.96 -18.51
N PRO B 321 -57.74 26.29 -18.51
CA PRO B 321 -58.76 27.27 -18.91
C PRO B 321 -59.34 27.03 -20.30
N MET B 322 -58.49 26.61 -21.23
CA MET B 322 -58.92 26.32 -22.58
C MET B 322 -59.85 25.12 -22.58
N LEU B 323 -59.42 24.04 -21.93
CA LEU B 323 -60.20 22.83 -21.80
C LEU B 323 -61.58 23.12 -21.20
N LYS B 324 -61.64 23.98 -20.19
CA LYS B 324 -62.91 24.40 -19.57
C LYS B 324 -63.76 25.17 -20.58
N ALA B 325 -63.16 26.14 -21.32
CA ALA B 325 -63.92 26.92 -22.30
C ALA B 325 -64.52 26.05 -23.39
N LEU B 326 -63.80 25.01 -23.84
CA LEU B 326 -64.24 24.20 -24.97
C LEU B 326 -65.26 23.15 -24.53
N SER B 327 -64.99 22.52 -23.39
CA SER B 327 -65.64 21.27 -23.06
C SER B 327 -67.16 21.44 -22.96
N ALA B 328 -67.64 22.59 -22.48
CA ALA B 328 -69.07 22.76 -22.31
C ALA B 328 -69.77 23.12 -23.63
N LYS B 329 -69.18 24.05 -24.41
CA LYS B 329 -69.89 24.74 -25.49
C LYS B 329 -69.30 24.54 -26.88
N ASP B 330 -68.14 23.87 -27.03
CA ASP B 330 -67.52 23.66 -28.32
C ASP B 330 -68.45 22.90 -29.28
N ALA B 331 -68.74 23.52 -30.42
CA ALA B 331 -69.54 22.92 -31.50
C ALA B 331 -68.89 21.61 -31.99
N LEU B 332 -67.57 21.51 -31.79
CA LEU B 332 -66.87 20.31 -32.19
C LEU B 332 -67.31 19.14 -31.31
N ASN B 333 -67.97 19.39 -30.17
CA ASN B 333 -68.41 18.26 -29.35
C ASN B 333 -69.46 17.44 -30.10
N GLU B 334 -70.04 18.01 -31.16
CA GLU B 334 -70.99 17.21 -31.93
C GLU B 334 -70.30 15.97 -32.51
N TYR B 335 -68.98 16.04 -32.78
CA TYR B 335 -68.39 15.00 -33.61
C TYR B 335 -67.22 14.32 -32.89
N THR B 336 -67.04 14.61 -31.60
CA THR B 336 -65.93 13.98 -30.91
C THR B 336 -66.29 13.63 -29.47
N GLN B 337 -65.45 12.84 -28.83
CA GLN B 337 -65.64 12.55 -27.43
C GLN B 337 -64.30 12.11 -26.84
N THR B 338 -63.98 12.63 -25.65
CA THR B 338 -62.70 12.32 -25.02
C THR B 338 -62.84 11.07 -24.15
N ILE B 339 -61.99 10.07 -24.44
CA ILE B 339 -62.12 8.76 -23.82
C ILE B 339 -60.86 8.41 -23.06
N GLY B 340 -59.85 9.29 -23.11
CA GLY B 340 -58.64 9.06 -22.32
C GLY B 340 -57.96 10.37 -21.96
N SER B 341 -57.26 10.38 -20.82
CA SER B 341 -56.73 11.60 -20.26
C SER B 341 -55.50 11.36 -19.39
N ALA B 342 -54.53 12.28 -19.44
CA ALA B 342 -53.37 12.25 -18.54
C ALA B 342 -52.66 13.62 -18.57
N LEU B 343 -51.99 14.00 -17.47
CA LEU B 343 -51.04 15.11 -17.52
C LEU B 343 -49.69 14.60 -17.02
N TYR B 344 -48.61 14.96 -17.73
CA TYR B 344 -47.29 14.51 -17.32
C TYR B 344 -46.33 15.70 -17.18
N ALA B 345 -45.34 15.56 -16.29
CA ALA B 345 -44.26 16.52 -16.14
C ALA B 345 -43.02 15.95 -16.81
N CYS B 346 -42.53 16.60 -17.86
CA CYS B 346 -41.45 16.09 -18.68
C CYS B 346 -40.16 16.75 -18.19
N PRO B 347 -39.14 16.01 -17.68
CA PRO B 347 -37.87 16.62 -17.24
C PRO B 347 -37.18 17.55 -18.23
N GLY B 348 -36.32 18.43 -17.68
CA GLY B 348 -35.35 19.06 -18.55
C GLY B 348 -34.55 17.98 -19.29
N GLY B 349 -33.82 18.39 -20.32
CA GLY B 349 -33.03 17.50 -21.17
C GLY B 349 -31.84 16.88 -20.43
N CYS B 350 -31.24 15.87 -21.05
CA CYS B 350 -30.21 15.07 -20.43
C CYS B 350 -28.85 15.50 -21.00
N LYS B 351 -27.84 15.71 -20.13
CA LYS B 351 -26.47 15.99 -20.60
C LYS B 351 -25.72 14.68 -20.83
N LYS B 352 -24.80 14.65 -21.79
CA LYS B 352 -23.96 13.47 -21.97
C LYS B 352 -23.26 13.16 -20.64
N GLY B 353 -23.23 11.87 -20.26
CA GLY B 353 -22.71 11.41 -18.97
C GLY B 353 -23.74 11.44 -17.85
N GLU B 354 -24.95 11.97 -18.11
CA GLU B 354 -26.04 11.91 -17.16
C GLU B 354 -27.17 11.02 -17.71
N TYR B 355 -28.20 10.82 -16.88
CA TYR B 355 -29.34 9.99 -17.22
C TYR B 355 -30.62 10.77 -16.91
N ILE B 356 -31.69 10.48 -17.71
CA ILE B 356 -32.99 11.12 -17.62
C ILE B 356 -33.43 11.14 -16.16
N ALA B 357 -33.76 12.37 -15.70
CA ALA B 357 -34.36 12.62 -14.40
C ALA B 357 -33.39 12.33 -13.25
N GLN B 358 -32.08 12.27 -13.53
CA GLN B 358 -31.04 12.00 -12.53
C GLN B 358 -31.22 12.90 -11.30
N ARG B 359 -31.39 14.19 -11.55
CA ARG B 359 -31.61 15.19 -10.53
C ARG B 359 -32.85 14.94 -9.69
N LEU B 360 -33.86 14.32 -10.30
CA LEU B 360 -35.03 13.97 -9.51
C LEU B 360 -34.69 12.81 -8.59
N LEU B 361 -33.94 11.80 -9.08
CA LEU B 361 -33.88 10.52 -8.38
C LEU B 361 -32.63 10.42 -7.49
N GLU B 362 -31.54 11.11 -7.88
CA GLU B 362 -30.39 11.25 -7.00
C GLU B 362 -30.67 12.37 -6.00
N SER B 363 -30.95 11.97 -4.76
CA SER B 363 -31.06 12.89 -3.64
C SER B 363 -30.65 12.16 -2.35
N MET C 1 26.46 -0.11 -32.19
CA MET C 1 26.43 1.27 -32.77
C MET C 1 27.77 1.96 -32.53
N GLU C 2 28.69 1.84 -33.52
CA GLU C 2 30.03 2.40 -33.42
C GLU C 2 30.01 3.91 -33.70
N GLU C 3 29.12 4.62 -33.01
CA GLU C 3 29.02 6.06 -33.13
C GLU C 3 29.84 6.69 -32.00
N GLN C 4 30.69 7.64 -32.38
CA GLN C 4 31.60 8.31 -31.46
C GLN C 4 30.92 9.55 -30.87
N ILE C 5 29.86 9.37 -30.07
CA ILE C 5 29.12 10.51 -29.54
C ILE C 5 29.04 10.36 -28.03
N VAL C 6 29.45 11.41 -27.31
CA VAL C 6 29.31 11.37 -25.85
C VAL C 6 28.21 12.36 -25.45
N PRO C 7 27.17 11.93 -24.73
CA PRO C 7 26.15 12.88 -24.26
C PRO C 7 26.76 14.08 -23.55
N PHE C 8 26.25 15.27 -23.89
CA PHE C 8 26.62 16.54 -23.30
C PHE C 8 25.87 16.74 -22.00
N TYR C 9 24.55 16.53 -22.05
CA TYR C 9 23.69 16.75 -20.90
C TYR C 9 23.78 15.59 -19.93
N GLY C 10 23.74 15.88 -18.62
CA GLY C 10 23.68 14.81 -17.62
C GLY C 10 23.77 15.37 -16.19
N LYS C 11 23.84 14.45 -15.23
CA LYS C 11 24.17 14.74 -13.85
C LYS C 11 25.57 15.37 -13.77
N HIS C 12 26.49 14.90 -14.62
CA HIS C 12 27.88 15.39 -14.56
C HIS C 12 28.25 16.00 -15.90
N GLN C 13 29.23 16.89 -15.90
CA GLN C 13 29.83 17.25 -17.17
C GLN C 13 30.52 16.01 -17.73
N ALA C 14 30.51 15.85 -19.05
CA ALA C 14 31.33 14.82 -19.68
C ALA C 14 32.81 15.27 -19.62
N GLY C 15 33.74 14.37 -19.95
CA GLY C 15 35.13 14.76 -20.10
C GLY C 15 35.88 14.59 -18.78
N ILE C 16 35.23 13.93 -17.81
CA ILE C 16 35.82 13.72 -16.51
C ILE C 16 35.96 12.22 -16.25
N THR C 17 34.87 11.45 -16.22
CA THR C 17 34.94 10.00 -16.15
C THR C 17 34.79 9.41 -17.56
N THR C 18 34.51 10.27 -18.54
CA THR C 18 34.44 9.73 -19.88
C THR C 18 35.78 9.04 -20.20
N ALA C 19 35.76 7.94 -20.98
CA ALA C 19 37.02 7.35 -21.45
C ALA C 19 37.97 8.43 -22.02
N HIS C 20 39.27 8.31 -21.70
CA HIS C 20 40.30 9.24 -22.15
C HIS C 20 40.47 9.27 -23.67
N GLN C 21 40.18 10.40 -24.33
CA GLN C 21 40.35 10.53 -25.78
C GLN C 21 41.83 10.79 -26.08
N THR C 22 42.18 10.95 -27.37
CA THR C 22 43.58 11.08 -27.77
C THR C 22 44.07 12.52 -27.68
N TYR C 23 43.23 13.52 -28.05
CA TYR C 23 43.65 14.91 -28.16
C TYR C 23 42.92 15.77 -27.13
N VAL C 24 43.62 16.81 -26.73
CA VAL C 24 43.05 17.84 -25.82
C VAL C 24 43.48 19.22 -26.29
N TYR C 25 42.60 20.19 -26.13
CA TYR C 25 42.87 21.63 -26.25
C TYR C 25 42.39 22.19 -24.91
N PHE C 26 43.29 22.85 -24.20
CA PHE C 26 42.99 23.38 -22.85
C PHE C 26 43.21 24.88 -22.85
N ALA C 27 42.17 25.65 -22.59
CA ALA C 27 42.24 27.09 -22.68
C ALA C 27 41.76 27.70 -21.36
N ALA C 28 42.40 28.78 -20.93
CA ALA C 28 41.88 29.63 -19.87
C ALA C 28 41.48 30.98 -20.48
N LEU C 29 40.37 31.55 -19.98
CA LEU C 29 39.88 32.85 -20.38
C LEU C 29 39.74 33.74 -19.13
N ASP C 30 39.98 35.04 -19.32
CA ASP C 30 39.67 36.00 -18.28
C ASP C 30 38.48 36.81 -18.76
N VAL C 31 37.51 37.02 -17.87
CA VAL C 31 36.31 37.77 -18.20
C VAL C 31 36.65 39.26 -18.15
N THR C 32 36.29 39.96 -19.23
CA THR C 32 36.50 41.40 -19.33
C THR C 32 35.18 42.17 -19.22
N ALA C 33 34.02 41.54 -19.49
CA ALA C 33 32.78 42.24 -19.25
C ALA C 33 32.67 42.73 -17.81
N LYS C 34 31.71 43.66 -17.53
CA LYS C 34 31.45 44.14 -16.17
C LYS C 34 30.17 43.56 -15.56
N GLU C 35 29.16 43.18 -16.36
CA GLU C 35 27.88 42.70 -15.84
C GLU C 35 27.72 41.19 -15.97
N LYS C 36 27.25 40.60 -14.88
CA LYS C 36 26.78 39.24 -14.82
C LYS C 36 25.93 38.92 -16.06
N SER C 37 25.03 39.82 -16.44
CA SER C 37 24.15 39.51 -17.56
C SER C 37 24.98 39.12 -18.78
N ASP C 38 26.19 39.65 -18.87
CA ASP C 38 27.10 39.39 -19.97
C ASP C 38 27.57 37.95 -19.93
N ILE C 39 27.79 37.43 -18.71
CA ILE C 39 28.35 36.11 -18.49
C ILE C 39 27.24 35.11 -18.74
N ILE C 40 26.04 35.54 -18.39
CA ILE C 40 24.91 34.64 -18.57
C ILE C 40 24.72 34.39 -20.06
N THR C 41 24.82 35.42 -20.90
CA THR C 41 24.61 35.09 -22.30
C THR C 41 25.81 34.29 -22.86
N LEU C 42 27.01 34.58 -22.39
CA LEU C 42 28.16 33.76 -22.78
C LEU C 42 27.88 32.28 -22.49
N PHE C 43 27.54 31.95 -21.24
CA PHE C 43 27.30 30.56 -20.89
C PHE C 43 26.10 29.93 -21.61
N ARG C 44 25.06 30.74 -21.84
CA ARG C 44 23.91 30.21 -22.55
C ARG C 44 24.36 29.81 -23.94
N ASN C 45 25.12 30.71 -24.59
CA ASN C 45 25.54 30.51 -25.97
C ASN C 45 26.51 29.32 -26.07
N TRP C 46 27.41 29.21 -25.09
CA TRP C 46 28.31 28.07 -25.04
C TRP C 46 27.53 26.76 -24.91
N THR C 47 26.48 26.76 -24.09
CA THR C 47 25.71 25.54 -23.91
C THR C 47 25.06 25.13 -25.23
N SER C 48 24.53 26.11 -25.97
CA SER C 48 23.80 25.77 -27.18
C SER C 48 24.76 25.25 -28.24
N LEU C 49 25.90 25.95 -28.37
CA LEU C 49 26.90 25.54 -29.36
C LEU C 49 27.47 24.19 -28.96
N THR C 50 27.82 24.03 -27.68
CA THR C 50 28.48 22.81 -27.21
C THR C 50 27.60 21.60 -27.47
N GLN C 51 26.32 21.76 -27.13
CA GLN C 51 25.32 20.75 -27.42
C GLN C 51 25.35 20.36 -28.89
N MET C 52 25.43 21.36 -29.77
CA MET C 52 25.45 21.13 -31.21
C MET C 52 26.70 20.35 -31.59
N LEU C 53 27.88 20.85 -31.18
CA LEU C 53 29.19 20.32 -31.56
C LEU C 53 29.35 18.87 -31.07
N THR C 54 28.92 18.56 -29.86
CA THR C 54 29.20 17.27 -29.27
C THR C 54 28.20 16.22 -29.75
N SER C 55 27.07 16.69 -30.32
CA SER C 55 25.96 15.79 -30.61
C SER C 55 26.26 15.12 -31.95
N GLY C 56 27.05 15.82 -32.76
CA GLY C 56 27.33 15.42 -34.12
C GLY C 56 26.04 15.48 -34.93
N LYS C 57 25.32 16.60 -34.78
CA LYS C 57 24.02 16.80 -35.39
C LYS C 57 24.19 17.42 -36.78
N LYS C 58 25.27 18.17 -36.97
CA LYS C 58 25.51 18.92 -38.19
C LYS C 58 24.63 20.18 -38.23
N MET C 59 23.32 19.96 -38.12
CA MET C 59 22.31 20.93 -38.55
C MET C 59 22.87 21.69 -39.74
N SER C 60 23.14 20.95 -40.83
CA SER C 60 23.91 21.41 -41.97
C SER C 60 23.48 22.82 -42.35
N ALA C 61 24.28 23.80 -41.91
CA ALA C 61 24.03 25.21 -42.21
C ALA C 61 24.14 25.41 -43.71
N GLU C 62 22.99 25.31 -44.39
CA GLU C 62 22.89 25.36 -45.84
C GLU C 62 23.46 26.68 -46.35
N GLN C 63 23.31 27.73 -45.52
CA GLN C 63 23.85 29.06 -45.79
C GLN C 63 22.98 30.11 -45.08
N ARG C 64 23.66 31.17 -44.64
CA ARG C 64 23.08 32.44 -44.28
C ARG C 64 23.44 33.43 -45.40
N ASN C 65 22.80 34.59 -45.38
CA ASN C 65 23.20 35.45 -46.52
C ASN C 65 24.68 35.14 -46.75
N GLN C 66 25.16 35.27 -47.97
CA GLN C 66 26.59 35.06 -48.25
C GLN C 66 27.40 36.28 -47.80
N TYR C 67 26.77 37.43 -47.52
CA TYR C 67 27.46 38.65 -47.03
C TYR C 67 27.63 38.58 -45.52
N LEU C 68 26.99 37.61 -44.84
CA LEU C 68 27.30 37.35 -43.43
C LEU C 68 28.46 36.34 -43.29
N PRO C 69 29.28 36.42 -42.20
CA PRO C 69 30.30 35.40 -41.93
C PRO C 69 29.63 34.06 -41.66
N PRO C 70 30.19 32.90 -42.12
CA PRO C 70 29.60 31.60 -41.79
C PRO C 70 29.53 31.45 -40.27
N GLN C 71 28.43 30.88 -39.79
CA GLN C 71 28.27 30.63 -38.38
C GLN C 71 29.28 29.59 -37.90
N ASP C 72 29.59 28.62 -38.77
CA ASP C 72 30.52 27.55 -38.46
C ASP C 72 31.75 27.68 -39.35
N THR C 73 32.95 27.47 -38.77
CA THR C 73 34.20 27.70 -39.49
C THR C 73 34.46 26.59 -40.51
N GLY C 74 33.80 25.45 -40.36
CA GLY C 74 33.70 24.49 -41.47
C GLY C 74 34.77 23.38 -41.54
N GLU C 75 35.92 23.50 -40.85
CA GLU C 75 37.00 22.52 -41.01
C GLU C 75 36.61 21.14 -40.49
N SER C 76 35.46 21.02 -39.82
CA SER C 76 35.08 19.73 -39.28
C SER C 76 33.92 19.08 -40.04
N ALA C 77 33.58 19.61 -41.22
CA ALA C 77 32.29 19.28 -41.85
C ALA C 77 32.17 17.80 -42.17
N ASP C 78 33.25 17.19 -42.64
CA ASP C 78 33.21 15.81 -43.09
C ASP C 78 33.83 14.90 -42.04
N LEU C 79 33.73 15.26 -40.76
CA LEU C 79 34.48 14.51 -39.75
C LEU C 79 33.51 13.90 -38.76
N SER C 80 33.86 12.71 -38.25
CA SER C 80 33.13 12.09 -37.15
C SER C 80 33.07 13.04 -35.95
N PRO C 81 32.07 12.96 -35.05
CA PRO C 81 32.10 13.83 -33.86
C PRO C 81 33.19 13.42 -32.87
N SER C 82 33.70 12.17 -32.98
CA SER C 82 34.98 11.73 -32.41
C SER C 82 35.03 11.79 -30.88
N ASN C 83 33.96 11.40 -30.19
CA ASN C 83 33.95 11.38 -28.74
C ASN C 83 34.28 12.74 -28.14
N LEU C 84 33.98 13.81 -28.90
CA LEU C 84 34.20 15.17 -28.44
C LEU C 84 33.45 15.45 -27.13
N THR C 85 34.15 15.97 -26.13
CA THR C 85 33.55 16.41 -24.88
C THR C 85 34.10 17.80 -24.59
N VAL C 86 33.34 18.62 -23.86
CA VAL C 86 33.85 19.94 -23.51
C VAL C 86 33.53 20.16 -22.05
N THR C 87 34.56 20.41 -21.23
CA THR C 87 34.39 20.57 -19.79
C THR C 87 34.75 21.99 -19.42
N PHE C 88 33.87 22.63 -18.63
CA PHE C 88 34.05 24.01 -18.20
C PHE C 88 34.32 24.06 -16.70
N GLY C 89 35.20 24.98 -16.31
CA GLY C 89 35.52 25.23 -14.92
C GLY C 89 35.75 26.71 -14.65
N PHE C 90 35.74 27.04 -13.36
CA PHE C 90 35.89 28.42 -12.93
C PHE C 90 37.01 28.54 -11.92
N GLY C 91 37.89 29.51 -12.19
CA GLY C 91 39.00 29.75 -11.27
C GLY C 91 38.57 30.69 -10.14
N PRO C 92 39.39 30.78 -9.08
CA PRO C 92 39.15 31.72 -7.98
C PRO C 92 38.88 33.16 -8.41
N SER C 93 39.62 33.66 -9.41
CA SER C 93 39.50 35.05 -9.87
C SER C 93 38.13 35.32 -10.50
N PHE C 94 37.36 34.27 -10.76
CA PHE C 94 36.00 34.45 -11.25
C PHE C 94 35.10 35.03 -10.13
N PHE C 95 35.41 34.66 -8.89
CA PHE C 95 34.57 34.92 -7.73
C PHE C 95 35.03 36.21 -7.06
N GLU C 96 36.36 36.42 -7.02
CA GLU C 96 36.97 37.61 -6.46
C GLU C 96 38.27 37.93 -7.20
N LYS C 97 38.35 39.15 -7.75
CA LYS C 97 39.56 39.60 -8.42
C LYS C 97 40.00 40.93 -7.81
N ASP C 98 41.15 40.90 -7.11
CA ASP C 98 41.83 42.08 -6.58
C ASP C 98 40.99 42.71 -5.47
N GLY C 99 40.53 41.87 -4.53
CA GLY C 99 39.74 42.31 -3.40
C GLY C 99 38.25 42.49 -3.74
N LYS C 100 37.90 42.53 -5.02
CA LYS C 100 36.54 42.86 -5.44
C LYS C 100 35.83 41.62 -5.95
N ASP C 101 34.55 41.46 -5.53
CA ASP C 101 33.63 40.43 -5.99
C ASP C 101 32.85 40.98 -7.18
N ARG C 102 33.51 40.98 -8.35
CA ARG C 102 33.09 41.62 -9.63
C ARG C 102 31.76 41.15 -10.24
N PHE C 103 31.07 40.16 -9.68
CA PHE C 103 29.82 39.75 -10.33
C PHE C 103 28.75 39.41 -9.30
N GLY C 104 29.08 39.62 -8.03
CA GLY C 104 28.19 39.29 -6.93
C GLY C 104 28.04 37.79 -6.71
N LEU C 105 29.16 37.08 -6.57
CA LEU C 105 29.10 35.61 -6.50
C LEU C 105 29.91 35.08 -5.31
N LYS C 106 30.60 35.96 -4.56
CA LYS C 106 31.47 35.50 -3.48
C LYS C 106 30.70 34.57 -2.55
N SER C 107 29.38 34.75 -2.51
CA SER C 107 28.57 33.95 -1.63
C SER C 107 28.45 32.49 -2.11
N LYS C 108 28.58 32.25 -3.42
CA LYS C 108 28.31 30.93 -3.98
C LYS C 108 29.63 30.28 -4.35
N LYS C 109 30.72 30.80 -3.80
CA LYS C 109 32.08 30.40 -4.05
C LYS C 109 32.34 29.00 -3.47
N PRO C 110 32.88 28.03 -4.22
CA PRO C 110 33.18 26.71 -3.65
C PRO C 110 34.10 26.76 -2.42
N LYS C 111 34.03 25.72 -1.60
CA LYS C 111 34.71 25.75 -0.32
C LYS C 111 36.21 25.56 -0.48
N HIS C 112 36.66 24.92 -1.58
CA HIS C 112 38.08 24.60 -1.74
C HIS C 112 38.78 25.35 -2.87
N LEU C 113 38.20 26.46 -3.36
CA LEU C 113 38.73 27.11 -4.54
C LEU C 113 39.67 28.24 -4.14
N ALA C 114 40.96 27.92 -4.17
CA ALA C 114 42.05 28.86 -3.94
C ALA C 114 43.21 28.52 -4.88
N ALA C 115 43.97 29.53 -5.32
CA ALA C 115 45.22 29.20 -6.01
C ALA C 115 46.00 28.21 -5.16
N LEU C 116 46.61 27.20 -5.81
CA LEU C 116 47.43 26.21 -5.15
C LEU C 116 48.60 26.89 -4.47
N PRO C 117 49.06 26.33 -3.33
CA PRO C 117 50.22 26.89 -2.63
C PRO C 117 51.48 26.76 -3.47
N ALA C 118 52.39 27.72 -3.24
CA ALA C 118 53.72 27.70 -3.79
C ALA C 118 54.40 26.42 -3.31
N MET C 119 55.19 25.78 -4.19
CA MET C 119 55.82 24.48 -3.93
C MET C 119 57.30 24.57 -4.28
N PRO C 120 58.17 23.80 -3.58
CA PRO C 120 59.57 23.62 -4.00
C PRO C 120 59.68 23.11 -5.43
N ASN C 121 60.65 23.69 -6.15
CA ASN C 121 60.92 23.32 -7.55
C ASN C 121 59.96 24.00 -8.53
N ASP C 122 58.96 24.75 -8.06
CA ASP C 122 58.09 25.47 -8.98
C ASP C 122 58.96 26.45 -9.79
N ASN C 123 58.63 26.63 -11.07
CA ASN C 123 59.06 27.79 -11.80
C ASN C 123 57.87 28.33 -12.59
N LEU C 124 56.88 28.91 -11.89
CA LEU C 124 55.62 29.21 -12.56
C LEU C 124 55.76 30.48 -13.39
N ASP C 125 55.20 30.42 -14.59
CA ASP C 125 54.90 31.61 -15.37
C ASP C 125 53.46 32.01 -15.07
N GLU C 126 53.31 33.12 -14.36
CA GLU C 126 51.98 33.55 -13.94
C GLU C 126 50.98 33.46 -15.10
N LYS C 127 51.44 33.71 -16.33
CA LYS C 127 50.61 33.77 -17.52
C LYS C 127 50.30 32.37 -18.11
N GLN C 128 50.92 31.32 -17.58
CA GLN C 128 50.62 29.97 -18.02
C GLN C 128 49.75 29.26 -16.99
N GLY C 129 49.23 30.02 -16.02
CA GLY C 129 48.33 29.49 -15.01
C GLY C 129 47.12 30.40 -14.77
N GLY C 130 46.35 30.09 -13.70
CA GLY C 130 45.14 30.77 -13.29
C GLY C 130 44.08 30.85 -14.38
N GLY C 131 43.31 31.95 -14.36
CA GLY C 131 42.28 32.26 -15.34
C GLY C 131 40.90 32.18 -14.71
N ASP C 132 39.93 32.93 -15.27
CA ASP C 132 38.57 33.00 -14.71
C ASP C 132 37.80 31.74 -15.07
N ILE C 133 38.04 31.26 -16.30
CA ILE C 133 37.30 30.18 -16.91
C ILE C 133 38.30 29.25 -17.59
N CYS C 134 38.11 27.95 -17.41
CA CYS C 134 38.86 27.00 -18.21
C CYS C 134 37.91 26.23 -19.12
N ILE C 135 38.40 25.91 -20.31
CA ILE C 135 37.67 25.00 -21.19
C ILE C 135 38.63 23.90 -21.64
N GLN C 136 38.31 22.67 -21.29
CA GLN C 136 38.98 21.45 -21.70
C GLN C 136 38.20 20.82 -22.85
N VAL C 137 38.82 20.76 -24.03
CA VAL C 137 38.21 20.20 -25.22
C VAL C 137 38.95 18.93 -25.62
N CYS C 138 38.22 17.80 -25.60
CA CYS C 138 38.85 16.53 -25.92
C CYS C 138 38.12 15.85 -27.06
N ALA C 139 38.89 15.15 -27.90
CA ALA C 139 38.34 14.33 -28.97
C ALA C 139 39.41 13.34 -29.44
N ASP C 140 39.02 12.38 -30.26
CA ASP C 140 39.95 11.42 -30.83
C ASP C 140 40.62 11.91 -32.11
N ASP C 141 40.33 13.15 -32.50
CA ASP C 141 40.93 13.73 -33.70
C ASP C 141 41.27 15.18 -33.40
N GLU C 142 42.52 15.60 -33.64
CA GLU C 142 42.93 16.94 -33.24
C GLU C 142 42.04 18.00 -33.91
N GLN C 143 41.75 17.83 -35.20
CA GLN C 143 41.06 18.86 -35.99
C GLN C 143 39.67 19.08 -35.38
N VAL C 144 39.06 17.99 -34.88
CA VAL C 144 37.74 18.07 -34.29
C VAL C 144 37.77 18.87 -32.99
N ALA C 145 38.88 18.71 -32.24
CA ALA C 145 39.01 19.37 -30.95
C ALA C 145 39.34 20.84 -31.25
N PHE C 146 40.19 21.09 -32.25
CA PHE C 146 40.47 22.48 -32.51
C PHE C 146 39.22 23.24 -33.00
N HIS C 147 38.47 22.61 -33.89
CA HIS C 147 37.28 23.23 -34.44
C HIS C 147 36.41 23.71 -33.27
N ALA C 148 36.20 22.80 -32.31
CA ALA C 148 35.33 23.07 -31.19
C ALA C 148 35.87 24.22 -30.36
N LEU C 149 37.17 24.16 -30.00
CA LEU C 149 37.67 25.27 -29.21
C LEU C 149 37.45 26.59 -29.96
N ARG C 150 37.85 26.62 -31.23
CA ARG C 150 37.83 27.82 -32.04
C ARG C 150 36.41 28.42 -32.07
N ASN C 151 35.40 27.57 -32.19
CA ASN C 151 34.04 28.05 -32.38
C ASN C 151 33.56 28.59 -31.05
N LEU C 152 33.92 27.90 -29.94
CA LEU C 152 33.61 28.41 -28.60
C LEU C 152 34.32 29.74 -28.34
N LEU C 153 35.61 29.83 -28.66
CA LEU C 153 36.30 31.05 -28.34
C LEU C 153 35.65 32.22 -29.09
N ASN C 154 35.29 31.98 -30.37
CA ASN C 154 34.66 33.00 -31.21
C ASN C 154 33.43 33.56 -30.49
N GLN C 155 32.70 32.72 -29.74
CA GLN C 155 31.51 33.21 -29.06
C GLN C 155 31.94 34.17 -27.96
N ALA C 156 33.18 34.03 -27.45
CA ALA C 156 33.52 34.73 -26.22
C ALA C 156 34.15 36.08 -26.52
N VAL C 157 34.28 36.39 -27.79
CA VAL C 157 34.96 37.63 -28.14
C VAL C 157 33.99 38.77 -27.76
N GLY C 158 34.49 39.77 -27.04
CA GLY C 158 33.60 40.82 -26.59
C GLY C 158 33.34 40.74 -25.08
N THR C 159 33.47 39.53 -24.51
CA THR C 159 33.23 39.25 -23.11
C THR C 159 34.50 38.82 -22.36
N CYS C 160 35.40 38.08 -23.03
CA CYS C 160 36.60 37.52 -22.41
C CYS C 160 37.85 37.83 -23.25
N GLU C 161 39.04 37.81 -22.62
CA GLU C 161 40.28 37.64 -23.36
C GLU C 161 40.79 36.23 -23.08
N VAL C 162 41.43 35.58 -24.07
CA VAL C 162 42.04 34.29 -23.86
C VAL C 162 43.35 34.47 -23.11
N ARG C 163 43.58 33.65 -22.09
CA ARG C 163 44.81 33.85 -21.32
C ARG C 163 45.91 32.94 -21.86
N PHE C 164 45.61 31.66 -22.15
CA PHE C 164 46.58 30.75 -22.77
C PHE C 164 45.81 29.62 -23.45
N VAL C 165 46.42 28.97 -24.44
CA VAL C 165 45.83 27.78 -25.07
C VAL C 165 46.92 26.72 -25.14
N ASN C 166 46.70 25.54 -24.56
CA ASN C 166 47.61 24.40 -24.63
C ASN C 166 46.91 23.29 -25.38
N LYS C 167 47.71 22.41 -25.97
CA LYS C 167 47.15 21.20 -26.50
C LYS C 167 48.05 20.01 -26.18
N GLY C 168 47.47 18.81 -26.22
CA GLY C 168 48.22 17.63 -25.87
C GLY C 168 47.70 16.38 -26.55
N PHE C 169 48.45 15.30 -26.41
CA PHE C 169 48.04 14.03 -26.98
C PHE C 169 48.40 12.92 -25.99
N LEU C 170 47.64 11.82 -26.06
CA LEU C 170 48.01 10.60 -25.36
C LEU C 170 47.35 9.40 -26.03
N SER C 171 48.15 8.57 -26.72
CA SER C 171 47.52 7.46 -27.40
C SER C 171 47.50 6.21 -26.54
N GLY C 172 46.31 5.64 -26.36
CA GLY C 172 46.13 4.32 -25.77
C GLY C 172 46.68 3.21 -26.67
N GLY C 173 46.99 2.06 -26.08
CA GLY C 173 47.51 0.96 -26.89
C GLY C 173 46.49 0.40 -27.88
N LYS C 174 47.01 -0.38 -28.85
CA LYS C 174 46.19 -0.84 -29.96
C LYS C 174 45.10 -1.80 -29.44
N ASN C 175 45.47 -2.61 -28.43
CA ASN C 175 44.63 -3.63 -27.82
C ASN C 175 44.07 -3.13 -26.50
N GLY C 176 43.96 -1.82 -26.31
CA GLY C 176 43.38 -1.32 -25.06
C GLY C 176 44.41 -1.13 -23.95
N GLU C 177 45.72 -1.19 -24.24
CA GLU C 177 46.71 -1.04 -23.18
C GLU C 177 46.67 0.38 -22.60
N THR C 178 47.00 0.50 -21.30
CA THR C 178 47.08 1.78 -20.63
C THR C 178 47.95 2.69 -21.51
N PRO C 179 47.60 3.99 -21.75
CA PRO C 179 48.46 4.88 -22.53
C PRO C 179 49.80 5.20 -21.86
N ARG C 180 50.83 5.39 -22.70
CA ARG C 180 52.20 5.64 -22.21
C ARG C 180 52.59 7.12 -22.44
N ASN C 181 53.04 7.77 -21.36
CA ASN C 181 53.50 9.15 -21.38
C ASN C 181 54.86 9.23 -22.10
N LEU C 182 55.43 10.45 -22.20
CA LEU C 182 56.60 10.67 -23.01
C LEU C 182 57.84 10.01 -22.38
N PHE C 183 57.75 9.58 -21.10
CA PHE C 183 58.85 8.90 -20.45
C PHE C 183 58.74 7.42 -20.75
N GLY C 184 57.69 7.03 -21.51
CA GLY C 184 57.59 5.69 -22.04
C GLY C 184 56.97 4.73 -21.02
N PHE C 185 56.49 5.27 -19.88
CA PHE C 185 55.80 4.45 -18.90
C PHE C 185 54.27 4.53 -19.06
N LYS C 186 53.56 3.44 -18.74
CA LYS C 186 52.12 3.50 -18.62
C LYS C 186 51.69 4.55 -17.60
N ASP C 187 50.68 5.32 -18.00
CA ASP C 187 50.21 6.48 -17.24
C ASP C 187 48.72 6.30 -17.03
N GLY C 188 48.29 6.09 -15.76
CA GLY C 188 46.89 5.92 -15.41
C GLY C 188 46.55 4.66 -14.59
N THR C 189 47.52 3.72 -14.46
CA THR C 189 47.33 2.44 -13.76
C THR C 189 46.69 2.63 -12.38
N GLY C 190 47.19 3.59 -11.61
CA GLY C 190 46.74 3.75 -10.24
C GLY C 190 45.35 4.39 -10.11
N ASN C 191 44.73 4.84 -11.22
CA ASN C 191 43.39 5.43 -11.11
C ASN C 191 42.43 4.28 -10.79
N GLN C 192 41.39 4.56 -9.99
CA GLN C 192 40.27 3.62 -9.90
C GLN C 192 39.51 3.62 -11.22
N SER C 193 38.66 2.60 -11.42
CA SER C 193 37.91 2.45 -12.66
C SER C 193 36.89 3.58 -12.77
N THR C 194 36.84 4.24 -13.93
CA THR C 194 35.90 5.33 -14.08
C THR C 194 34.45 4.80 -14.31
N GLU C 195 34.27 3.48 -14.26
CA GLU C 195 32.98 2.81 -14.33
C GLU C 195 32.55 2.31 -12.95
N ASP C 196 33.40 2.42 -11.93
CA ASP C 196 33.01 2.08 -10.57
C ASP C 196 32.35 3.30 -9.92
N ASP C 197 31.00 3.34 -9.92
CA ASP C 197 30.27 4.53 -9.52
C ASP C 197 30.58 4.94 -8.09
N SER C 198 30.79 3.92 -7.25
CA SER C 198 31.05 4.10 -5.85
C SER C 198 32.37 4.85 -5.64
N LEU C 199 33.45 4.34 -6.27
CA LEU C 199 34.76 4.96 -6.15
C LEU C 199 34.81 6.36 -6.79
N MET C 200 34.14 6.56 -7.95
CA MET C 200 34.04 7.88 -8.58
C MET C 200 33.25 8.85 -7.68
N ASN C 201 32.22 8.37 -6.96
CA ASN C 201 31.48 9.25 -6.05
C ASN C 201 32.33 9.64 -4.85
N SER C 202 33.21 8.75 -4.37
CA SER C 202 33.97 9.13 -3.19
C SER C 202 35.26 9.91 -3.54
N ILE C 203 35.74 9.82 -4.79
CA ILE C 203 37.02 10.41 -5.18
C ILE C 203 36.78 11.73 -5.91
N VAL C 204 35.87 11.71 -6.89
CA VAL C 204 35.67 12.77 -7.88
C VAL C 204 34.48 13.68 -7.56
N TRP C 205 33.27 13.13 -7.43
CA TRP C 205 32.02 13.88 -7.49
C TRP C 205 31.61 14.47 -6.15
N VAL C 206 31.28 15.76 -6.20
CA VAL C 206 30.73 16.51 -5.07
C VAL C 206 29.25 16.12 -4.88
N GLN C 207 28.85 15.98 -3.59
CA GLN C 207 27.51 15.58 -3.22
C GLN C 207 26.92 16.49 -2.12
N SER C 208 27.75 17.21 -1.37
CA SER C 208 27.32 17.97 -0.21
C SER C 208 28.52 18.75 0.30
N GLY C 209 28.24 19.79 1.10
CA GLY C 209 29.25 20.70 1.65
C GLY C 209 29.60 21.83 0.69
N GLU C 210 28.95 21.90 -0.47
CA GLU C 210 29.35 22.89 -1.46
C GLU C 210 28.08 23.64 -1.87
N PRO C 211 28.17 24.82 -2.49
CA PRO C 211 26.99 25.43 -3.09
C PRO C 211 26.40 24.42 -4.07
N ASP C 212 25.10 24.55 -4.34
CA ASP C 212 24.34 23.57 -5.08
C ASP C 212 24.80 23.50 -6.52
N TRP C 213 25.32 24.63 -7.05
CA TRP C 213 25.73 24.62 -8.44
C TRP C 213 26.85 23.57 -8.63
N MET C 214 27.56 23.26 -7.53
CA MET C 214 28.70 22.34 -7.52
C MET C 214 28.27 20.89 -7.36
N THR C 215 26.97 20.65 -7.14
CA THR C 215 26.49 19.29 -6.92
C THR C 215 26.62 18.47 -8.21
N GLY C 216 27.22 17.27 -8.11
CA GLY C 216 27.55 16.50 -9.31
C GLY C 216 28.80 17.03 -10.04
N GLY C 217 29.51 17.98 -9.43
CA GLY C 217 30.64 18.68 -10.04
C GLY C 217 31.94 18.20 -9.38
N THR C 218 33.07 18.87 -9.66
CA THR C 218 34.34 18.45 -9.07
C THR C 218 35.37 19.58 -9.15
N TYR C 219 36.55 19.35 -8.58
CA TYR C 219 37.68 20.26 -8.71
C TYR C 219 38.69 19.71 -9.69
N MET C 220 39.10 20.58 -10.62
CA MET C 220 40.10 20.29 -11.64
C MET C 220 41.42 21.01 -11.30
N ALA C 221 42.48 20.21 -11.13
CA ALA C 221 43.83 20.73 -10.89
C ALA C 221 44.60 20.67 -12.21
N PHE C 222 45.30 21.77 -12.52
CA PHE C 222 46.10 21.81 -13.73
C PHE C 222 47.54 22.09 -13.32
N ARG C 223 48.48 21.24 -13.78
CA ARG C 223 49.89 21.55 -13.66
C ARG C 223 50.54 21.36 -15.03
N LYS C 224 51.25 22.39 -15.54
CA LYS C 224 51.96 22.18 -16.80
C LYS C 224 53.41 21.82 -16.44
N ILE C 225 53.86 20.61 -16.82
CA ILE C 225 55.09 20.09 -16.25
C ILE C 225 56.00 19.72 -17.40
N LYS C 226 57.09 20.48 -17.47
CA LYS C 226 58.05 20.29 -18.52
C LYS C 226 58.81 19.01 -18.19
N MET C 227 59.02 18.16 -19.19
CA MET C 227 59.70 16.91 -18.94
C MET C 227 61.00 17.01 -19.73
N PHE C 228 62.12 16.74 -19.06
CA PHE C 228 63.39 16.93 -19.75
C PHE C 228 63.82 15.66 -20.47
N LEU C 229 63.33 15.50 -21.71
CA LEU C 229 63.48 14.24 -22.43
C LEU C 229 64.96 13.94 -22.71
N GLU C 230 65.73 15.00 -23.00
CA GLU C 230 67.15 14.84 -23.31
C GLU C 230 67.89 14.19 -22.14
N ILE C 231 67.60 14.65 -20.91
CA ILE C 231 68.20 14.09 -19.70
C ILE C 231 67.71 12.65 -19.45
N TRP C 232 66.38 12.47 -19.42
CA TRP C 232 65.77 11.14 -19.30
C TRP C 232 66.36 10.12 -20.29
N ASP C 233 66.52 10.49 -21.56
CA ASP C 233 66.88 9.52 -22.58
C ASP C 233 68.33 9.05 -22.40
N ARG C 234 69.10 9.78 -21.62
CA ARG C 234 70.49 9.40 -21.40
C ARG C 234 70.62 8.64 -20.09
N SER C 235 69.49 8.45 -19.36
CA SER C 235 69.46 7.77 -18.07
C SER C 235 69.32 6.28 -18.32
N SER C 236 69.89 5.48 -17.40
CA SER C 236 69.82 4.03 -17.53
C SER C 236 68.38 3.55 -17.29
N LEU C 237 68.01 2.39 -17.87
CA LEU C 237 66.71 1.81 -17.59
C LEU C 237 66.53 1.59 -16.09
N LYS C 238 67.61 1.25 -15.36
CA LYS C 238 67.46 1.05 -13.93
C LYS C 238 67.07 2.35 -13.23
N ASP C 239 67.73 3.48 -13.56
CA ASP C 239 67.33 4.73 -12.94
C ASP C 239 65.92 5.16 -13.35
N GLN C 240 65.49 4.82 -14.58
CA GLN C 240 64.16 5.22 -15.04
C GLN C 240 63.12 4.47 -14.19
N GLU C 241 63.30 3.17 -13.99
CA GLU C 241 62.34 2.38 -13.23
C GLU C 241 62.40 2.73 -11.75
N ASP C 242 63.60 3.07 -11.21
CA ASP C 242 63.66 3.46 -9.79
C ASP C 242 62.98 4.79 -9.56
N THR C 243 62.89 5.62 -10.60
CA THR C 243 62.29 6.94 -10.47
C THR C 243 60.81 6.77 -10.10
N PHE C 244 60.17 5.77 -10.70
CA PHE C 244 58.73 5.48 -10.60
C PHE C 244 58.39 4.37 -9.60
N GLY C 245 59.09 3.24 -9.64
CA GLY C 245 58.73 2.14 -8.74
C GLY C 245 57.85 1.15 -9.48
N ARG C 246 57.77 1.31 -10.81
CA ARG C 246 57.19 0.29 -11.66
C ARG C 246 58.22 -0.12 -12.71
N ARG C 247 58.05 -1.31 -13.26
CA ARG C 247 58.85 -1.78 -14.37
C ARG C 247 58.29 -1.11 -15.62
N LYS C 248 59.18 -0.75 -16.55
CA LYS C 248 58.79 0.15 -17.62
C LYS C 248 57.86 -0.57 -18.59
N SER C 249 58.31 -1.75 -19.02
CA SER C 249 57.64 -2.47 -20.09
C SER C 249 56.31 -3.06 -19.58
N SER C 250 56.35 -3.74 -18.42
CA SER C 250 55.16 -4.42 -17.88
C SER C 250 54.20 -3.46 -17.20
N GLY C 251 54.73 -2.37 -16.60
CA GLY C 251 54.00 -1.45 -15.73
C GLY C 251 53.75 -2.01 -14.32
N ALA C 252 54.39 -3.15 -14.01
CA ALA C 252 54.19 -3.86 -12.74
C ALA C 252 54.95 -3.16 -11.61
N PRO C 253 54.39 -3.06 -10.39
CA PRO C 253 55.15 -2.53 -9.24
C PRO C 253 56.34 -3.46 -9.08
N PHE C 254 57.46 -2.94 -8.62
CA PHE C 254 58.61 -3.79 -8.31
C PHE C 254 58.13 -4.99 -7.47
N GLY C 255 58.51 -6.21 -7.88
CA GLY C 255 58.32 -7.45 -7.14
C GLY C 255 56.99 -8.11 -7.47
N GLN C 256 56.21 -7.49 -8.37
CA GLN C 256 54.92 -8.02 -8.76
C GLN C 256 54.99 -8.43 -10.22
N LYS C 257 54.00 -9.18 -10.69
CA LYS C 257 54.12 -9.81 -12.00
C LYS C 257 53.35 -9.02 -13.07
N LYS C 258 52.27 -8.33 -12.65
CA LYS C 258 51.31 -7.70 -13.54
C LYS C 258 51.15 -6.23 -13.17
N GLU C 259 50.83 -5.41 -14.19
CA GLU C 259 50.48 -4.00 -14.08
C GLU C 259 49.46 -3.72 -12.97
N THR C 260 48.42 -4.56 -12.89
CA THR C 260 47.29 -4.37 -11.97
C THR C 260 47.61 -4.88 -10.55
N ASP C 261 48.72 -5.62 -10.36
CA ASP C 261 49.00 -6.08 -9.00
C ASP C 261 49.04 -4.88 -8.08
N PRO C 262 48.76 -5.06 -6.77
CA PRO C 262 48.90 -3.98 -5.80
C PRO C 262 50.36 -3.58 -5.61
N VAL C 263 50.56 -2.31 -5.29
CA VAL C 263 51.90 -1.84 -5.02
C VAL C 263 52.31 -2.39 -3.67
N LYS C 264 53.42 -3.12 -3.63
CA LYS C 264 54.05 -3.41 -2.35
C LYS C 264 55.07 -2.32 -2.03
N LEU C 265 54.73 -1.41 -1.11
CA LEU C 265 55.54 -0.23 -0.78
C LEU C 265 56.94 -0.53 -0.27
N ASN C 266 57.14 -1.64 0.43
CA ASN C 266 58.45 -1.90 1.00
C ASN C 266 59.36 -2.55 -0.04
N GLN C 267 58.89 -2.67 -1.29
CA GLN C 267 59.70 -3.16 -2.38
C GLN C 267 60.08 -2.09 -3.41
N ILE C 268 59.73 -0.80 -3.21
CA ILE C 268 60.09 0.26 -4.16
C ILE C 268 60.79 1.38 -3.38
N PRO C 269 61.74 2.15 -3.99
CA PRO C 269 62.48 3.17 -3.23
C PRO C 269 61.56 4.17 -2.54
N SER C 270 62.05 4.69 -1.44
CA SER C 270 61.28 5.58 -0.61
C SER C 270 61.09 6.94 -1.29
N ASN C 271 61.96 7.27 -2.26
CA ASN C 271 61.79 8.48 -3.07
C ASN C 271 61.18 8.22 -4.45
N SER C 272 60.74 6.98 -4.75
CA SER C 272 60.03 6.73 -6.00
C SER C 272 58.73 7.52 -6.06
N HIS C 273 58.36 7.92 -7.28
CA HIS C 273 57.17 8.72 -7.55
C HIS C 273 55.93 7.99 -6.99
N VAL C 274 55.83 6.70 -7.24
CA VAL C 274 54.66 5.90 -6.83
C VAL C 274 54.64 5.75 -5.31
N SER C 275 55.80 5.56 -4.66
CA SER C 275 55.80 5.42 -3.22
C SER C 275 55.32 6.71 -2.56
N LEU C 276 55.80 7.86 -3.05
CA LEU C 276 55.43 9.11 -2.42
C LEU C 276 53.95 9.44 -2.66
N ALA C 277 53.47 9.23 -3.90
CA ALA C 277 52.10 9.62 -4.19
C ALA C 277 51.13 8.78 -3.36
N LYS C 278 51.41 7.47 -3.31
CA LYS C 278 50.50 6.49 -2.74
C LYS C 278 50.56 6.51 -1.20
N SER C 279 51.70 6.91 -0.62
CA SER C 279 51.88 6.90 0.82
C SER C 279 51.12 8.00 1.56
N THR C 280 50.51 8.96 0.85
CA THR C 280 49.63 9.92 1.50
C THR C 280 48.32 9.24 1.83
N GLY C 281 48.04 8.11 1.19
CA GLY C 281 46.78 7.41 1.45
C GLY C 281 45.60 8.04 0.72
N LYS C 282 45.87 8.91 -0.25
CA LYS C 282 44.82 9.69 -0.90
C LYS C 282 44.67 9.19 -2.32
N GLN C 283 43.54 9.56 -2.94
CA GLN C 283 43.28 9.23 -4.33
C GLN C 283 42.82 10.45 -5.10
N ILE C 284 43.10 10.44 -6.41
CA ILE C 284 42.63 11.45 -7.34
C ILE C 284 42.41 10.71 -8.65
N LEU C 285 41.68 11.34 -9.58
CA LEU C 285 41.51 10.82 -10.91
C LEU C 285 42.35 11.64 -11.88
N ARG C 286 43.42 11.04 -12.41
CA ARG C 286 44.37 11.68 -13.30
C ARG C 286 43.92 11.50 -14.74
N ARG C 287 43.89 12.60 -15.49
CA ARG C 287 43.47 12.54 -16.87
C ARG C 287 44.33 13.49 -17.70
N ALA C 288 45.63 13.16 -17.77
CA ALA C 288 46.68 14.01 -18.32
C ALA C 288 46.89 13.77 -19.82
N PHE C 289 47.49 14.76 -20.51
CA PHE C 289 47.91 14.56 -21.88
C PHE C 289 49.35 15.05 -22.06
N SER C 290 50.08 14.46 -23.01
CA SER C 290 51.46 14.86 -23.29
C SER C 290 51.42 16.09 -24.17
N TYR C 291 52.49 16.90 -24.17
CA TYR C 291 52.55 18.01 -25.12
C TYR C 291 53.97 18.16 -25.68
N THR C 292 54.06 18.64 -26.92
CA THR C 292 55.31 19.11 -27.52
C THR C 292 55.01 20.48 -28.10
N GLU C 293 55.94 21.43 -27.93
CA GLU C 293 55.78 22.83 -28.35
C GLU C 293 57.01 23.33 -29.12
N GLY C 294 57.48 22.56 -30.12
CA GLY C 294 58.65 22.92 -30.90
C GLY C 294 59.92 22.89 -30.05
N LEU C 295 60.93 23.67 -30.46
CA LEU C 295 62.22 23.68 -29.78
C LEU C 295 62.12 24.61 -28.59
N ASP C 296 62.68 24.17 -27.47
CA ASP C 296 62.83 25.07 -26.33
C ASP C 296 64.02 25.99 -26.56
N PRO C 297 63.82 27.34 -26.64
CA PRO C 297 64.89 28.28 -26.97
C PRO C 297 65.92 28.43 -25.85
N LYS C 298 65.52 28.16 -24.61
CA LYS C 298 66.45 28.26 -23.49
C LYS C 298 67.37 27.05 -23.48
N THR C 299 67.00 25.96 -24.15
CA THR C 299 67.81 24.76 -23.98
C THR C 299 68.20 24.23 -25.35
N GLY C 300 67.44 24.61 -26.39
CA GLY C 300 67.72 24.13 -27.72
C GLY C 300 67.39 22.66 -27.92
N TYR C 301 66.60 22.07 -26.99
CA TYR C 301 66.00 20.76 -27.24
C TYR C 301 64.46 20.89 -27.36
N MET C 302 63.77 19.79 -27.72
CA MET C 302 62.32 19.73 -27.70
C MET C 302 61.81 20.35 -26.41
N ASP C 303 60.83 21.24 -26.53
CA ASP C 303 60.05 21.67 -25.38
C ASP C 303 58.85 20.71 -25.26
N ALA C 304 58.84 19.85 -24.24
CA ALA C 304 57.83 18.80 -24.12
C ALA C 304 57.46 18.57 -22.65
N GLY C 305 56.28 18.01 -22.39
CA GLY C 305 55.97 17.73 -21.00
C GLY C 305 54.61 17.07 -20.82
N LEU C 306 54.04 17.30 -19.65
CA LEU C 306 52.75 16.74 -19.35
C LEU C 306 51.81 17.91 -19.05
N LEU C 307 50.63 17.90 -19.71
CA LEU C 307 49.52 18.70 -19.22
C LEU C 307 48.91 17.85 -18.11
N PHE C 308 49.36 18.03 -16.86
CA PHE C 308 48.73 17.27 -15.80
C PHE C 308 47.33 17.83 -15.50
N ILE C 309 46.30 16.98 -15.61
CA ILE C 309 44.93 17.35 -15.27
C ILE C 309 44.39 16.23 -14.40
N SER C 310 43.90 16.58 -13.19
CA SER C 310 43.30 15.61 -12.28
C SER C 310 42.00 16.14 -11.67
N PHE C 311 41.14 15.20 -11.26
CA PHE C 311 39.83 15.50 -10.70
C PHE C 311 39.75 14.91 -9.29
N GLN C 312 39.21 15.72 -8.36
CA GLN C 312 39.09 15.39 -6.95
C GLN C 312 37.99 16.28 -6.34
N LYS C 313 37.17 15.68 -5.48
CA LYS C 313 36.04 16.42 -4.93
C LYS C 313 36.54 17.38 -3.85
N ASN C 314 37.63 17.04 -3.19
CA ASN C 314 38.20 17.95 -2.22
C ASN C 314 39.72 18.06 -2.47
N PRO C 315 40.19 19.12 -3.16
CA PRO C 315 41.64 19.28 -3.39
C PRO C 315 42.51 19.43 -2.14
N ASP C 316 41.94 19.98 -1.08
CA ASP C 316 42.71 20.23 0.13
C ASP C 316 43.02 18.89 0.78
N ASN C 317 42.06 17.96 0.66
CA ASN C 317 42.21 16.65 1.24
C ASN C 317 43.05 15.72 0.35
N GLN C 318 42.79 15.76 -0.96
CA GLN C 318 43.21 14.66 -1.81
C GLN C 318 44.47 15.03 -2.60
N PHE C 319 44.57 16.29 -3.06
CA PHE C 319 45.59 16.66 -4.04
C PHE C 319 46.78 17.37 -3.41
N ILE C 320 46.52 18.42 -2.62
CA ILE C 320 47.56 19.28 -2.06
C ILE C 320 48.55 18.50 -1.18
N PRO C 321 48.13 17.46 -0.42
CA PRO C 321 49.10 16.60 0.29
C PRO C 321 50.01 15.77 -0.62
N MET C 322 49.51 15.32 -1.77
CA MET C 322 50.34 14.58 -2.73
C MET C 322 51.38 15.51 -3.37
N LEU C 323 50.89 16.69 -3.80
CA LEU C 323 51.75 17.77 -4.26
C LEU C 323 52.86 18.12 -3.26
N LYS C 324 52.52 18.35 -1.98
CA LYS C 324 53.47 18.59 -0.90
C LYS C 324 54.54 17.50 -0.78
N ALA C 325 54.11 16.24 -0.90
CA ALA C 325 54.98 15.08 -0.70
C ALA C 325 55.90 14.86 -1.91
N LEU C 326 55.42 15.13 -3.13
CA LEU C 326 56.22 14.90 -4.32
C LEU C 326 57.27 15.99 -4.43
N SER C 327 56.83 17.24 -4.24
CA SER C 327 57.66 18.43 -4.43
C SER C 327 58.90 18.41 -3.52
N ALA C 328 58.75 17.86 -2.32
CA ALA C 328 59.84 17.79 -1.36
C ALA C 328 60.92 16.77 -1.74
N LYS C 329 60.57 15.65 -2.44
CA LYS C 329 61.38 14.45 -2.34
C LYS C 329 61.39 13.59 -3.61
N ASP C 330 60.48 13.84 -4.57
CA ASP C 330 60.28 12.90 -5.63
C ASP C 330 61.56 12.78 -6.46
N ALA C 331 61.95 11.54 -6.80
CA ALA C 331 63.04 11.30 -7.74
C ALA C 331 62.76 11.93 -9.11
N LEU C 332 61.48 11.92 -9.51
CA LEU C 332 61.04 12.53 -10.76
C LEU C 332 61.45 14.00 -10.87
N ASN C 333 61.61 14.70 -9.75
CA ASN C 333 62.00 16.11 -9.76
C ASN C 333 63.29 16.36 -10.53
N GLU C 334 64.16 15.34 -10.65
CA GLU C 334 65.39 15.47 -11.44
C GLU C 334 65.12 15.65 -12.94
N TYR C 335 63.91 15.30 -13.42
CA TYR C 335 63.64 15.28 -14.84
C TYR C 335 62.44 16.14 -15.21
N THR C 336 61.96 16.95 -14.28
CA THR C 336 60.74 17.69 -14.53
C THR C 336 60.80 19.04 -13.83
N GLN C 337 59.97 19.95 -14.35
CA GLN C 337 59.75 21.22 -13.69
C GLN C 337 58.37 21.75 -14.06
N THR C 338 57.63 22.20 -13.06
CA THR C 338 56.29 22.69 -13.29
C THR C 338 56.38 24.16 -13.65
N ILE C 339 55.72 24.55 -14.74
CA ILE C 339 55.82 25.94 -15.12
C ILE C 339 54.46 26.59 -15.25
N GLY C 340 53.39 25.85 -14.98
CA GLY C 340 52.05 26.39 -15.05
C GLY C 340 51.17 25.69 -14.02
N SER C 341 50.25 26.45 -13.39
CA SER C 341 49.43 25.94 -12.31
C SER C 341 48.06 26.64 -12.34
N ALA C 342 46.98 25.86 -12.15
CA ALA C 342 45.67 26.42 -11.89
C ALA C 342 44.80 25.41 -11.14
N LEU C 343 43.76 25.92 -10.46
CA LEU C 343 42.73 25.11 -9.85
C LEU C 343 41.37 25.67 -10.25
N TYR C 344 40.45 24.80 -10.70
CA TYR C 344 39.17 25.29 -11.16
C TYR C 344 38.06 24.48 -10.51
N ALA C 345 36.91 25.13 -10.33
CA ALA C 345 35.71 24.44 -9.90
C ALA C 345 34.90 24.09 -11.14
N CYS C 346 34.61 22.80 -11.31
CA CYS C 346 33.78 22.42 -12.44
C CYS C 346 32.33 22.31 -11.98
N PRO C 347 31.37 23.14 -12.50
CA PRO C 347 29.94 22.92 -12.28
C PRO C 347 29.49 21.47 -12.40
N GLY C 348 28.36 21.14 -11.73
CA GLY C 348 27.64 19.91 -11.97
C GLY C 348 27.17 19.89 -13.41
N GLY C 349 26.60 18.77 -13.87
CA GLY C 349 26.20 18.69 -15.25
C GLY C 349 24.98 19.55 -15.56
N CYS C 350 24.70 19.65 -16.86
CA CYS C 350 23.65 20.51 -17.36
C CYS C 350 22.47 19.64 -17.78
N LYS C 351 21.26 20.01 -17.29
CA LYS C 351 20.04 19.38 -17.72
C LYS C 351 19.57 20.01 -19.03
N LYS C 352 18.95 19.18 -19.88
CA LYS C 352 18.21 19.63 -21.05
C LYS C 352 17.29 20.76 -20.60
N GLY C 353 17.39 21.93 -21.25
CA GLY C 353 16.58 23.08 -20.87
C GLY C 353 17.29 24.02 -19.91
N GLU C 354 18.42 23.58 -19.33
CA GLU C 354 19.19 24.47 -18.48
C GLU C 354 20.48 24.88 -19.20
N TYR C 355 21.24 25.81 -18.62
CA TYR C 355 22.53 26.15 -19.22
C TYR C 355 23.62 26.02 -18.17
N ILE C 356 24.88 25.99 -18.64
CA ILE C 356 25.98 25.61 -17.79
C ILE C 356 26.13 26.68 -16.70
N ALA C 357 26.22 26.25 -15.42
CA ALA C 357 26.46 27.19 -14.35
C ALA C 357 25.25 28.10 -14.09
N GLN C 358 24.11 27.76 -14.69
CA GLN C 358 22.88 28.51 -14.47
C GLN C 358 22.66 28.74 -12.98
N ARG C 359 22.84 27.70 -12.18
CA ARG C 359 22.57 27.79 -10.76
C ARG C 359 23.60 28.66 -10.07
N LEU C 360 24.75 28.89 -10.71
CA LEU C 360 25.66 29.86 -10.13
C LEU C 360 25.23 31.27 -10.51
N LEU C 361 24.76 31.45 -11.74
CA LEU C 361 24.70 32.78 -12.31
C LEU C 361 23.32 33.40 -12.06
N GLU C 362 22.29 32.56 -11.95
CA GLU C 362 20.92 33.06 -11.86
C GLU C 362 20.56 33.40 -10.42
N SER C 363 19.66 34.41 -10.29
CA SER C 363 19.30 35.08 -9.05
C SER C 363 20.37 36.11 -8.68
N GLU D 2 31.83 36.49 9.57
CA GLU D 2 30.80 36.97 10.56
C GLU D 2 29.51 36.15 10.46
N GLU D 3 29.14 35.74 9.23
CA GLU D 3 27.80 35.25 8.90
C GLU D 3 27.63 33.78 9.26
N GLN D 4 26.94 33.55 10.38
CA GLN D 4 26.80 32.23 11.00
C GLN D 4 25.40 31.70 10.67
N ILE D 5 25.20 31.26 9.42
CA ILE D 5 23.88 30.94 8.90
C ILE D 5 23.93 29.55 8.28
N VAL D 6 23.07 28.64 8.76
CA VAL D 6 22.99 27.33 8.15
C VAL D 6 21.74 27.29 7.31
N PRO D 7 21.81 26.82 6.03
CA PRO D 7 20.64 26.75 5.16
C PRO D 7 19.57 25.89 5.81
N PHE D 8 18.32 26.38 5.77
CA PHE D 8 17.15 25.64 6.20
C PHE D 8 16.74 24.58 5.18
N TYR D 9 16.61 25.02 3.92
CA TYR D 9 16.14 24.20 2.82
C TYR D 9 17.29 23.28 2.39
N GLY D 10 16.96 22.11 1.87
CA GLY D 10 17.98 21.17 1.41
C GLY D 10 17.38 19.79 1.15
N LYS D 11 18.21 18.93 0.56
CA LYS D 11 17.96 17.51 0.40
C LYS D 11 17.71 16.89 1.78
N HIS D 12 18.44 17.38 2.81
CA HIS D 12 18.18 16.91 4.17
C HIS D 12 17.75 18.05 5.08
N GLN D 13 17.25 17.67 6.27
CA GLN D 13 17.10 18.65 7.32
C GLN D 13 18.49 18.96 7.89
N ALA D 14 18.73 20.26 8.19
CA ALA D 14 19.88 20.67 9.00
C ALA D 14 19.73 20.15 10.44
N GLY D 15 20.82 20.23 11.21
CA GLY D 15 20.86 19.84 12.61
C GLY D 15 21.26 18.39 12.83
N ILE D 16 21.69 17.75 11.75
CA ILE D 16 22.00 16.33 11.76
C ILE D 16 23.47 16.10 11.42
N THR D 17 23.90 16.37 10.18
CA THR D 17 25.33 16.36 9.81
C THR D 17 25.96 17.76 9.95
N THR D 18 25.15 18.80 10.18
CA THR D 18 25.61 20.15 10.46
C THR D 18 26.59 20.08 11.62
N ALA D 19 27.62 20.93 11.63
CA ALA D 19 28.60 20.88 12.72
C ALA D 19 27.85 21.15 14.02
N HIS D 20 28.26 20.40 15.06
CA HIS D 20 27.66 20.43 16.37
C HIS D 20 27.70 21.84 16.98
N GLN D 21 26.53 22.49 17.21
CA GLN D 21 26.57 23.77 17.92
C GLN D 21 26.76 23.59 19.43
N THR D 22 26.87 24.71 20.17
CA THR D 22 27.14 24.62 21.59
C THR D 22 25.88 24.34 22.44
N TYR D 23 24.72 24.85 22.01
CA TYR D 23 23.49 24.77 22.82
C TYR D 23 22.35 24.07 22.07
N VAL D 24 21.49 23.42 22.85
CA VAL D 24 20.26 22.73 22.35
C VAL D 24 19.08 23.01 23.28
N TYR D 25 17.89 23.08 22.68
CA TYR D 25 16.57 23.07 23.33
C TYR D 25 15.87 21.94 22.58
N PHE D 26 15.51 20.88 23.28
CA PHE D 26 14.94 19.70 22.66
C PHE D 26 13.54 19.54 23.23
N ALA D 27 12.53 19.63 22.38
CA ALA D 27 11.16 19.69 22.84
C ALA D 27 10.37 18.56 22.18
N ALA D 28 9.33 18.11 22.89
CA ALA D 28 8.38 17.15 22.33
C ALA D 28 6.99 17.72 22.58
N LEU D 29 6.11 17.51 21.60
CA LEU D 29 4.76 18.05 21.63
C LEU D 29 3.83 16.85 21.42
N ASP D 30 2.58 16.95 21.88
CA ASP D 30 1.51 16.06 21.46
C ASP D 30 0.43 16.82 20.69
N VAL D 31 -0.03 16.26 19.56
CA VAL D 31 -1.11 16.88 18.78
C VAL D 31 -2.43 16.63 19.52
N THR D 32 -3.21 17.70 19.79
CA THR D 32 -4.50 17.56 20.45
C THR D 32 -5.65 17.93 19.51
N ALA D 33 -5.35 18.62 18.39
CA ALA D 33 -6.30 18.83 17.30
C ALA D 33 -6.73 17.50 16.66
N LYS D 34 -7.90 17.54 16.02
CA LYS D 34 -8.53 16.31 15.55
C LYS D 34 -8.30 16.08 14.05
N GLU D 35 -8.12 17.14 13.25
CA GLU D 35 -8.10 16.99 11.80
C GLU D 35 -6.72 17.25 11.21
N LYS D 36 -6.37 16.50 10.17
CA LYS D 36 -5.11 16.60 9.46
C LYS D 36 -4.88 17.99 8.88
N SER D 37 -5.94 18.70 8.52
CA SER D 37 -5.82 20.04 7.95
C SER D 37 -5.23 21.01 8.96
N ASP D 38 -5.55 20.85 10.26
CA ASP D 38 -4.95 21.68 11.31
C ASP D 38 -3.44 21.44 11.44
N ILE D 39 -3.00 20.21 11.13
CA ILE D 39 -1.61 19.83 11.22
C ILE D 39 -0.86 20.40 10.02
N ILE D 40 -1.49 20.32 8.84
CA ILE D 40 -0.90 20.92 7.65
C ILE D 40 -0.56 22.37 7.96
N THR D 41 -1.47 23.09 8.66
CA THR D 41 -1.34 24.52 8.91
C THR D 41 -0.15 24.82 9.83
N LEU D 42 -0.11 24.10 10.96
CA LEU D 42 1.03 24.10 11.87
C LEU D 42 2.35 23.98 11.09
N PHE D 43 2.44 22.97 10.22
CA PHE D 43 3.73 22.63 9.63
C PHE D 43 4.08 23.63 8.54
N ARG D 44 3.05 24.29 7.99
CA ARG D 44 3.27 25.40 7.06
C ARG D 44 3.82 26.59 7.82
N ASN D 45 3.15 26.95 8.93
CA ASN D 45 3.61 28.07 9.75
C ASN D 45 5.05 27.82 10.23
N TRP D 46 5.32 26.62 10.75
CA TRP D 46 6.62 26.19 11.25
C TRP D 46 7.68 26.36 10.17
N THR D 47 7.38 25.90 8.94
CA THR D 47 8.31 25.99 7.82
C THR D 47 8.69 27.45 7.59
N SER D 48 7.69 28.34 7.41
CA SER D 48 8.04 29.75 7.13
C SER D 48 8.78 30.43 8.29
N LEU D 49 8.34 30.19 9.54
CA LEU D 49 8.99 30.80 10.68
C LEU D 49 10.44 30.29 10.84
N THR D 50 10.69 28.99 10.63
CA THR D 50 12.01 28.38 10.71
C THR D 50 12.96 28.99 9.68
N GLN D 51 12.50 29.07 8.42
CA GLN D 51 13.24 29.79 7.38
C GLN D 51 13.70 31.17 7.88
N MET D 52 12.75 31.96 8.42
N MET D 52 12.73 31.96 8.39
CA MET D 52 13.02 33.31 8.88
CA MET D 52 12.99 33.30 8.91
C MET D 52 14.00 33.33 10.06
C MET D 52 14.04 33.26 10.01
N LEU D 53 13.83 32.43 11.03
CA LEU D 53 14.71 32.42 12.20
C LEU D 53 16.13 31.98 11.80
N THR D 54 16.26 31.02 10.90
CA THR D 54 17.59 30.46 10.61
C THR D 54 18.38 31.35 9.64
N SER D 55 17.69 32.19 8.86
CA SER D 55 18.29 32.99 7.80
C SER D 55 18.85 34.31 8.33
N GLY D 56 18.58 34.69 9.58
CA GLY D 56 19.05 35.97 10.04
C GLY D 56 18.04 37.10 9.79
N LYS D 57 17.04 36.86 8.92
CA LYS D 57 16.02 37.86 8.66
C LYS D 57 15.41 38.31 9.98
N LYS D 58 15.59 39.60 10.30
CA LYS D 58 14.99 40.23 11.46
C LYS D 58 13.64 40.80 11.08
N MET D 59 12.67 40.61 11.98
CA MET D 59 11.33 41.09 11.78
C MET D 59 11.28 42.59 12.12
N SER D 60 10.08 43.14 11.97
CA SER D 60 9.66 44.36 12.63
C SER D 60 10.27 45.57 11.93
N ALA D 61 9.57 46.04 10.88
CA ALA D 61 9.74 47.38 10.37
C ALA D 61 8.70 48.30 11.01
N GLU D 62 8.61 48.22 12.36
CA GLU D 62 7.74 49.03 13.20
C GLU D 62 6.33 48.45 13.18
N GLN D 63 5.76 48.19 14.37
CA GLN D 63 4.46 47.54 14.47
C GLN D 63 3.32 48.51 14.13
N ARG D 64 2.30 48.02 13.39
CA ARG D 64 1.23 48.86 12.86
C ARG D 64 0.14 49.10 13.91
N ASN D 65 -0.25 48.04 14.63
CA ASN D 65 -1.38 48.06 15.55
C ASN D 65 -0.95 47.77 16.99
N GLN D 66 -0.77 48.86 17.78
CA GLN D 66 -0.36 48.80 19.18
C GLN D 66 -1.25 47.86 20.01
N TYR D 67 -2.52 47.69 19.60
CA TYR D 67 -3.49 46.88 20.35
C TYR D 67 -3.27 45.36 20.22
N LEU D 68 -2.38 44.92 19.31
CA LEU D 68 -2.10 43.52 19.07
C LEU D 68 -0.79 43.15 19.73
N PRO D 69 -0.61 41.85 20.06
CA PRO D 69 0.66 41.37 20.63
C PRO D 69 1.73 41.51 19.55
N PRO D 70 3.01 41.75 19.89
CA PRO D 70 4.03 41.68 18.84
C PRO D 70 4.04 40.29 18.20
N GLN D 71 4.29 40.20 16.89
CA GLN D 71 4.42 38.93 16.21
C GLN D 71 5.61 38.12 16.73
N ASP D 72 6.66 38.79 17.20
CA ASP D 72 7.89 38.14 17.62
C ASP D 72 8.16 38.57 19.05
N THR D 73 8.74 37.70 19.88
CA THR D 73 8.90 38.00 21.29
C THR D 73 10.07 38.96 21.56
N GLY D 74 10.95 39.14 20.58
CA GLY D 74 11.91 40.25 20.51
C GLY D 74 13.27 40.06 21.20
N GLU D 75 13.47 39.03 22.03
CA GLU D 75 14.73 38.94 22.76
C GLU D 75 15.92 38.56 21.84
N SER D 76 15.69 38.16 20.56
CA SER D 76 16.80 37.90 19.63
C SER D 76 17.11 39.07 18.68
N ALA D 77 16.49 40.25 18.89
CA ALA D 77 16.52 41.34 17.92
C ALA D 77 17.95 41.78 17.61
N ASP D 78 18.90 41.71 18.56
CA ASP D 78 20.22 42.26 18.35
C ASP D 78 21.25 41.14 18.19
N LEU D 79 20.77 39.89 17.98
CA LEU D 79 21.65 38.73 18.00
C LEU D 79 21.91 38.20 16.59
N SER D 80 23.08 37.58 16.41
CA SER D 80 23.44 36.84 15.22
C SER D 80 22.61 35.55 15.11
N PRO D 81 22.36 35.01 13.91
CA PRO D 81 21.68 33.73 13.81
C PRO D 81 22.41 32.57 14.48
N SER D 82 23.72 32.72 14.73
CA SER D 82 24.53 31.82 15.55
C SER D 82 24.39 30.37 15.14
N ASN D 83 24.25 30.10 13.84
CA ASN D 83 24.25 28.73 13.33
C ASN D 83 22.99 27.98 13.77
N LEU D 84 21.95 28.73 14.13
CA LEU D 84 20.64 28.14 14.46
C LEU D 84 20.23 27.10 13.44
N THR D 85 19.89 25.88 13.91
CA THR D 85 19.16 24.91 13.10
C THR D 85 17.93 24.44 13.90
N VAL D 86 16.89 23.96 13.20
CA VAL D 86 15.70 23.42 13.83
C VAL D 86 15.37 22.12 13.10
N THR D 87 15.36 20.99 13.82
CA THR D 87 15.19 19.71 13.14
C THR D 87 13.87 19.15 13.63
N PHE D 88 13.00 18.62 12.73
CA PHE D 88 11.68 18.06 13.10
C PHE D 88 11.66 16.52 13.02
N GLY D 89 10.99 15.88 13.99
CA GLY D 89 10.77 14.44 13.96
C GLY D 89 9.36 14.02 14.36
N PHE D 90 8.97 12.80 14.00
CA PHE D 90 7.62 12.36 14.37
C PHE D 90 7.68 11.03 15.11
N GLY D 91 7.05 10.98 16.29
CA GLY D 91 7.06 9.77 17.09
C GLY D 91 5.97 8.78 16.68
N PRO D 92 6.01 7.49 17.10
CA PRO D 92 4.96 6.53 16.73
C PRO D 92 3.54 7.00 17.03
N SER D 93 3.33 7.73 18.13
CA SER D 93 2.01 8.18 18.57
C SER D 93 1.33 9.09 17.53
N PHE D 94 2.11 9.58 16.57
CA PHE D 94 1.58 10.52 15.61
C PHE D 94 0.84 9.77 14.52
N PHE D 95 1.23 8.50 14.32
CA PHE D 95 0.74 7.69 13.22
C PHE D 95 -0.43 6.83 13.70
N GLU D 96 -0.34 6.32 14.93
CA GLU D 96 -1.40 5.61 15.61
C GLU D 96 -1.25 5.77 17.12
N LYS D 97 -2.31 6.28 17.75
CA LYS D 97 -2.37 6.48 19.19
C LYS D 97 -3.41 5.53 19.78
N ASP D 98 -2.91 4.47 20.43
CA ASP D 98 -3.69 3.40 21.03
C ASP D 98 -4.58 2.75 19.96
N GLY D 99 -3.97 2.02 19.02
CA GLY D 99 -4.70 1.30 18.00
C GLY D 99 -5.42 2.21 16.99
N LYS D 100 -5.77 3.42 17.43
CA LYS D 100 -6.47 4.39 16.59
C LYS D 100 -5.46 5.19 15.75
N ASP D 101 -5.68 5.18 14.44
CA ASP D 101 -4.98 6.02 13.47
C ASP D 101 -5.65 7.38 13.39
N ARG D 102 -5.11 8.37 14.11
CA ARG D 102 -5.82 9.62 14.35
C ARG D 102 -5.98 10.45 13.09
N PHE D 103 -4.97 10.47 12.22
CA PHE D 103 -4.95 11.47 11.16
C PHE D 103 -4.98 10.81 9.79
N GLY D 104 -5.23 9.49 9.76
CA GLY D 104 -5.26 8.75 8.50
C GLY D 104 -3.87 8.65 7.87
N LEU D 105 -2.82 8.35 8.68
CA LEU D 105 -1.45 8.38 8.19
C LEU D 105 -0.76 7.01 8.25
N LYS D 106 -1.41 6.01 8.86
CA LYS D 106 -0.78 4.73 9.15
C LYS D 106 -0.21 4.12 7.85
N SER D 107 -0.82 4.42 6.71
CA SER D 107 -0.33 3.84 5.49
C SER D 107 1.00 4.47 5.08
N LYS D 108 1.43 5.51 5.79
CA LYS D 108 2.66 6.19 5.41
C LYS D 108 3.67 6.18 6.57
N LYS D 109 3.50 5.23 7.50
CA LYS D 109 4.33 5.07 8.68
C LYS D 109 5.72 4.54 8.29
N PRO D 110 6.81 5.03 8.93
CA PRO D 110 8.14 4.49 8.68
C PRO D 110 8.24 3.04 9.12
N LYS D 111 9.11 2.26 8.45
CA LYS D 111 9.15 0.84 8.76
C LYS D 111 9.67 0.62 10.18
N HIS D 112 10.59 1.46 10.67
CA HIS D 112 11.31 1.09 11.88
C HIS D 112 10.87 1.93 13.07
N LEU D 113 9.73 2.65 12.93
CA LEU D 113 9.25 3.58 13.94
C LEU D 113 8.30 2.88 14.92
N ALA D 114 8.87 2.45 16.04
CA ALA D 114 8.21 1.87 17.21
C ALA D 114 8.94 2.38 18.45
N ALA D 115 8.26 2.42 19.60
CA ALA D 115 8.90 2.73 20.86
C ALA D 115 10.05 1.75 21.13
N LEU D 116 11.11 2.27 21.76
CA LEU D 116 12.29 1.46 21.99
C LEU D 116 11.89 0.31 22.91
N PRO D 117 12.48 -0.90 22.76
CA PRO D 117 12.25 -1.96 23.75
C PRO D 117 12.72 -1.61 25.17
N ALA D 118 11.91 -1.96 26.18
CA ALA D 118 12.29 -1.81 27.58
C ALA D 118 13.68 -2.43 27.80
N MET D 119 14.52 -1.76 28.60
CA MET D 119 15.86 -2.26 28.84
C MET D 119 16.03 -2.38 30.34
N PRO D 120 16.86 -3.35 30.78
CA PRO D 120 17.16 -3.47 32.18
C PRO D 120 17.99 -2.24 32.55
N ASN D 121 17.84 -1.81 33.80
CA ASN D 121 18.48 -0.66 34.51
C ASN D 121 17.78 0.66 34.22
N ASP D 122 16.90 0.73 33.23
CA ASP D 122 16.27 2.03 32.91
C ASP D 122 15.20 2.37 33.94
N ASN D 123 14.95 3.65 34.11
CA ASN D 123 13.85 4.05 34.96
C ASN D 123 13.19 5.23 34.27
N LEU D 124 12.51 4.90 33.16
CA LEU D 124 11.83 5.82 32.28
C LEU D 124 10.64 6.53 32.93
N ASP D 125 10.73 7.85 33.02
CA ASP D 125 9.58 8.71 33.21
C ASP D 125 8.86 8.89 31.87
N GLU D 126 7.68 8.31 31.75
CA GLU D 126 6.83 8.39 30.58
C GLU D 126 6.73 9.83 30.05
N LYS D 127 6.69 10.81 30.97
CA LYS D 127 6.47 12.21 30.68
C LYS D 127 7.76 12.89 30.20
N GLN D 128 8.89 12.19 30.25
CA GLN D 128 10.15 12.73 29.83
C GLN D 128 10.58 12.04 28.54
N GLY D 129 9.63 11.35 27.89
CA GLY D 129 9.91 10.65 26.64
C GLY D 129 8.64 10.59 25.78
N GLY D 130 8.69 9.91 24.65
CA GLY D 130 7.57 9.83 23.74
C GLY D 130 7.30 11.19 23.11
N GLY D 131 6.06 11.41 22.66
CA GLY D 131 5.64 12.64 22.02
C GLY D 131 5.32 12.39 20.56
N ASP D 132 4.31 13.09 20.04
CA ASP D 132 3.93 12.94 18.64
C ASP D 132 5.00 13.59 17.75
N ILE D 133 5.56 14.75 18.18
CA ILE D 133 6.46 15.59 17.40
C ILE D 133 7.63 15.99 18.30
N CYS D 134 8.87 15.89 17.80
CA CYS D 134 9.96 16.53 18.52
C CYS D 134 10.50 17.70 17.69
N ILE D 135 11.07 18.68 18.40
CA ILE D 135 11.74 19.82 17.78
C ILE D 135 13.10 19.99 18.47
N GLN D 136 14.17 19.76 17.69
CA GLN D 136 15.55 19.97 18.12
C GLN D 136 16.04 21.32 17.61
N VAL D 137 16.17 22.31 18.51
CA VAL D 137 16.63 23.65 18.19
C VAL D 137 18.07 23.79 18.67
N CYS D 138 19.02 24.05 17.75
CA CYS D 138 20.44 24.12 18.12
C CYS D 138 21.03 25.46 17.69
N ALA D 139 21.93 26.04 18.49
CA ALA D 139 22.58 27.30 18.14
C ALA D 139 23.78 27.49 19.05
N ASP D 140 24.69 28.38 18.62
CA ASP D 140 25.90 28.62 19.37
C ASP D 140 25.62 29.58 20.50
N ASP D 141 24.37 30.05 20.62
CA ASP D 141 24.05 30.98 21.70
C ASP D 141 22.71 30.56 22.30
N GLU D 142 22.65 30.47 23.63
CA GLU D 142 21.45 29.98 24.28
C GLU D 142 20.23 30.92 24.06
N GLN D 143 20.37 32.25 24.16
CA GLN D 143 19.25 33.16 23.98
C GLN D 143 18.63 32.95 22.59
N VAL D 144 19.49 32.73 21.58
CA VAL D 144 19.01 32.46 20.23
C VAL D 144 18.19 31.15 20.16
N ALA D 145 18.68 30.02 20.73
CA ALA D 145 17.96 28.75 20.64
C ALA D 145 16.60 28.80 21.39
N PHE D 146 16.55 29.48 22.53
CA PHE D 146 15.31 29.61 23.29
C PHE D 146 14.32 30.49 22.57
N HIS D 147 14.80 31.64 22.11
CA HIS D 147 13.93 32.51 21.34
C HIS D 147 13.23 31.69 20.26
N ALA D 148 14.00 30.86 19.54
CA ALA D 148 13.47 30.14 18.37
C ALA D 148 12.46 29.06 18.79
N LEU D 149 12.78 28.32 19.86
CA LEU D 149 11.79 27.34 20.32
C LEU D 149 10.52 28.03 20.83
N ARG D 150 10.68 29.11 21.61
CA ARG D 150 9.55 29.85 22.17
C ARG D 150 8.59 30.31 21.07
N ASN D 151 9.13 30.86 19.96
CA ASN D 151 8.28 31.39 18.90
C ASN D 151 7.66 30.28 18.05
N LEU D 152 8.38 29.16 17.82
CA LEU D 152 7.83 27.95 17.23
C LEU D 152 6.64 27.40 18.04
N LEU D 153 6.83 27.26 19.35
CA LEU D 153 5.82 26.70 20.24
C LEU D 153 4.65 27.68 20.38
N ASN D 154 4.92 29.02 20.40
CA ASN D 154 3.83 29.97 20.41
C ASN D 154 2.89 29.73 19.23
N GLN D 155 3.38 29.16 18.12
CA GLN D 155 2.56 28.96 16.92
C GLN D 155 1.69 27.70 17.02
N ALA D 156 2.00 26.79 17.95
CA ALA D 156 1.29 25.52 18.11
C ALA D 156 0.18 25.62 19.15
N VAL D 157 0.07 26.78 19.82
CA VAL D 157 -0.98 27.01 20.79
C VAL D 157 -2.30 26.71 20.06
N GLY D 158 -3.05 25.76 20.59
CA GLY D 158 -4.35 25.47 20.02
C GLY D 158 -4.36 24.16 19.23
N THR D 159 -3.17 23.71 18.83
CA THR D 159 -3.05 22.50 18.02
C THR D 159 -2.32 21.41 18.80
N CYS D 160 -1.40 21.79 19.70
CA CYS D 160 -0.53 20.85 20.40
C CYS D 160 -0.42 21.20 21.87
N GLU D 161 -0.16 20.20 22.70
CA GLU D 161 0.34 20.48 24.02
C GLU D 161 1.82 20.12 24.09
N VAL D 162 2.58 20.91 24.83
CA VAL D 162 4.03 20.63 25.01
C VAL D 162 4.19 19.58 26.11
N ARG D 163 4.85 18.47 25.78
CA ARG D 163 5.07 17.36 26.74
C ARG D 163 6.26 17.70 27.65
N PHE D 164 7.41 18.06 27.06
CA PHE D 164 8.61 18.39 27.86
C PHE D 164 9.55 19.32 27.08
N VAL D 165 10.39 20.04 27.82
CA VAL D 165 11.40 20.89 27.23
C VAL D 165 12.70 20.62 28.01
N ASN D 166 13.70 20.07 27.31
CA ASN D 166 15.04 19.91 27.88
C ASN D 166 16.00 20.89 27.20
N LYS D 167 17.07 21.29 27.89
CA LYS D 167 18.12 22.10 27.26
C LYS D 167 19.49 21.54 27.62
N GLY D 168 20.52 21.92 26.85
CA GLY D 168 21.81 21.28 27.05
C GLY D 168 22.94 22.09 26.42
N PHE D 169 24.18 21.74 26.78
CA PHE D 169 25.31 22.43 26.19
C PHE D 169 26.39 21.38 25.88
N LEU D 170 27.32 21.72 24.96
CA LEU D 170 28.54 20.95 24.73
C LEU D 170 29.54 21.90 24.08
N SER D 171 30.58 22.31 24.82
CA SER D 171 31.59 23.20 24.25
C SER D 171 32.74 22.41 23.62
N GLY D 172 32.94 22.63 22.32
CA GLY D 172 34.10 22.11 21.63
C GLY D 172 35.40 22.85 22.01
N GLY D 173 36.55 22.15 21.89
CA GLY D 173 37.80 22.75 22.33
C GLY D 173 38.15 24.02 21.57
N LYS D 174 38.93 24.92 22.21
CA LYS D 174 39.30 26.22 21.67
C LYS D 174 39.93 26.10 20.27
N ASN D 175 40.57 24.97 19.97
CA ASN D 175 41.25 24.69 18.72
C ASN D 175 40.58 23.61 17.87
N GLY D 176 39.33 23.26 18.13
CA GLY D 176 38.71 22.26 17.27
C GLY D 176 38.82 20.82 17.81
N GLU D 177 39.24 20.67 19.08
CA GLU D 177 39.28 19.38 19.76
C GLU D 177 37.88 18.78 19.96
N THR D 178 37.80 17.44 20.05
CA THR D 178 36.55 16.73 20.30
C THR D 178 35.97 17.27 21.61
N PRO D 179 34.69 17.71 21.65
CA PRO D 179 34.10 18.23 22.88
C PRO D 179 34.12 17.14 23.97
N ARG D 180 34.18 17.59 25.22
CA ARG D 180 34.17 16.68 26.36
C ARG D 180 32.78 16.72 27.07
N ASN D 181 32.27 15.52 27.42
CA ASN D 181 31.07 15.36 28.24
C ASN D 181 31.43 15.69 29.70
N LEU D 182 30.47 15.51 30.62
CA LEU D 182 30.63 15.98 31.99
C LEU D 182 31.41 14.97 32.83
N PHE D 183 31.75 13.79 32.25
CA PHE D 183 32.72 12.90 32.88
C PHE D 183 34.16 13.25 32.46
N GLY D 184 34.31 14.28 31.62
CA GLY D 184 35.60 14.85 31.31
C GLY D 184 36.27 14.09 30.16
N PHE D 185 35.49 13.23 29.49
CA PHE D 185 36.03 12.45 28.37
C PHE D 185 35.60 13.07 27.04
N LYS D 186 36.48 12.96 26.03
CA LYS D 186 36.15 13.37 24.67
C LYS D 186 34.95 12.54 24.20
N ASP D 187 34.09 13.20 23.42
CA ASP D 187 32.76 12.68 23.14
C ASP D 187 32.52 12.85 21.63
N GLY D 188 32.56 11.73 20.93
CA GLY D 188 32.19 11.72 19.53
C GLY D 188 33.33 11.22 18.66
N THR D 189 34.45 10.83 19.30
CA THR D 189 35.61 10.33 18.55
C THR D 189 35.20 9.19 17.60
N GLY D 190 34.42 8.21 18.06
CA GLY D 190 34.09 7.08 17.21
C GLY D 190 33.08 7.35 16.08
N ASN D 191 32.47 8.56 16.02
CA ASN D 191 31.61 8.92 14.90
C ASN D 191 32.42 9.00 13.60
N GLN D 192 31.83 8.58 12.50
CA GLN D 192 32.42 8.84 11.19
C GLN D 192 32.37 10.33 10.91
N SER D 193 33.22 10.81 9.98
CA SER D 193 33.20 12.22 9.59
C SER D 193 31.87 12.57 8.90
N THR D 194 31.20 13.64 9.31
CA THR D 194 29.99 14.12 8.68
C THR D 194 30.27 14.73 7.30
N GLU D 195 31.53 14.93 6.95
CA GLU D 195 31.82 15.35 5.60
C GLU D 195 31.98 14.15 4.66
N ASP D 196 32.02 12.91 5.19
CA ASP D 196 32.19 11.76 4.31
C ASP D 196 30.82 11.28 3.79
N ASP D 197 30.49 11.57 2.54
CA ASP D 197 29.19 11.25 1.95
C ASP D 197 28.88 9.76 2.04
N SER D 198 29.86 8.93 1.68
CA SER D 198 29.66 7.49 1.58
C SER D 198 29.15 6.95 2.91
N LEU D 199 29.80 7.38 3.99
CA LEU D 199 29.54 6.89 5.33
C LEU D 199 28.27 7.52 5.94
N MET D 200 27.99 8.79 5.64
CA MET D 200 26.75 9.42 6.06
C MET D 200 25.57 8.76 5.37
N ASN D 201 25.77 8.34 4.12
CA ASN D 201 24.75 7.67 3.33
C ASN D 201 24.48 6.28 3.87
N SER D 202 25.47 5.67 4.53
CA SER D 202 25.25 4.29 4.89
C SER D 202 24.96 4.15 6.39
N ILE D 203 25.26 5.20 7.15
CA ILE D 203 24.94 5.24 8.57
C ILE D 203 23.63 6.01 8.79
N VAL D 204 23.43 7.16 8.11
CA VAL D 204 22.45 8.14 8.56
C VAL D 204 21.23 8.20 7.63
N TRP D 205 21.48 8.37 6.33
CA TRP D 205 20.44 8.86 5.46
C TRP D 205 19.65 7.71 4.83
N VAL D 206 18.30 7.82 4.93
CA VAL D 206 17.35 6.92 4.29
C VAL D 206 17.35 7.19 2.79
N GLN D 207 17.38 6.11 2.01
CA GLN D 207 17.46 6.24 0.56
C GLN D 207 16.35 5.41 -0.10
N SER D 208 15.86 4.39 0.60
CA SER D 208 15.03 3.34 0.01
C SER D 208 14.30 2.59 1.13
N GLY D 209 13.39 1.69 0.75
CA GLY D 209 12.65 0.90 1.71
C GLY D 209 11.69 1.69 2.60
N GLU D 210 11.69 3.03 2.52
CA GLU D 210 10.81 3.76 3.42
C GLU D 210 9.77 4.44 2.55
N PRO D 211 8.67 4.99 3.14
CA PRO D 211 7.77 5.88 2.41
C PRO D 211 8.60 7.02 1.86
N ASP D 212 8.09 7.67 0.80
CA ASP D 212 8.81 8.66 0.03
C ASP D 212 9.19 9.89 0.86
N TRP D 213 8.36 10.27 1.84
CA TRP D 213 8.65 11.48 2.59
C TRP D 213 9.88 11.29 3.50
N MET D 214 10.28 10.03 3.77
CA MET D 214 11.43 9.70 4.61
C MET D 214 12.74 9.70 3.81
N THR D 215 12.67 9.72 2.47
CA THR D 215 13.89 9.79 1.67
C THR D 215 14.66 11.05 2.02
N GLY D 216 15.98 10.93 2.28
CA GLY D 216 16.73 12.08 2.73
C GLY D 216 16.59 12.25 4.24
N GLY D 217 15.68 11.48 4.85
CA GLY D 217 15.36 11.54 6.27
C GLY D 217 16.23 10.55 7.05
N THR D 218 15.94 10.45 8.36
CA THR D 218 16.67 9.59 9.28
C THR D 218 15.77 9.28 10.47
N TYR D 219 16.22 8.37 11.34
CA TYR D 219 15.59 8.19 12.65
C TYR D 219 16.48 8.75 13.74
N MET D 220 15.83 9.48 14.66
CA MET D 220 16.51 10.07 15.79
C MET D 220 16.12 9.34 17.07
N ALA D 221 17.12 8.75 17.74
CA ALA D 221 16.95 8.20 19.08
C ALA D 221 17.33 9.24 20.13
N PHE D 222 16.46 9.40 21.14
CA PHE D 222 16.65 10.26 22.30
C PHE D 222 16.67 9.40 23.56
N ARG D 223 17.67 9.61 24.39
CA ARG D 223 17.76 8.96 25.70
C ARG D 223 18.22 10.03 26.68
N LYS D 224 17.41 10.33 27.68
CA LYS D 224 17.90 11.28 28.68
C LYS D 224 18.60 10.47 29.76
N ILE D 225 19.89 10.72 30.00
CA ILE D 225 20.65 9.84 30.85
C ILE D 225 21.24 10.67 31.99
N LYS D 226 20.75 10.42 33.20
CA LYS D 226 21.32 10.98 34.40
C LYS D 226 22.75 10.46 34.57
N MET D 227 23.69 11.37 34.85
CA MET D 227 25.05 10.97 35.21
C MET D 227 25.25 11.35 36.66
N PHE D 228 25.69 10.38 37.48
CA PHE D 228 25.90 10.64 38.90
C PHE D 228 27.32 11.20 39.13
N LEU D 229 27.42 12.54 39.02
CA LEU D 229 28.69 13.26 39.03
C LEU D 229 29.41 13.02 40.35
N GLU D 230 28.66 13.03 41.47
CA GLU D 230 29.23 12.91 42.79
C GLU D 230 29.90 11.55 42.95
N ILE D 231 29.32 10.50 42.33
CA ILE D 231 29.83 9.13 42.43
C ILE D 231 31.07 9.05 41.54
N TRP D 232 30.87 9.52 40.30
CA TRP D 232 31.96 9.54 39.34
C TRP D 232 33.16 10.32 39.92
N ASP D 233 32.91 11.49 40.56
CA ASP D 233 34.00 12.37 40.98
C ASP D 233 34.81 11.79 42.14
N ARG D 234 34.25 10.80 42.86
CA ARG D 234 34.93 10.13 43.93
C ARG D 234 35.57 8.84 43.42
N SER D 235 35.58 8.64 42.10
CA SER D 235 36.18 7.42 41.57
C SER D 235 37.61 7.72 41.11
N SER D 236 38.49 6.71 41.19
CA SER D 236 39.88 6.91 40.81
C SER D 236 39.97 7.13 39.30
N LEU D 237 41.02 7.80 38.86
CA LEU D 237 41.26 7.94 37.45
C LEU D 237 41.28 6.58 36.75
N LYS D 238 41.86 5.55 37.37
CA LYS D 238 42.03 4.28 36.68
C LYS D 238 40.66 3.61 36.46
N ASP D 239 39.83 3.63 37.49
CA ASP D 239 38.44 3.23 37.35
C ASP D 239 37.70 4.06 36.28
N GLN D 240 37.88 5.39 36.24
CA GLN D 240 37.20 6.24 35.26
C GLN D 240 37.60 5.74 33.88
N GLU D 241 38.88 5.47 33.72
CA GLU D 241 39.41 5.09 32.42
C GLU D 241 38.91 3.69 31.97
N ASP D 242 38.89 2.71 32.90
CA ASP D 242 38.47 1.34 32.58
C ASP D 242 36.99 1.29 32.20
N THR D 243 36.21 2.24 32.75
CA THR D 243 34.80 2.40 32.38
C THR D 243 34.66 2.49 30.86
N PHE D 244 35.53 3.26 30.20
CA PHE D 244 35.36 3.54 28.79
C PHE D 244 36.29 2.67 27.94
N GLY D 245 37.52 2.42 28.42
CA GLY D 245 38.49 1.78 27.52
C GLY D 245 39.27 2.80 26.70
N ARG D 246 39.25 4.08 27.12
CA ARG D 246 40.09 5.13 26.56
C ARG D 246 40.70 5.93 27.70
N ARG D 247 41.89 6.45 27.41
CA ARG D 247 42.56 7.30 28.37
C ARG D 247 41.89 8.65 28.35
N LYS D 248 41.79 9.27 29.52
CA LYS D 248 41.03 10.48 29.71
C LYS D 248 41.62 11.68 28.94
N SER D 249 42.89 12.07 29.21
CA SER D 249 43.41 13.29 28.59
C SER D 249 43.54 13.16 27.08
N SER D 250 44.23 12.11 26.66
CA SER D 250 44.52 11.88 25.25
C SER D 250 43.29 11.45 24.46
N GLY D 251 42.41 10.62 25.07
CA GLY D 251 41.25 10.10 24.37
C GLY D 251 41.64 8.88 23.55
N ALA D 252 42.90 8.43 23.69
CA ALA D 252 43.43 7.26 23.00
C ALA D 252 42.80 5.96 23.49
N PRO D 253 42.47 4.99 22.60
CA PRO D 253 42.09 3.66 23.04
C PRO D 253 43.26 3.12 23.84
N PHE D 254 43.03 2.30 24.88
CA PHE D 254 44.17 1.71 25.61
C PHE D 254 45.27 1.16 24.67
N GLY D 255 46.53 1.42 25.07
CA GLY D 255 47.71 0.96 24.37
C GLY D 255 47.95 1.66 23.03
N GLN D 256 47.23 2.75 22.76
CA GLN D 256 47.54 3.52 21.56
C GLN D 256 48.04 4.90 21.97
N LYS D 257 48.52 5.67 21.00
CA LYS D 257 49.11 6.98 21.25
C LYS D 257 48.07 8.09 21.09
N LYS D 258 47.21 7.98 20.07
CA LYS D 258 46.41 9.12 19.66
C LYS D 258 44.92 8.80 19.78
N GLU D 259 44.11 9.86 19.88
CA GLU D 259 42.65 9.78 19.91
C GLU D 259 42.14 8.98 18.70
N THR D 260 42.67 9.26 17.52
CA THR D 260 42.14 8.72 16.27
C THR D 260 42.69 7.33 15.93
N ASP D 261 43.53 6.76 16.79
CA ASP D 261 44.03 5.43 16.51
C ASP D 261 42.88 4.42 16.54
N PRO D 262 42.93 3.33 15.74
CA PRO D 262 41.95 2.25 15.87
C PRO D 262 41.91 1.72 17.31
N VAL D 263 40.70 1.38 17.74
CA VAL D 263 40.51 0.74 19.03
C VAL D 263 41.01 -0.68 18.85
N LYS D 264 41.81 -1.16 19.80
CA LYS D 264 42.18 -2.57 19.80
C LYS D 264 41.42 -3.26 20.92
N LEU D 265 40.41 -4.05 20.54
CA LEU D 265 39.46 -4.65 21.48
C LEU D 265 40.12 -5.58 22.49
N ASN D 266 41.26 -6.18 22.16
CA ASN D 266 41.85 -7.16 23.05
C ASN D 266 42.78 -6.47 24.04
N GLN D 267 42.74 -5.13 24.07
CA GLN D 267 43.58 -4.33 24.94
C GLN D 267 42.73 -3.47 25.91
N ILE D 268 41.39 -3.61 25.86
CA ILE D 268 40.50 -2.82 26.71
C ILE D 268 39.56 -3.79 27.41
N PRO D 269 39.00 -3.49 28.60
CA PRO D 269 38.14 -4.42 29.32
C PRO D 269 36.88 -4.79 28.53
N SER D 270 36.41 -6.02 28.74
CA SER D 270 35.32 -6.56 27.95
C SER D 270 34.00 -5.88 28.33
N ASN D 271 33.90 -5.32 29.54
CA ASN D 271 32.70 -4.64 30.03
C ASN D 271 32.83 -3.12 29.93
N SER D 272 33.89 -2.64 29.27
CA SER D 272 34.10 -1.21 29.05
C SER D 272 33.16 -0.70 27.93
N HIS D 273 32.64 0.51 28.15
CA HIS D 273 31.66 1.15 27.29
C HIS D 273 32.02 1.01 25.82
N VAL D 274 33.24 1.41 25.48
CA VAL D 274 33.61 1.38 24.08
C VAL D 274 33.66 -0.04 23.53
N SER D 275 34.18 -0.99 24.33
CA SER D 275 34.29 -2.35 23.84
C SER D 275 32.91 -2.89 23.46
N LEU D 276 31.95 -2.62 24.32
CA LEU D 276 30.62 -3.16 24.08
C LEU D 276 29.97 -2.48 22.87
N ALA D 277 30.12 -1.15 22.76
CA ALA D 277 29.46 -0.45 21.67
C ALA D 277 30.10 -0.93 20.36
N LYS D 278 31.43 -0.96 20.34
CA LYS D 278 32.09 -1.25 19.07
C LYS D 278 31.89 -2.72 18.66
N SER D 279 31.69 -3.63 19.63
CA SER D 279 31.69 -5.06 19.34
C SER D 279 30.37 -5.46 18.67
N THR D 280 29.42 -4.53 18.57
CA THR D 280 28.17 -4.87 17.90
C THR D 280 28.45 -4.95 16.40
N GLY D 281 29.56 -4.31 15.99
CA GLY D 281 29.86 -4.05 14.60
C GLY D 281 28.99 -2.98 13.92
N LYS D 282 28.16 -2.24 14.69
CA LYS D 282 27.26 -1.24 14.10
C LYS D 282 27.73 0.20 14.33
N GLN D 283 27.13 1.14 13.58
CA GLN D 283 27.47 2.55 13.65
C GLN D 283 26.22 3.42 13.68
N ILE D 284 26.26 4.44 14.56
CA ILE D 284 25.29 5.51 14.66
C ILE D 284 26.08 6.82 14.60
N LEU D 285 25.36 7.92 14.35
CA LEU D 285 25.96 9.25 14.51
C LEU D 285 25.42 9.82 15.81
N ARG D 286 26.29 9.92 16.82
CA ARG D 286 25.88 10.54 18.06
C ARG D 286 26.03 12.05 17.99
N ARG D 287 25.13 12.76 18.65
CA ARG D 287 25.11 14.22 18.53
C ARG D 287 24.45 14.79 19.77
N ALA D 288 25.09 14.52 20.91
CA ALA D 288 24.55 14.67 22.25
C ALA D 288 24.99 15.98 22.91
N PHE D 289 24.24 16.41 23.93
CA PHE D 289 24.52 17.62 24.72
C PHE D 289 24.42 17.25 26.18
N SER D 290 25.27 17.84 27.03
CA SER D 290 25.20 17.70 28.47
C SER D 290 24.07 18.58 29.03
N TYR D 291 23.57 18.25 30.23
CA TYR D 291 22.55 19.06 30.86
C TYR D 291 22.83 19.14 32.35
N THR D 292 22.37 20.25 32.95
CA THR D 292 22.38 20.41 34.40
C THR D 292 21.04 21.07 34.74
N GLU D 293 20.37 20.63 35.82
CA GLU D 293 19.03 21.12 36.12
C GLU D 293 18.89 21.49 37.61
N GLY D 294 19.84 22.25 38.15
CA GLY D 294 19.79 22.62 39.56
C GLY D 294 20.02 21.37 40.41
N LEU D 295 19.76 21.48 41.72
CA LEU D 295 19.94 20.37 42.66
C LEU D 295 18.82 19.36 42.47
N ASP D 296 19.17 18.08 42.37
CA ASP D 296 18.17 17.01 42.44
C ASP D 296 17.54 17.00 43.84
N PRO D 297 16.21 17.22 44.01
CA PRO D 297 15.62 17.25 45.36
C PRO D 297 15.74 15.90 46.10
N LYS D 298 15.71 14.80 45.34
CA LYS D 298 15.81 13.44 45.88
C LYS D 298 17.24 13.10 46.30
N THR D 299 18.25 13.83 45.83
CA THR D 299 19.61 13.41 46.15
C THR D 299 20.36 14.49 46.93
N GLY D 300 20.05 15.77 46.68
CA GLY D 300 20.77 16.91 47.22
C GLY D 300 22.06 17.22 46.47
N TYR D 301 22.31 16.53 45.36
CA TYR D 301 23.43 16.80 44.47
C TYR D 301 22.91 17.29 43.11
N MET D 302 23.86 17.74 42.24
CA MET D 302 23.49 18.23 40.93
C MET D 302 22.65 17.21 40.17
N ASP D 303 21.59 17.71 39.57
CA ASP D 303 20.82 16.92 38.63
C ASP D 303 21.49 17.18 37.29
N ALA D 304 22.25 16.20 36.78
CA ALA D 304 23.00 16.44 35.56
C ALA D 304 22.98 15.17 34.74
N GLY D 305 23.26 15.30 33.44
CA GLY D 305 23.49 14.12 32.65
C GLY D 305 23.69 14.43 31.19
N LEU D 306 23.35 13.47 30.33
CA LEU D 306 23.54 13.66 28.91
C LEU D 306 22.17 13.59 28.24
N LEU D 307 21.86 14.54 27.35
CA LEU D 307 20.82 14.40 26.34
C LEU D 307 21.45 13.67 25.16
N PHE D 308 21.32 12.35 25.18
CA PHE D 308 21.85 11.49 24.13
C PHE D 308 20.89 11.61 22.94
N ILE D 309 21.36 12.10 21.82
CA ILE D 309 20.62 12.13 20.58
C ILE D 309 21.54 11.44 19.56
N SER D 310 20.99 10.52 18.76
CA SER D 310 21.74 9.84 17.71
C SER D 310 20.87 9.68 16.48
N PHE D 311 21.53 9.63 15.30
CA PHE D 311 20.82 9.45 14.06
C PHE D 311 21.39 8.20 13.38
N GLN D 312 20.47 7.46 12.75
CA GLN D 312 20.74 6.20 12.08
C GLN D 312 19.55 5.91 11.18
N LYS D 313 19.85 5.37 10.00
CA LYS D 313 18.83 5.12 8.99
C LYS D 313 17.96 3.94 9.38
N ASN D 314 18.52 3.00 10.14
CA ASN D 314 17.78 1.83 10.57
C ASN D 314 18.06 1.56 12.05
N PRO D 315 17.22 2.09 12.97
CA PRO D 315 17.41 1.87 14.40
C PRO D 315 17.39 0.41 14.83
N ASP D 316 16.66 -0.48 14.10
CA ASP D 316 16.60 -1.91 14.42
C ASP D 316 17.93 -2.60 14.09
N ASN D 317 18.52 -2.28 12.96
CA ASN D 317 19.82 -2.82 12.67
C ASN D 317 20.91 -2.18 13.53
N GLN D 318 20.86 -0.85 13.73
CA GLN D 318 22.06 -0.13 14.16
C GLN D 318 22.03 0.21 15.65
N PHE D 319 20.85 0.57 16.19
CA PHE D 319 20.84 1.25 17.47
C PHE D 319 20.42 0.28 18.58
N ILE D 320 19.37 -0.51 18.31
CA ILE D 320 18.81 -1.38 19.34
C ILE D 320 19.84 -2.41 19.79
N PRO D 321 20.69 -3.00 18.91
CA PRO D 321 21.68 -3.97 19.40
C PRO D 321 22.71 -3.40 20.37
N MET D 322 23.12 -2.14 20.14
CA MET D 322 24.01 -1.43 21.05
C MET D 322 23.35 -1.19 22.40
N LEU D 323 22.11 -0.69 22.38
CA LEU D 323 21.32 -0.55 23.59
C LEU D 323 21.35 -1.85 24.40
N LYS D 324 21.09 -2.99 23.75
CA LYS D 324 20.99 -4.30 24.39
C LYS D 324 22.36 -4.70 24.93
N ALA D 325 23.40 -4.55 24.09
CA ALA D 325 24.74 -4.91 24.52
C ALA D 325 25.19 -4.08 25.72
N LEU D 326 24.71 -2.84 25.87
CA LEU D 326 25.24 -1.98 26.93
C LEU D 326 24.48 -2.17 28.24
N SER D 327 23.17 -2.38 28.13
CA SER D 327 22.34 -2.41 29.33
C SER D 327 22.65 -3.65 30.14
N ALA D 328 23.06 -4.71 29.43
CA ALA D 328 23.61 -5.91 30.01
C ALA D 328 24.80 -5.58 30.94
N LYS D 329 25.93 -5.14 30.37
CA LYS D 329 27.21 -5.38 31.01
C LYS D 329 27.99 -4.10 31.29
N ASP D 330 27.57 -2.96 30.70
CA ASP D 330 28.35 -1.73 30.68
C ASP D 330 28.80 -1.24 32.06
N ALA D 331 30.13 -1.13 32.21
CA ALA D 331 30.66 -0.57 33.45
C ALA D 331 30.03 0.82 33.75
N LEU D 332 29.69 1.54 32.67
CA LEU D 332 29.18 2.89 32.76
C LEU D 332 27.85 2.90 33.51
N ASN D 333 27.16 1.75 33.51
CA ASN D 333 25.86 1.65 34.16
C ASN D 333 25.99 1.92 35.66
N GLU D 334 27.21 1.85 36.21
CA GLU D 334 27.35 2.17 37.63
C GLU D 334 27.20 3.67 37.84
N TYR D 335 27.40 4.48 36.79
CA TYR D 335 27.52 5.91 37.02
C TYR D 335 26.34 6.69 36.41
N THR D 336 25.41 5.98 35.77
CA THR D 336 24.37 6.62 34.98
C THR D 336 23.06 5.84 35.08
N GLN D 337 21.96 6.48 34.66
CA GLN D 337 20.72 5.75 34.51
C GLN D 337 19.86 6.52 33.51
N THR D 338 19.23 5.80 32.57
CA THR D 338 18.36 6.40 31.58
C THR D 338 17.01 6.69 32.21
N ILE D 339 16.56 7.93 32.08
CA ILE D 339 15.31 8.35 32.71
C ILE D 339 14.32 8.88 31.67
N GLY D 340 14.72 8.94 30.40
CA GLY D 340 13.78 9.40 29.37
C GLY D 340 14.12 8.72 28.05
N SER D 341 13.12 8.55 27.17
CA SER D 341 13.37 7.77 25.96
C SER D 341 12.34 8.10 24.89
N ALA D 342 12.81 8.11 23.62
CA ALA D 342 11.97 8.28 22.45
C ALA D 342 12.74 7.90 21.19
N LEU D 343 11.94 7.57 20.17
CA LEU D 343 12.41 7.38 18.80
C LEU D 343 11.53 8.24 17.89
N TYR D 344 12.15 8.99 16.98
CA TYR D 344 11.40 9.80 16.04
C TYR D 344 11.89 9.54 14.63
N ALA D 345 10.96 9.62 13.68
CA ALA D 345 11.29 9.60 12.25
C ALA D 345 11.37 11.04 11.75
N CYS D 346 12.55 11.47 11.32
CA CYS D 346 12.83 12.81 10.82
C CYS D 346 12.63 12.82 9.31
N PRO D 347 11.63 13.56 8.80
CA PRO D 347 11.45 13.74 7.36
C PRO D 347 12.73 14.10 6.61
N GLY D 348 12.78 13.75 5.32
CA GLY D 348 13.82 14.33 4.48
C GLY D 348 13.67 15.86 4.39
N GLY D 349 14.66 16.50 3.79
CA GLY D 349 14.66 17.94 3.76
C GLY D 349 13.47 18.56 3.03
N CYS D 350 13.30 19.85 3.28
CA CYS D 350 12.28 20.69 2.67
C CYS D 350 12.89 21.41 1.47
N LYS D 351 12.19 21.37 0.32
CA LYS D 351 12.53 22.23 -0.82
C LYS D 351 11.93 23.64 -0.67
N LYS D 352 12.61 24.63 -1.25
CA LYS D 352 12.01 25.96 -1.31
C LYS D 352 10.65 25.85 -2.02
N GLY D 353 9.59 26.35 -1.37
CA GLY D 353 8.28 26.33 -1.98
C GLY D 353 7.43 25.22 -1.38
N GLU D 354 8.07 24.31 -0.62
CA GLU D 354 7.33 23.27 0.08
C GLU D 354 7.36 23.55 1.59
N TYR D 355 6.72 22.66 2.36
CA TYR D 355 6.79 22.71 3.81
C TYR D 355 7.10 21.30 4.36
N ILE D 356 7.65 21.28 5.58
CA ILE D 356 8.12 20.08 6.24
C ILE D 356 7.01 19.03 6.26
N ALA D 357 7.35 17.84 5.79
CA ALA D 357 6.52 16.66 5.94
C ALA D 357 5.31 16.75 5.00
N GLN D 358 5.35 17.66 4.03
CA GLN D 358 4.30 17.79 3.03
C GLN D 358 3.98 16.45 2.35
N ARG D 359 5.03 15.70 1.96
CA ARG D 359 4.87 14.38 1.37
C ARG D 359 4.09 13.39 2.26
N LEU D 360 4.12 13.60 3.57
CA LEU D 360 3.42 12.68 4.44
C LEU D 360 1.98 13.16 4.60
N LEU D 361 1.83 14.50 4.67
CA LEU D 361 0.59 15.14 5.11
C LEU D 361 -0.39 15.30 3.95
N GLU D 362 0.11 15.54 2.73
CA GLU D 362 -0.70 15.70 1.54
C GLU D 362 -0.69 14.40 0.74
N GLU E 2 -5.50 -19.30 13.60
CA GLU E 2 -5.28 -20.25 14.73
C GLU E 2 -3.96 -21.01 14.54
N GLU E 3 -4.00 -22.33 14.74
CA GLU E 3 -2.84 -23.19 14.63
C GLU E 3 -2.76 -23.77 13.21
N GLN E 4 -3.86 -23.72 12.46
N GLN E 4 -3.87 -23.68 12.48
CA GLN E 4 -3.91 -24.04 11.03
CA GLN E 4 -4.02 -24.03 11.07
C GLN E 4 -3.80 -25.54 10.80
C GLN E 4 -3.76 -25.51 10.85
N ILE E 5 -4.28 -26.33 11.77
CA ILE E 5 -4.25 -27.78 11.66
C ILE E 5 -5.70 -28.26 11.49
N VAL E 6 -5.94 -29.08 10.46
CA VAL E 6 -7.24 -29.69 10.25
C VAL E 6 -7.07 -31.19 10.52
N PRO E 7 -7.87 -31.75 11.45
CA PRO E 7 -7.78 -33.18 11.79
C PRO E 7 -7.85 -34.05 10.55
N PHE E 8 -7.00 -35.08 10.50
CA PHE E 8 -7.08 -35.99 9.37
C PHE E 8 -8.02 -37.16 9.66
N TYR E 9 -8.06 -37.59 10.94
CA TYR E 9 -8.86 -38.71 11.43
C TYR E 9 -10.28 -38.22 11.64
N GLY E 10 -11.29 -39.09 11.44
CA GLY E 10 -12.61 -38.73 11.92
C GLY E 10 -13.69 -39.49 11.16
N LYS E 11 -14.93 -39.03 11.33
CA LYS E 11 -16.09 -39.71 10.75
C LYS E 11 -16.03 -39.60 9.24
N HIS E 12 -15.68 -38.40 8.75
CA HIS E 12 -15.46 -38.14 7.33
C HIS E 12 -13.98 -37.87 7.04
N GLN E 13 -13.58 -38.04 5.78
CA GLN E 13 -12.41 -37.37 5.24
C GLN E 13 -12.58 -35.86 5.26
N ALA E 14 -11.51 -35.17 5.68
CA ALA E 14 -11.37 -33.73 5.59
C ALA E 14 -11.27 -33.33 4.11
N GLY E 15 -11.35 -32.01 3.85
CA GLY E 15 -11.23 -31.50 2.49
C GLY E 15 -12.54 -31.54 1.69
N ILE E 16 -13.67 -31.89 2.36
CA ILE E 16 -14.99 -31.95 1.70
C ILE E 16 -15.85 -30.84 2.30
N THR E 17 -16.13 -30.92 3.61
CA THR E 17 -16.89 -29.85 4.26
C THR E 17 -15.93 -28.88 4.93
N THR E 18 -14.63 -29.23 5.00
CA THR E 18 -13.64 -28.28 5.51
C THR E 18 -13.76 -26.94 4.77
N ALA E 19 -13.62 -25.81 5.45
CA ALA E 19 -13.47 -24.52 4.79
C ALA E 19 -12.49 -24.62 3.61
N HIS E 20 -12.93 -24.11 2.45
CA HIS E 20 -12.23 -24.08 1.17
C HIS E 20 -10.90 -23.36 1.34
N GLN E 21 -9.80 -24.10 1.17
CA GLN E 21 -8.47 -23.48 1.19
C GLN E 21 -8.22 -22.74 -0.13
N THR E 22 -7.04 -22.07 -0.25
CA THR E 22 -6.75 -21.22 -1.39
C THR E 22 -6.28 -22.06 -2.58
N TYR E 23 -5.55 -23.15 -2.29
CA TYR E 23 -4.82 -23.87 -3.33
C TYR E 23 -5.23 -25.34 -3.38
N VAL E 24 -5.16 -25.90 -4.59
CA VAL E 24 -5.36 -27.33 -4.67
C VAL E 24 -4.34 -27.93 -5.62
N TYR E 25 -3.97 -29.18 -5.37
CA TYR E 25 -3.34 -30.04 -6.39
C TYR E 25 -4.22 -31.27 -6.51
N PHE E 26 -4.54 -31.67 -7.73
CA PHE E 26 -5.50 -32.73 -7.89
C PHE E 26 -4.90 -33.81 -8.80
N ALA E 27 -4.71 -35.02 -8.27
CA ALA E 27 -4.02 -35.99 -9.11
C ALA E 27 -4.91 -37.22 -9.23
N ALA E 28 -4.76 -37.95 -10.35
CA ALA E 28 -5.34 -39.28 -10.47
C ALA E 28 -4.22 -40.25 -10.83
N LEU E 29 -4.29 -41.47 -10.28
CA LEU E 29 -3.32 -42.54 -10.57
C LEU E 29 -4.07 -43.80 -11.00
N ASP E 30 -3.38 -44.57 -11.86
CA ASP E 30 -3.75 -45.90 -12.32
C ASP E 30 -2.88 -46.92 -11.59
N VAL E 31 -3.52 -47.91 -10.94
CA VAL E 31 -2.78 -48.97 -10.27
C VAL E 31 -2.20 -49.91 -11.34
N THR E 32 -0.91 -50.22 -11.18
CA THR E 32 -0.17 -51.13 -12.06
C THR E 32 0.18 -52.42 -11.30
N ALA E 33 0.14 -52.36 -9.97
CA ALA E 33 0.36 -53.53 -9.15
C ALA E 33 -0.73 -54.55 -9.46
N LYS E 34 -0.43 -55.85 -9.23
CA LYS E 34 -1.36 -56.92 -9.53
C LYS E 34 -2.06 -57.43 -8.26
N GLU E 35 -1.44 -57.30 -7.08
CA GLU E 35 -1.96 -57.90 -5.86
C GLU E 35 -2.59 -56.85 -4.96
N LYS E 36 -3.81 -57.14 -4.51
CA LYS E 36 -4.45 -56.30 -3.51
C LYS E 36 -3.46 -55.97 -2.38
N SER E 37 -2.61 -56.95 -1.98
CA SER E 37 -1.78 -56.77 -0.78
C SER E 37 -0.85 -55.56 -0.93
N ASP E 38 -0.40 -55.32 -2.18
CA ASP E 38 0.38 -54.16 -2.61
C ASP E 38 -0.41 -52.87 -2.39
N ILE E 39 -1.67 -52.85 -2.84
CA ILE E 39 -2.56 -51.71 -2.69
C ILE E 39 -2.79 -51.46 -1.20
N ILE E 40 -2.83 -52.54 -0.41
CA ILE E 40 -3.01 -52.38 1.03
C ILE E 40 -1.80 -51.65 1.62
N THR E 41 -0.60 -52.07 1.21
CA THR E 41 0.62 -51.42 1.65
C THR E 41 0.57 -49.92 1.34
N LEU E 42 0.21 -49.58 0.10
CA LEU E 42 0.10 -48.20 -0.37
C LEU E 42 -0.76 -47.38 0.59
N PHE E 43 -1.97 -47.89 0.85
CA PHE E 43 -3.00 -47.12 1.56
C PHE E 43 -2.56 -46.96 3.02
N ARG E 44 -1.71 -47.88 3.49
CA ARG E 44 -1.28 -47.87 4.88
C ARG E 44 -0.28 -46.74 5.05
N ASN E 45 0.68 -46.75 4.13
CA ASN E 45 1.73 -45.75 4.05
C ASN E 45 1.08 -44.37 3.82
N TRP E 46 0.23 -44.26 2.79
CA TRP E 46 -0.45 -43.01 2.46
C TRP E 46 -1.14 -42.48 3.71
N THR E 47 -1.66 -43.40 4.54
CA THR E 47 -2.40 -43.00 5.72
C THR E 47 -1.43 -42.40 6.72
N SER E 48 -0.33 -43.11 6.98
CA SER E 48 0.51 -42.67 8.09
C SER E 48 1.23 -41.39 7.65
N LEU E 49 1.61 -41.33 6.37
CA LEU E 49 2.23 -40.13 5.82
C LEU E 49 1.28 -38.93 5.86
N THR E 50 0.02 -39.14 5.44
CA THR E 50 -0.92 -38.04 5.42
C THR E 50 -1.11 -37.47 6.83
N GLN E 51 -1.12 -38.37 7.82
CA GLN E 51 -1.42 -37.93 9.17
C GLN E 51 -0.25 -37.06 9.66
N MET E 52 0.95 -37.46 9.26
N MET E 52 0.94 -37.48 9.23
CA MET E 52 2.13 -36.69 9.62
CA MET E 52 2.20 -36.80 9.52
C MET E 52 2.04 -35.31 8.96
C MET E 52 2.16 -35.39 8.93
N LEU E 53 1.83 -35.30 7.63
CA LEU E 53 1.88 -34.07 6.84
C LEU E 53 0.84 -33.08 7.36
N THR E 54 -0.37 -33.55 7.71
CA THR E 54 -1.48 -32.66 8.00
C THR E 54 -1.40 -32.19 9.45
N SER E 55 -0.65 -32.95 10.27
CA SER E 55 -0.68 -32.77 11.71
C SER E 55 0.16 -31.59 12.12
N GLY E 56 1.17 -31.26 11.32
CA GLY E 56 2.12 -30.23 11.75
C GLY E 56 3.46 -30.80 12.21
N LYS E 57 3.59 -32.13 12.20
CA LYS E 57 4.80 -32.84 12.60
C LYS E 57 5.86 -32.72 11.51
N LYS E 58 7.06 -32.30 11.93
CA LYS E 58 8.24 -32.20 11.06
C LYS E 58 9.15 -33.41 11.33
N MET E 59 9.85 -33.87 10.27
CA MET E 59 10.74 -35.01 10.34
C MET E 59 11.77 -34.80 11.46
N SER E 60 12.47 -33.66 11.40
CA SER E 60 13.29 -33.09 12.46
C SER E 60 14.04 -34.14 13.28
N ALA E 61 14.67 -35.11 12.60
CA ALA E 61 15.62 -36.01 13.20
C ALA E 61 16.77 -36.25 12.23
N GLU E 62 17.90 -35.58 12.51
CA GLU E 62 19.01 -35.45 11.59
C GLU E 62 19.47 -36.82 11.10
N GLN E 63 19.52 -36.96 9.78
CA GLN E 63 19.71 -38.23 9.09
C GLN E 63 20.94 -38.97 9.59
N ARG E 64 20.73 -40.23 9.99
CA ARG E 64 21.83 -41.18 10.05
C ARG E 64 21.95 -41.80 8.66
N ASN E 65 23.18 -42.06 8.25
CA ASN E 65 23.46 -42.64 6.94
C ASN E 65 23.21 -41.65 5.80
N GLN E 66 24.27 -40.87 5.57
CA GLN E 66 24.43 -39.89 4.52
C GLN E 66 24.26 -40.53 3.16
N TYR E 67 24.40 -41.87 3.08
CA TYR E 67 24.42 -42.58 1.80
C TYR E 67 23.01 -42.91 1.31
N LEU E 68 21.97 -42.67 2.14
CA LEU E 68 20.60 -42.99 1.71
C LEU E 68 19.86 -41.74 1.23
N PRO E 69 18.81 -41.86 0.35
CA PRO E 69 17.98 -40.70 0.00
C PRO E 69 17.28 -40.17 1.26
N PRO E 70 17.15 -38.84 1.44
CA PRO E 70 16.36 -38.31 2.56
C PRO E 70 14.93 -38.86 2.41
N GLN E 71 14.24 -39.07 3.53
CA GLN E 71 12.91 -39.67 3.52
C GLN E 71 11.87 -38.65 3.06
N ASP E 72 12.06 -37.38 3.43
CA ASP E 72 11.22 -36.26 3.01
C ASP E 72 12.06 -35.34 2.11
N THR E 73 11.38 -34.60 1.21
CA THR E 73 12.03 -33.81 0.15
C THR E 73 12.40 -32.42 0.61
N GLY E 74 11.93 -32.05 1.80
CA GLY E 74 12.53 -30.98 2.58
C GLY E 74 11.93 -29.59 2.37
N GLU E 75 11.13 -29.36 1.31
CA GLU E 75 10.84 -27.96 0.96
C GLU E 75 9.71 -27.39 1.82
N SER E 76 9.15 -28.19 2.75
CA SER E 76 8.16 -27.63 3.65
C SER E 76 8.71 -27.46 5.08
N ALA E 77 10.03 -27.70 5.26
CA ALA E 77 10.61 -27.75 6.59
C ALA E 77 10.21 -26.56 7.44
N ASP E 78 10.15 -25.34 6.85
CA ASP E 78 9.92 -24.15 7.66
C ASP E 78 8.49 -23.64 7.54
N LEU E 79 7.57 -24.46 7.01
CA LEU E 79 6.25 -23.90 6.73
C LEU E 79 5.21 -24.39 7.75
N SER E 80 4.16 -23.58 7.98
CA SER E 80 2.98 -23.98 8.72
C SER E 80 2.23 -25.07 7.93
N PRO E 81 1.41 -25.96 8.56
CA PRO E 81 0.66 -26.96 7.80
C PRO E 81 -0.46 -26.37 6.95
N SER E 82 -0.82 -25.09 7.23
CA SER E 82 -1.64 -24.24 6.38
C SER E 82 -3.00 -24.88 6.06
N ASN E 83 -3.55 -25.62 7.04
CA ASN E 83 -4.90 -26.15 6.87
C ASN E 83 -4.91 -27.22 5.79
N LEU E 84 -3.77 -27.92 5.64
CA LEU E 84 -3.64 -28.96 4.63
C LEU E 84 -4.64 -30.09 4.86
N THR E 85 -5.30 -30.54 3.77
CA THR E 85 -6.16 -31.71 3.79
C THR E 85 -5.82 -32.55 2.58
N VAL E 86 -5.93 -33.86 2.74
CA VAL E 86 -5.80 -34.78 1.62
C VAL E 86 -7.04 -35.69 1.55
N THR E 87 -7.68 -35.78 0.39
CA THR E 87 -8.90 -36.57 0.20
C THR E 87 -8.65 -37.65 -0.84
N PHE E 88 -8.96 -38.92 -0.51
CA PHE E 88 -8.79 -39.98 -1.51
C PHE E 88 -10.13 -40.41 -2.11
N GLY E 89 -10.09 -40.80 -3.38
CA GLY E 89 -11.27 -41.40 -4.00
C GLY E 89 -10.91 -42.49 -5.01
N PHE E 90 -11.91 -43.28 -5.44
CA PHE E 90 -11.73 -44.36 -6.41
C PHE E 90 -12.72 -44.29 -7.56
N GLY E 91 -12.15 -44.48 -8.73
CA GLY E 91 -12.85 -44.49 -9.99
C GLY E 91 -13.39 -45.90 -10.24
N PRO E 92 -14.26 -46.04 -11.25
CA PRO E 92 -14.81 -47.36 -11.62
C PRO E 92 -13.70 -48.36 -11.93
N SER E 93 -12.72 -47.94 -12.72
CA SER E 93 -11.68 -48.83 -13.23
C SER E 93 -10.89 -49.47 -12.09
N PHE E 94 -11.12 -49.01 -10.85
CA PHE E 94 -10.46 -49.58 -9.69
C PHE E 94 -11.12 -50.89 -9.33
N PHE E 95 -12.42 -50.97 -9.66
CA PHE E 95 -13.26 -52.08 -9.26
C PHE E 95 -13.36 -53.07 -10.41
N GLU E 96 -13.24 -52.56 -11.64
CA GLU E 96 -13.39 -53.35 -12.84
C GLU E 96 -12.83 -52.57 -14.03
N LYS E 97 -11.77 -53.11 -14.61
CA LYS E 97 -11.11 -52.52 -15.76
C LYS E 97 -11.19 -53.54 -16.89
N ASP E 98 -11.77 -53.11 -18.01
CA ASP E 98 -11.94 -53.89 -19.24
C ASP E 98 -12.54 -55.26 -18.91
N GLY E 99 -13.67 -55.25 -18.20
CA GLY E 99 -14.39 -56.45 -17.80
C GLY E 99 -13.51 -57.49 -17.10
N LYS E 100 -12.64 -57.03 -16.18
CA LYS E 100 -11.89 -57.92 -15.30
C LYS E 100 -11.85 -57.28 -13.91
N ASP E 101 -12.22 -58.06 -12.87
CA ASP E 101 -12.20 -57.60 -11.49
C ASP E 101 -10.85 -57.90 -10.84
N ARG E 102 -9.90 -56.98 -11.04
CA ARG E 102 -8.47 -57.19 -10.89
C ARG E 102 -8.07 -57.53 -9.45
N PHE E 103 -8.79 -56.96 -8.46
CA PHE E 103 -8.35 -57.05 -7.08
C PHE E 103 -9.43 -57.69 -6.21
N GLY E 104 -10.48 -58.20 -6.88
CA GLY E 104 -11.56 -58.92 -6.22
C GLY E 104 -12.44 -58.00 -5.36
N LEU E 105 -12.90 -56.88 -5.94
CA LEU E 105 -13.58 -55.85 -5.15
C LEU E 105 -15.00 -55.58 -5.65
N LYS E 106 -15.36 -56.06 -6.86
CA LYS E 106 -16.68 -55.83 -7.45
C LYS E 106 -17.77 -55.82 -6.37
N SER E 107 -17.76 -56.80 -5.47
CA SER E 107 -18.87 -57.02 -4.57
C SER E 107 -18.89 -55.96 -3.46
N LYS E 108 -17.95 -55.00 -3.55
CA LYS E 108 -17.88 -53.94 -2.56
C LYS E 108 -17.99 -52.59 -3.27
N LYS E 109 -18.25 -52.65 -4.59
CA LYS E 109 -18.42 -51.54 -5.52
C LYS E 109 -19.57 -50.65 -5.06
N PRO E 110 -19.42 -49.29 -5.02
CA PRO E 110 -20.54 -48.40 -4.73
C PRO E 110 -21.69 -48.46 -5.74
N LYS E 111 -22.88 -48.13 -5.27
CA LYS E 111 -24.07 -48.28 -6.10
C LYS E 111 -24.06 -47.32 -7.30
N HIS E 112 -23.35 -46.18 -7.19
CA HIS E 112 -23.50 -45.09 -8.15
C HIS E 112 -22.22 -44.75 -8.90
N LEU E 113 -21.29 -45.71 -9.01
CA LEU E 113 -19.99 -45.38 -9.55
C LEU E 113 -19.83 -45.94 -10.95
N ALA E 114 -19.79 -45.00 -11.89
CA ALA E 114 -19.68 -45.30 -13.31
C ALA E 114 -19.16 -44.02 -13.98
N ALA E 115 -18.49 -44.18 -15.13
CA ALA E 115 -18.06 -43.05 -15.92
C ALA E 115 -19.28 -42.16 -16.21
N LEU E 116 -19.08 -40.84 -16.19
CA LEU E 116 -20.22 -39.95 -16.43
C LEU E 116 -20.69 -40.11 -17.87
N PRO E 117 -21.99 -39.97 -18.14
CA PRO E 117 -22.48 -40.06 -19.52
C PRO E 117 -21.95 -38.90 -20.35
N ALA E 118 -21.69 -39.17 -21.65
CA ALA E 118 -21.33 -38.14 -22.61
C ALA E 118 -22.42 -37.07 -22.66
N MET E 119 -22.01 -35.83 -22.90
CA MET E 119 -22.93 -34.70 -22.94
C MET E 119 -22.61 -33.86 -24.17
N PRO E 120 -23.59 -33.11 -24.74
CA PRO E 120 -23.30 -32.13 -25.78
C PRO E 120 -22.28 -31.10 -25.29
N ASN E 121 -21.39 -30.67 -26.20
CA ASN E 121 -20.43 -29.62 -25.92
C ASN E 121 -19.26 -30.16 -25.10
N ASP E 122 -19.26 -31.46 -24.74
CA ASP E 122 -18.03 -32.08 -24.24
C ASP E 122 -16.97 -32.05 -25.34
N ASN E 123 -15.71 -31.87 -24.93
CA ASN E 123 -14.54 -32.19 -25.75
C ASN E 123 -13.49 -32.85 -24.85
N LEU E 124 -13.88 -33.96 -24.25
CA LEU E 124 -13.07 -34.73 -23.33
C LEU E 124 -11.76 -35.25 -23.93
N ASP E 125 -10.68 -34.99 -23.20
CA ASP E 125 -9.43 -35.71 -23.40
C ASP E 125 -9.40 -36.85 -22.39
N GLU E 126 -9.32 -38.08 -22.91
CA GLU E 126 -9.45 -39.28 -22.09
C GLU E 126 -8.34 -39.32 -21.02
N LYS E 127 -7.15 -38.81 -21.35
CA LYS E 127 -6.03 -38.86 -20.44
C LYS E 127 -6.07 -37.74 -19.41
N GLN E 128 -7.10 -36.86 -19.46
CA GLN E 128 -7.33 -35.78 -18.52
C GLN E 128 -8.55 -36.06 -17.64
N GLY E 129 -9.02 -37.31 -17.64
CA GLY E 129 -9.91 -37.71 -16.55
C GLY E 129 -9.81 -39.21 -16.25
N GLY E 130 -10.79 -39.74 -15.53
CA GLY E 130 -10.72 -41.14 -15.13
C GLY E 130 -9.67 -41.36 -14.06
N GLY E 131 -9.00 -42.52 -14.12
CA GLY E 131 -8.08 -42.96 -13.10
C GLY E 131 -8.72 -43.87 -12.06
N ASP E 132 -7.91 -44.82 -11.53
CA ASP E 132 -8.27 -45.72 -10.47
C ASP E 132 -8.40 -44.94 -9.16
N ILE E 133 -7.42 -44.05 -8.88
CA ILE E 133 -7.40 -43.34 -7.61
C ILE E 133 -7.29 -41.86 -7.90
N CYS E 134 -7.91 -41.03 -7.05
CA CYS E 134 -7.72 -39.60 -7.17
C CYS E 134 -7.20 -39.11 -5.82
N ILE E 135 -6.28 -38.15 -5.83
CA ILE E 135 -5.86 -37.52 -4.59
C ILE E 135 -6.13 -36.04 -4.73
N GLN E 136 -6.91 -35.49 -3.80
CA GLN E 136 -7.12 -34.05 -3.82
C GLN E 136 -6.37 -33.48 -2.62
N VAL E 137 -5.41 -32.58 -2.90
CA VAL E 137 -4.59 -31.99 -1.84
C VAL E 137 -4.85 -30.49 -1.78
N CYS E 138 -5.30 -29.99 -0.62
CA CYS E 138 -5.60 -28.57 -0.48
C CYS E 138 -4.81 -27.92 0.65
N ALA E 139 -4.47 -26.63 0.49
CA ALA E 139 -3.82 -25.94 1.58
C ALA E 139 -3.85 -24.48 1.27
N ASP E 140 -3.57 -23.66 2.29
CA ASP E 140 -3.54 -22.21 2.09
C ASP E 140 -2.22 -21.72 1.47
N ASP E 141 -1.27 -22.63 1.20
CA ASP E 141 0.03 -22.26 0.65
C ASP E 141 0.42 -23.28 -0.42
N GLU E 142 0.74 -22.81 -1.63
CA GLU E 142 0.95 -23.75 -2.74
C GLU E 142 2.07 -24.74 -2.40
N GLN E 143 3.14 -24.23 -1.79
CA GLN E 143 4.36 -25.01 -1.64
C GLN E 143 4.03 -26.15 -0.67
N VAL E 144 3.11 -25.90 0.28
CA VAL E 144 2.76 -26.96 1.23
C VAL E 144 2.03 -28.10 0.52
N ALA E 145 1.11 -27.68 -0.36
CA ALA E 145 0.25 -28.62 -1.04
C ALA E 145 1.11 -29.45 -2.00
N PHE E 146 1.99 -28.77 -2.73
CA PHE E 146 2.77 -29.52 -3.71
C PHE E 146 3.69 -30.50 -2.98
N HIS E 147 4.22 -30.09 -1.82
CA HIS E 147 5.12 -30.95 -1.06
C HIS E 147 4.36 -32.23 -0.68
N ALA E 148 3.13 -32.06 -0.21
CA ALA E 148 2.34 -33.20 0.24
C ALA E 148 2.12 -34.13 -0.95
N LEU E 149 1.69 -33.58 -2.09
CA LEU E 149 1.43 -34.43 -3.24
C LEU E 149 2.69 -35.18 -3.65
N ARG E 150 3.78 -34.44 -3.75
CA ARG E 150 5.04 -35.03 -4.19
C ARG E 150 5.42 -36.25 -3.34
N ASN E 151 5.32 -36.13 -2.01
CA ASN E 151 5.74 -37.19 -1.11
C ASN E 151 4.73 -38.35 -1.09
N LEU E 152 3.44 -38.03 -1.34
CA LEU E 152 2.47 -39.13 -1.47
C LEU E 152 2.80 -39.90 -2.76
N LEU E 153 3.12 -39.16 -3.83
CA LEU E 153 3.27 -39.83 -5.10
C LEU E 153 4.55 -40.66 -5.09
N ASN E 154 5.58 -40.12 -4.41
CA ASN E 154 6.84 -40.83 -4.25
C ASN E 154 6.59 -42.21 -3.63
N GLN E 155 5.70 -42.28 -2.64
CA GLN E 155 5.39 -43.56 -2.02
C GLN E 155 4.77 -44.53 -3.03
N ALA E 156 4.11 -44.01 -4.08
CA ALA E 156 3.33 -44.86 -4.95
C ALA E 156 4.19 -45.47 -6.06
N VAL E 157 5.48 -45.10 -6.13
CA VAL E 157 6.26 -45.53 -7.28
C VAL E 157 6.33 -47.06 -7.24
N GLY E 158 6.06 -47.73 -8.36
CA GLY E 158 6.10 -49.18 -8.34
C GLY E 158 4.73 -49.83 -8.16
N THR E 159 3.77 -49.10 -7.57
CA THR E 159 2.42 -49.59 -7.38
C THR E 159 1.46 -48.98 -8.40
N CYS E 160 1.64 -47.67 -8.70
CA CYS E 160 0.78 -46.90 -9.61
C CYS E 160 1.60 -46.06 -10.60
N GLU E 161 0.97 -45.71 -11.73
CA GLU E 161 1.47 -44.66 -12.62
C GLU E 161 0.55 -43.45 -12.45
N VAL E 162 1.13 -42.24 -12.50
CA VAL E 162 0.37 -41.00 -12.40
C VAL E 162 -0.31 -40.70 -13.74
N ARG E 163 -1.62 -40.51 -13.70
CA ARG E 163 -2.34 -40.17 -14.90
C ARG E 163 -2.20 -38.69 -15.23
N PHE E 164 -2.52 -37.80 -14.29
CA PHE E 164 -2.44 -36.37 -14.53
C PHE E 164 -2.38 -35.67 -13.19
N VAL E 165 -1.79 -34.47 -13.22
CA VAL E 165 -1.73 -33.58 -12.07
C VAL E 165 -2.19 -32.23 -12.60
N ASN E 166 -3.23 -31.70 -11.96
CA ASN E 166 -3.74 -30.37 -12.19
C ASN E 166 -3.55 -29.60 -10.88
N LYS E 167 -3.58 -28.26 -10.94
CA LYS E 167 -3.57 -27.48 -9.72
C LYS E 167 -4.31 -26.17 -9.97
N GLY E 168 -4.77 -25.56 -8.88
CA GLY E 168 -5.49 -24.32 -9.02
C GLY E 168 -5.57 -23.53 -7.70
N PHE E 169 -6.34 -22.44 -7.77
CA PHE E 169 -6.41 -21.46 -6.71
C PHE E 169 -7.83 -20.88 -6.62
N LEU E 170 -8.19 -20.36 -5.47
CA LEU E 170 -9.45 -19.65 -5.29
C LEU E 170 -9.35 -18.82 -4.02
N SER E 171 -9.18 -17.49 -4.18
CA SER E 171 -8.96 -16.64 -3.02
C SER E 171 -10.27 -16.10 -2.45
N GLY E 172 -10.49 -16.34 -1.16
CA GLY E 172 -11.59 -15.74 -0.46
C GLY E 172 -11.37 -14.26 -0.21
N GLY E 173 -12.49 -13.53 -0.12
CA GLY E 173 -12.49 -12.11 0.19
C GLY E 173 -11.71 -11.81 1.45
N LYS E 174 -11.15 -10.60 1.54
CA LYS E 174 -10.33 -10.22 2.67
C LYS E 174 -11.17 -10.20 3.95
N ASN E 175 -12.49 -9.97 3.80
CA ASN E 175 -13.40 -9.98 4.94
C ASN E 175 -14.32 -11.20 4.92
N GLY E 176 -13.87 -12.31 4.32
CA GLY E 176 -14.64 -13.55 4.34
C GLY E 176 -15.77 -13.60 3.31
N GLU E 177 -15.74 -12.71 2.29
CA GLU E 177 -16.66 -12.75 1.15
C GLU E 177 -16.46 -14.02 0.34
N THR E 178 -17.53 -14.43 -0.35
CA THR E 178 -17.54 -15.58 -1.24
C THR E 178 -16.45 -15.42 -2.28
N PRO E 179 -15.58 -16.42 -2.48
CA PRO E 179 -14.44 -16.27 -3.42
C PRO E 179 -14.97 -16.03 -4.82
N ARG E 180 -14.21 -15.31 -5.66
CA ARG E 180 -14.65 -15.16 -7.05
C ARG E 180 -13.82 -16.04 -7.98
N ASN E 181 -14.50 -16.58 -9.00
CA ASN E 181 -13.89 -17.36 -10.08
C ASN E 181 -13.29 -16.37 -11.06
N LEU E 182 -12.77 -16.88 -12.19
CA LEU E 182 -12.02 -16.07 -13.15
C LEU E 182 -12.96 -15.24 -14.04
N PHE E 183 -14.26 -15.52 -14.00
CA PHE E 183 -15.27 -14.72 -14.67
C PHE E 183 -15.63 -13.51 -13.80
N GLY E 184 -15.12 -13.49 -12.54
CA GLY E 184 -15.29 -12.40 -11.58
C GLY E 184 -16.59 -12.48 -10.77
N PHE E 185 -17.32 -13.61 -10.86
CA PHE E 185 -18.54 -13.80 -10.10
C PHE E 185 -18.23 -14.56 -8.83
N LYS E 186 -18.97 -14.23 -7.75
CA LYS E 186 -18.97 -15.02 -6.54
C LYS E 186 -19.32 -16.48 -6.88
N ASP E 187 -18.62 -17.39 -6.23
CA ASP E 187 -18.70 -18.79 -6.63
C ASP E 187 -18.91 -19.60 -5.37
N GLY E 188 -20.16 -20.03 -5.10
CA GLY E 188 -20.47 -20.89 -3.97
C GLY E 188 -21.65 -20.44 -3.10
N THR E 189 -22.25 -19.27 -3.40
CA THR E 189 -23.43 -18.73 -2.74
C THR E 189 -24.52 -19.81 -2.55
N GLY E 190 -24.75 -20.61 -3.59
CA GLY E 190 -25.86 -21.56 -3.61
C GLY E 190 -25.61 -22.86 -2.83
N ASN E 191 -24.39 -23.07 -2.33
CA ASN E 191 -24.17 -24.24 -1.50
C ASN E 191 -24.87 -24.00 -0.16
N GLN E 192 -25.30 -25.09 0.52
CA GLN E 192 -25.77 -24.96 1.89
C GLN E 192 -24.56 -24.81 2.81
N SER E 193 -24.79 -24.29 4.03
CA SER E 193 -23.71 -24.14 5.00
C SER E 193 -23.05 -25.48 5.27
N THR E 194 -21.76 -25.55 5.07
CA THR E 194 -21.01 -26.76 5.37
C THR E 194 -20.95 -26.94 6.89
N GLU E 195 -21.46 -25.96 7.66
CA GLU E 195 -21.47 -26.03 9.12
C GLU E 195 -22.78 -26.64 9.63
N ASP E 196 -23.69 -26.97 8.72
CA ASP E 196 -24.98 -27.55 9.08
C ASP E 196 -24.96 -29.05 8.77
N ASP E 197 -24.67 -29.84 9.82
CA ASP E 197 -24.60 -31.30 9.77
C ASP E 197 -25.83 -31.90 9.10
N SER E 198 -27.01 -31.38 9.42
CA SER E 198 -28.24 -31.94 8.89
C SER E 198 -28.26 -31.78 7.37
N LEU E 199 -27.93 -30.57 6.90
CA LEU E 199 -27.95 -30.34 5.46
C LEU E 199 -26.89 -31.16 4.73
N MET E 200 -25.71 -31.30 5.35
CA MET E 200 -24.60 -32.00 4.72
C MET E 200 -24.89 -33.51 4.68
N ASN E 201 -25.44 -34.03 5.79
CA ASN E 201 -26.05 -35.35 5.83
C ASN E 201 -27.03 -35.54 4.66
N SER E 202 -27.92 -34.59 4.45
CA SER E 202 -28.89 -34.77 3.38
C SER E 202 -28.29 -34.67 1.97
N ILE E 203 -27.13 -34.03 1.81
CA ILE E 203 -26.71 -33.65 0.47
C ILE E 203 -25.41 -34.38 0.11
N VAL E 204 -24.50 -34.52 1.08
CA VAL E 204 -23.14 -34.96 0.80
C VAL E 204 -22.88 -36.37 1.30
N TRP E 205 -23.17 -36.63 2.58
CA TRP E 205 -22.70 -37.82 3.30
C TRP E 205 -23.58 -39.05 3.14
N VAL E 206 -22.95 -40.15 2.70
CA VAL E 206 -23.55 -41.48 2.66
C VAL E 206 -23.84 -41.99 4.07
N GLN E 207 -25.08 -42.46 4.26
CA GLN E 207 -25.46 -43.02 5.55
C GLN E 207 -25.99 -44.44 5.35
N SER E 208 -26.53 -44.72 4.16
CA SER E 208 -27.16 -46.01 3.93
C SER E 208 -27.15 -46.31 2.44
N GLY E 209 -27.47 -47.56 2.10
CA GLY E 209 -27.67 -48.01 0.72
C GLY E 209 -26.37 -48.36 0.00
N GLU E 210 -25.25 -48.26 0.70
CA GLU E 210 -23.96 -48.40 0.05
C GLU E 210 -23.15 -49.42 0.86
N PRO E 211 -22.11 -50.09 0.32
CA PRO E 211 -21.19 -50.84 1.17
C PRO E 211 -20.71 -50.01 2.37
N ASP E 212 -20.30 -50.73 3.41
CA ASP E 212 -19.94 -50.13 4.69
C ASP E 212 -18.75 -49.17 4.59
N TRP E 213 -17.76 -49.47 3.74
CA TRP E 213 -16.57 -48.63 3.66
C TRP E 213 -16.95 -47.22 3.17
N MET E 214 -18.11 -47.13 2.50
CA MET E 214 -18.62 -45.89 1.96
C MET E 214 -19.47 -45.15 3.01
N THR E 215 -19.70 -45.72 4.19
CA THR E 215 -20.46 -44.96 5.16
C THR E 215 -19.59 -43.81 5.68
N GLY E 216 -20.12 -42.57 5.66
CA GLY E 216 -19.39 -41.37 6.06
C GLY E 216 -18.62 -40.75 4.88
N GLY E 217 -18.67 -41.44 3.74
CA GLY E 217 -18.08 -41.05 2.47
C GLY E 217 -19.09 -40.35 1.58
N THR E 218 -18.72 -40.19 0.31
CA THR E 218 -19.48 -39.39 -0.62
C THR E 218 -18.96 -39.64 -2.01
N TYR E 219 -19.60 -39.07 -3.05
CA TYR E 219 -19.09 -39.18 -4.40
C TYR E 219 -18.51 -37.83 -4.81
N MET E 220 -17.41 -37.86 -5.57
CA MET E 220 -16.72 -36.65 -5.98
C MET E 220 -16.82 -36.59 -7.49
N ALA E 221 -17.48 -35.54 -8.01
CA ALA E 221 -17.47 -35.30 -9.44
C ALA E 221 -16.39 -34.27 -9.78
N PHE E 222 -15.70 -34.55 -10.90
CA PHE E 222 -14.62 -33.75 -11.41
C PHE E 222 -14.88 -33.40 -12.88
N ARG E 223 -14.79 -32.09 -13.16
CA ARG E 223 -14.96 -31.62 -14.53
C ARG E 223 -13.92 -30.54 -14.78
N LYS E 224 -13.04 -30.81 -15.73
CA LYS E 224 -12.08 -29.80 -16.15
C LYS E 224 -12.69 -28.95 -17.25
N ILE E 225 -12.98 -27.70 -16.90
CA ILE E 225 -13.70 -26.80 -17.80
C ILE E 225 -12.85 -25.56 -18.12
N LYS E 226 -12.30 -25.56 -19.34
CA LYS E 226 -11.66 -24.41 -19.93
C LYS E 226 -12.61 -23.19 -19.94
N MET E 227 -12.08 -22.02 -19.58
CA MET E 227 -12.85 -20.79 -19.64
C MET E 227 -12.18 -19.85 -20.63
N PHE E 228 -12.92 -19.41 -21.65
CA PHE E 228 -12.36 -18.58 -22.70
C PHE E 228 -12.35 -17.12 -22.26
N LEU E 229 -11.36 -16.75 -21.44
CA LEU E 229 -11.30 -15.44 -20.79
C LEU E 229 -11.37 -14.33 -21.85
N GLU E 230 -10.68 -14.54 -22.98
CA GLU E 230 -10.68 -13.48 -23.98
C GLU E 230 -12.11 -13.26 -24.52
N ILE E 231 -12.88 -14.35 -24.71
CA ILE E 231 -14.23 -14.20 -25.24
C ILE E 231 -15.09 -13.43 -24.24
N TRP E 232 -14.94 -13.82 -22.97
CA TRP E 232 -15.68 -13.26 -21.84
C TRP E 232 -15.34 -11.80 -21.54
N ASP E 233 -14.05 -11.46 -21.62
CA ASP E 233 -13.59 -10.14 -21.24
C ASP E 233 -14.05 -9.08 -22.25
N ARG E 234 -14.25 -9.49 -23.51
CA ARG E 234 -14.77 -8.51 -24.47
C ARG E 234 -16.30 -8.58 -24.62
N SER E 235 -16.96 -9.32 -23.72
CA SER E 235 -18.42 -9.34 -23.65
C SER E 235 -18.94 -8.19 -22.80
N SER E 236 -20.21 -7.85 -23.02
CA SER E 236 -20.76 -6.71 -22.29
C SER E 236 -21.08 -7.21 -20.90
N LEU E 237 -21.26 -6.28 -19.94
CA LEU E 237 -21.64 -6.58 -18.56
C LEU E 237 -23.02 -7.24 -18.53
N LYS E 238 -23.90 -6.75 -19.42
CA LYS E 238 -25.28 -7.21 -19.55
C LYS E 238 -25.28 -8.72 -19.83
N ASP E 239 -24.48 -9.12 -20.85
CA ASP E 239 -24.26 -10.48 -21.30
C ASP E 239 -23.66 -11.37 -20.21
N GLN E 240 -22.71 -10.82 -19.43
CA GLN E 240 -22.07 -11.55 -18.36
C GLN E 240 -23.11 -11.81 -17.26
N GLU E 241 -23.83 -10.77 -16.84
CA GLU E 241 -24.83 -10.99 -15.81
C GLU E 241 -25.95 -11.91 -16.32
N ASP E 242 -26.36 -11.74 -17.59
CA ASP E 242 -27.46 -12.52 -18.15
C ASP E 242 -27.07 -14.00 -18.23
N THR E 243 -25.76 -14.25 -18.40
CA THR E 243 -25.27 -15.63 -18.45
C THR E 243 -25.57 -16.39 -17.16
N PHE E 244 -25.62 -15.69 -16.02
CA PHE E 244 -25.71 -16.33 -14.70
C PHE E 244 -27.08 -16.08 -14.06
N GLY E 245 -27.66 -14.90 -14.24
CA GLY E 245 -28.90 -14.64 -13.54
C GLY E 245 -28.62 -14.05 -12.16
N ARG E 246 -27.38 -13.59 -11.96
CA ARG E 246 -26.99 -12.83 -10.77
C ARG E 246 -26.19 -11.59 -11.19
N ARG E 247 -26.21 -10.55 -10.35
CA ARG E 247 -25.45 -9.32 -10.53
C ARG E 247 -23.97 -9.58 -10.15
N LYS E 248 -23.02 -9.12 -10.96
CA LYS E 248 -21.63 -9.52 -10.79
C LYS E 248 -21.10 -9.09 -9.42
N SER E 249 -21.34 -7.81 -9.12
CA SER E 249 -20.74 -7.14 -7.99
C SER E 249 -21.32 -7.67 -6.67
N SER E 250 -22.63 -7.45 -6.50
CA SER E 250 -23.39 -7.87 -5.33
C SER E 250 -23.44 -9.39 -5.22
N GLY E 251 -23.45 -10.10 -6.36
CA GLY E 251 -23.82 -11.51 -6.38
C GLY E 251 -25.32 -11.75 -6.11
N ALA E 252 -26.16 -10.70 -6.15
CA ALA E 252 -27.58 -10.81 -5.84
C ALA E 252 -28.29 -11.48 -7.03
N PRO E 253 -29.28 -12.40 -6.79
CA PRO E 253 -30.15 -12.86 -7.88
C PRO E 253 -30.79 -11.61 -8.46
N PHE E 254 -31.10 -11.66 -9.77
CA PHE E 254 -31.76 -10.50 -10.38
C PHE E 254 -32.97 -10.10 -9.57
N GLY E 255 -33.12 -8.78 -9.38
CA GLY E 255 -34.27 -8.19 -8.74
C GLY E 255 -34.24 -8.31 -7.24
N GLN E 256 -33.16 -8.88 -6.67
CA GLN E 256 -33.01 -8.98 -5.22
C GLN E 256 -31.90 -8.05 -4.70
N LYS E 257 -31.82 -7.84 -3.40
CA LYS E 257 -30.89 -6.84 -2.88
C LYS E 257 -29.54 -7.44 -2.43
N LYS E 258 -29.58 -8.63 -1.82
CA LYS E 258 -28.40 -9.23 -1.22
C LYS E 258 -28.05 -10.53 -1.95
N GLU E 259 -26.80 -10.99 -1.74
CA GLU E 259 -26.25 -12.23 -2.27
C GLU E 259 -27.05 -13.45 -1.77
N THR E 260 -27.42 -13.40 -0.48
CA THR E 260 -28.07 -14.52 0.16
C THR E 260 -29.57 -14.55 -0.20
N ASP E 261 -30.08 -13.55 -0.93
CA ASP E 261 -31.53 -13.50 -1.16
C ASP E 261 -31.95 -14.67 -2.04
N PRO E 262 -33.18 -15.20 -1.88
CA PRO E 262 -33.56 -16.41 -2.62
C PRO E 262 -33.67 -15.95 -4.08
N VAL E 263 -33.22 -16.82 -4.98
CA VAL E 263 -33.34 -16.60 -6.41
C VAL E 263 -34.83 -16.48 -6.75
N LYS E 264 -35.20 -15.51 -7.58
CA LYS E 264 -36.54 -15.51 -8.13
C LYS E 264 -36.46 -15.97 -9.58
N LEU E 265 -36.86 -17.23 -9.85
CA LEU E 265 -36.70 -17.86 -11.15
C LEU E 265 -37.40 -17.07 -12.26
N ASN E 266 -38.45 -16.34 -11.89
CA ASN E 266 -39.26 -15.63 -12.86
C ASN E 266 -38.58 -14.33 -13.29
N GLN E 267 -37.43 -13.99 -12.68
CA GLN E 267 -36.72 -12.74 -12.92
C GLN E 267 -35.38 -12.92 -13.63
N ILE E 268 -35.02 -14.16 -14.00
CA ILE E 268 -33.75 -14.43 -14.67
C ILE E 268 -34.00 -15.17 -15.97
N PRO E 269 -33.10 -15.03 -16.95
CA PRO E 269 -33.25 -15.75 -18.22
C PRO E 269 -33.25 -17.26 -17.97
N SER E 270 -34.04 -17.95 -18.81
CA SER E 270 -34.29 -19.36 -18.54
C SER E 270 -33.15 -20.23 -19.07
N ASN E 271 -32.32 -19.66 -19.94
CA ASN E 271 -31.07 -20.25 -20.39
C ASN E 271 -29.90 -19.76 -19.51
N SER E 272 -30.22 -19.03 -18.45
CA SER E 272 -29.22 -18.56 -17.52
C SER E 272 -28.72 -19.71 -16.63
N HIS E 273 -27.40 -19.71 -16.39
CA HIS E 273 -26.70 -20.74 -15.63
C HIS E 273 -27.46 -21.11 -14.37
N VAL E 274 -27.84 -20.13 -13.54
CA VAL E 274 -28.46 -20.39 -12.24
C VAL E 274 -29.89 -20.97 -12.41
N SER E 275 -30.63 -20.40 -13.35
CA SER E 275 -31.98 -20.89 -13.59
C SER E 275 -31.94 -22.37 -13.99
N LEU E 276 -31.05 -22.75 -14.92
CA LEU E 276 -30.98 -24.14 -15.32
C LEU E 276 -30.55 -25.05 -14.17
N ALA E 277 -29.64 -24.58 -13.29
CA ALA E 277 -29.10 -25.48 -12.27
C ALA E 277 -30.14 -25.68 -11.17
N LYS E 278 -30.66 -24.54 -10.69
CA LYS E 278 -31.53 -24.55 -9.52
C LYS E 278 -32.83 -25.28 -9.85
N SER E 279 -33.16 -25.38 -11.15
CA SER E 279 -34.50 -25.79 -11.55
C SER E 279 -34.65 -27.31 -11.59
N THR E 280 -33.55 -28.07 -11.50
CA THR E 280 -33.65 -29.51 -11.35
C THR E 280 -34.23 -29.81 -9.97
N GLY E 281 -34.25 -28.80 -9.10
CA GLY E 281 -34.62 -28.94 -7.69
C GLY E 281 -33.59 -29.74 -6.87
N LYS E 282 -32.47 -30.09 -7.49
CA LYS E 282 -31.42 -30.85 -6.83
C LYS E 282 -30.35 -29.94 -6.21
N GLN E 283 -29.49 -30.55 -5.39
CA GLN E 283 -28.48 -29.80 -4.67
C GLN E 283 -27.20 -30.63 -4.66
N ILE E 284 -26.05 -29.92 -4.75
CA ILE E 284 -24.71 -30.47 -4.59
C ILE E 284 -23.87 -29.53 -3.71
N LEU E 285 -22.69 -30.02 -3.30
CA LEU E 285 -21.71 -29.18 -2.62
C LEU E 285 -20.55 -28.97 -3.59
N ARG E 286 -20.45 -27.72 -4.11
CA ARG E 286 -19.42 -27.34 -5.07
C ARG E 286 -18.19 -26.82 -4.30
N ARG E 287 -17.03 -27.34 -4.68
CA ARG E 287 -15.72 -26.96 -4.07
C ARG E 287 -14.72 -26.92 -5.21
N ALA E 288 -14.81 -25.87 -6.04
CA ALA E 288 -14.01 -25.80 -7.24
C ALA E 288 -12.81 -24.84 -7.06
N PHE E 289 -11.83 -24.91 -7.99
CA PHE E 289 -10.65 -24.04 -8.01
C PHE E 289 -10.39 -23.54 -9.43
N SER E 290 -10.01 -22.26 -9.59
CA SER E 290 -9.55 -21.78 -10.90
C SER E 290 -8.17 -22.38 -11.22
N TYR E 291 -7.87 -22.53 -12.53
CA TYR E 291 -6.55 -22.88 -13.00
C TYR E 291 -6.08 -21.95 -14.12
N THR E 292 -4.76 -21.73 -14.21
CA THR E 292 -4.07 -21.13 -15.34
C THR E 292 -2.90 -22.06 -15.65
N GLU E 293 -2.59 -22.27 -16.94
CA GLU E 293 -1.59 -23.24 -17.36
C GLU E 293 -0.83 -22.65 -18.54
N GLY E 294 -0.42 -21.38 -18.43
CA GLY E 294 0.37 -20.76 -19.48
C GLY E 294 -0.49 -20.38 -20.69
N LEU E 295 0.17 -20.10 -21.84
CA LEU E 295 -0.56 -19.85 -23.09
C LEU E 295 -1.05 -21.18 -23.64
N ASP E 296 -2.31 -21.19 -24.13
CA ASP E 296 -2.79 -22.29 -24.94
C ASP E 296 -2.18 -22.15 -26.33
N PRO E 297 -1.34 -23.12 -26.80
CA PRO E 297 -0.68 -23.02 -28.10
C PRO E 297 -1.69 -23.06 -29.26
N LYS E 298 -2.83 -23.73 -29.04
CA LYS E 298 -3.87 -23.83 -30.05
C LYS E 298 -4.63 -22.50 -30.18
N THR E 299 -4.31 -21.47 -29.40
CA THR E 299 -5.04 -20.23 -29.57
C THR E 299 -4.18 -18.99 -29.35
N GLY E 300 -3.01 -19.14 -28.70
CA GLY E 300 -2.17 -18.00 -28.36
C GLY E 300 -2.77 -17.16 -27.23
N TYR E 301 -3.79 -17.69 -26.55
CA TYR E 301 -4.36 -17.01 -25.41
C TYR E 301 -4.14 -17.81 -24.12
N MET E 302 -4.27 -17.14 -22.94
CA MET E 302 -4.14 -17.81 -21.66
C MET E 302 -4.96 -19.09 -21.74
N ASP E 303 -4.37 -20.21 -21.30
CA ASP E 303 -5.10 -21.43 -21.02
C ASP E 303 -5.56 -21.35 -19.57
N ALA E 304 -6.88 -21.27 -19.34
CA ALA E 304 -7.44 -20.98 -18.02
C ALA E 304 -8.77 -21.69 -17.86
N GLY E 305 -9.20 -21.89 -16.60
CA GLY E 305 -10.46 -22.60 -16.46
C GLY E 305 -10.83 -22.84 -15.01
N LEU E 306 -11.74 -23.79 -14.85
CA LEU E 306 -12.18 -24.18 -13.52
C LEU E 306 -11.93 -25.67 -13.35
N LEU E 307 -11.33 -26.03 -12.21
CA LEU E 307 -11.31 -27.42 -11.77
C LEU E 307 -12.59 -27.58 -10.99
N PHE E 308 -13.66 -27.95 -11.69
CA PHE E 308 -14.96 -28.11 -11.07
C PHE E 308 -14.86 -29.40 -10.26
N ILE E 309 -15.20 -29.30 -8.97
CA ILE E 309 -15.18 -30.43 -8.05
C ILE E 309 -16.43 -30.22 -7.19
N SER E 310 -17.31 -31.26 -7.11
CA SER E 310 -18.49 -31.25 -6.24
C SER E 310 -18.69 -32.60 -5.54
N PHE E 311 -19.38 -32.52 -4.40
CA PHE E 311 -19.57 -33.67 -3.55
C PHE E 311 -21.07 -33.88 -3.41
N GLN E 312 -21.51 -35.16 -3.48
CA GLN E 312 -22.92 -35.53 -3.49
C GLN E 312 -23.08 -37.01 -3.15
N LYS E 313 -24.06 -37.30 -2.29
CA LYS E 313 -24.24 -38.67 -1.79
C LYS E 313 -24.69 -39.60 -2.91
N ASN E 314 -25.42 -39.03 -3.88
CA ASN E 314 -25.92 -39.85 -4.97
C ASN E 314 -25.84 -39.03 -6.25
N PRO E 315 -24.82 -39.32 -7.07
CA PRO E 315 -24.60 -38.58 -8.32
C PRO E 315 -25.71 -38.76 -9.36
N ASP E 316 -26.35 -39.94 -9.34
CA ASP E 316 -27.33 -40.28 -10.36
C ASP E 316 -28.57 -39.42 -10.15
N ASN E 317 -28.82 -39.03 -8.90
CA ASN E 317 -29.97 -38.24 -8.52
C ASN E 317 -29.66 -36.75 -8.46
N GLN E 318 -28.43 -36.36 -8.04
CA GLN E 318 -28.20 -34.97 -7.66
C GLN E 318 -27.46 -34.19 -8.77
N PHE E 319 -26.63 -34.90 -9.52
CA PHE E 319 -25.59 -34.28 -10.31
C PHE E 319 -25.80 -34.50 -11.80
N ILE E 320 -25.97 -35.77 -12.22
CA ILE E 320 -26.19 -36.12 -13.62
C ILE E 320 -27.35 -35.30 -14.19
N PRO E 321 -28.48 -35.11 -13.45
CA PRO E 321 -29.56 -34.25 -13.94
C PRO E 321 -29.12 -32.81 -14.24
N MET E 322 -28.45 -32.15 -13.25
CA MET E 322 -27.94 -30.79 -13.41
C MET E 322 -27.12 -30.70 -14.69
N LEU E 323 -26.29 -31.71 -14.90
CA LEU E 323 -25.39 -31.71 -16.03
C LEU E 323 -26.19 -31.71 -17.33
N LYS E 324 -27.19 -32.62 -17.38
CA LYS E 324 -28.14 -32.78 -18.48
C LYS E 324 -28.86 -31.46 -18.72
N ALA E 325 -29.49 -30.94 -17.66
CA ALA E 325 -30.19 -29.65 -17.69
C ALA E 325 -29.34 -28.51 -18.26
N LEU E 326 -28.00 -28.56 -18.12
CA LEU E 326 -27.16 -27.40 -18.36
C LEU E 326 -26.52 -27.50 -19.74
N SER E 327 -26.23 -28.72 -20.16
CA SER E 327 -25.19 -28.89 -21.15
C SER E 327 -25.65 -28.38 -22.50
N ALA E 328 -26.97 -28.37 -22.74
CA ALA E 328 -27.48 -28.05 -24.06
C ALA E 328 -27.89 -26.58 -24.16
N LYS E 329 -28.25 -25.96 -23.03
CA LYS E 329 -28.86 -24.63 -23.05
C LYS E 329 -28.04 -23.58 -22.27
N ASP E 330 -27.03 -24.01 -21.51
CA ASP E 330 -26.36 -23.05 -20.63
C ASP E 330 -25.78 -21.92 -21.48
N ALA E 331 -26.09 -20.67 -21.13
CA ALA E 331 -25.39 -19.50 -21.68
C ALA E 331 -23.85 -19.61 -21.55
N LEU E 332 -23.36 -20.29 -20.48
CA LEU E 332 -21.92 -20.42 -20.24
C LEU E 332 -21.27 -21.16 -21.41
N ASN E 333 -22.05 -21.96 -22.15
CA ASN E 333 -21.48 -22.79 -23.20
C ASN E 333 -20.68 -21.94 -24.17
N GLU E 334 -21.04 -20.65 -24.26
CA GLU E 334 -20.44 -19.67 -25.16
C GLU E 334 -18.97 -19.41 -24.80
N TYR E 335 -18.60 -19.67 -23.54
CA TYR E 335 -17.37 -19.19 -22.94
C TYR E 335 -16.56 -20.31 -22.27
N THR E 336 -17.05 -21.55 -22.38
CA THR E 336 -16.47 -22.66 -21.64
C THR E 336 -16.56 -23.91 -22.51
N GLN E 337 -15.75 -24.90 -22.14
CA GLN E 337 -15.73 -26.20 -22.79
C GLN E 337 -15.07 -27.20 -21.86
N THR E 338 -15.81 -28.26 -21.51
CA THR E 338 -15.35 -29.36 -20.66
C THR E 338 -14.33 -30.23 -21.41
N ILE E 339 -13.12 -30.40 -20.85
CA ILE E 339 -12.09 -31.11 -21.57
C ILE E 339 -11.58 -32.31 -20.78
N GLY E 340 -12.08 -32.47 -19.56
CA GLY E 340 -11.75 -33.65 -18.77
C GLY E 340 -12.84 -33.97 -17.77
N SER E 341 -12.97 -35.25 -17.37
CA SER E 341 -14.11 -35.69 -16.59
C SER E 341 -13.79 -36.93 -15.77
N ALA E 342 -14.30 -36.96 -14.55
CA ALA E 342 -14.22 -38.20 -13.82
C ALA E 342 -15.22 -38.20 -12.69
N LEU E 343 -15.55 -39.39 -12.20
CA LEU E 343 -16.33 -39.56 -10.98
C LEU E 343 -15.59 -40.56 -10.09
N TYR E 344 -15.59 -40.32 -8.77
CA TYR E 344 -14.83 -41.17 -7.85
C TYR E 344 -15.59 -41.36 -6.56
N ALA E 345 -15.43 -42.53 -5.91
CA ALA E 345 -16.09 -42.72 -4.63
C ALA E 345 -15.12 -42.45 -3.49
N CYS E 346 -15.52 -41.55 -2.59
CA CYS E 346 -14.69 -41.18 -1.46
C CYS E 346 -15.08 -42.03 -0.26
N PRO E 347 -14.16 -42.91 0.23
CA PRO E 347 -14.38 -43.64 1.47
C PRO E 347 -14.77 -42.74 2.61
N GLY E 348 -15.48 -43.34 3.59
CA GLY E 348 -15.75 -42.70 4.86
C GLY E 348 -14.42 -42.40 5.54
N GLY E 349 -14.47 -41.62 6.63
CA GLY E 349 -13.27 -41.22 7.33
C GLY E 349 -12.50 -42.40 7.94
N CYS E 350 -11.27 -42.09 8.35
CA CYS E 350 -10.32 -43.05 8.87
C CYS E 350 -10.30 -42.84 10.38
N LYS E 351 -10.26 -43.96 11.11
CA LYS E 351 -10.19 -43.98 12.56
C LYS E 351 -8.71 -44.08 12.92
N LYS E 352 -8.36 -43.47 14.05
CA LYS E 352 -7.04 -43.66 14.64
C LYS E 352 -6.76 -45.17 14.81
N GLY E 353 -5.91 -45.73 13.97
CA GLY E 353 -5.43 -47.09 14.09
C GLY E 353 -5.82 -47.90 12.86
N GLU E 354 -6.70 -47.30 12.05
CA GLU E 354 -7.13 -47.90 10.80
C GLU E 354 -6.43 -47.15 9.67
N TYR E 355 -6.45 -47.72 8.46
CA TYR E 355 -6.03 -46.98 7.29
C TYR E 355 -7.20 -46.70 6.33
N ILE E 356 -6.99 -45.78 5.39
CA ILE E 356 -8.01 -45.34 4.45
C ILE E 356 -8.46 -46.51 3.59
N ALA E 357 -9.79 -46.69 3.44
CA ALA E 357 -10.35 -47.72 2.57
C ALA E 357 -10.06 -49.12 3.13
N GLN E 358 -9.76 -49.21 4.43
CA GLN E 358 -9.41 -50.50 5.02
C GLN E 358 -10.56 -51.47 4.79
N ARG E 359 -11.76 -51.02 5.19
CA ARG E 359 -12.99 -51.80 5.13
C ARG E 359 -13.29 -52.25 3.71
N LEU E 360 -12.69 -51.61 2.72
CA LEU E 360 -12.91 -52.04 1.35
C LEU E 360 -11.87 -53.10 0.99
N LEU E 361 -10.65 -52.91 1.53
CA LEU E 361 -9.51 -53.68 1.07
C LEU E 361 -9.41 -54.96 1.89
N GLU E 362 -9.68 -54.80 3.20
CA GLU E 362 -10.04 -55.82 4.18
C GLU E 362 -8.95 -55.94 5.24
N SER E 363 -9.30 -55.54 6.47
CA SER E 363 -8.52 -55.78 7.68
C SER E 363 -9.35 -55.32 8.90
N GLU F 3 -20.67 -26.21 48.93
CA GLU F 3 -21.76 -25.78 48.00
C GLU F 3 -21.61 -24.30 47.63
N GLN F 4 -21.43 -23.43 48.64
CA GLN F 4 -21.20 -22.00 48.43
C GLN F 4 -19.69 -21.77 48.39
N ILE F 5 -19.03 -22.40 47.40
CA ILE F 5 -17.60 -22.36 47.18
C ILE F 5 -17.31 -21.85 45.77
N VAL F 6 -16.50 -20.80 45.65
CA VAL F 6 -16.11 -20.27 44.35
C VAL F 6 -14.62 -20.63 44.15
N PRO F 7 -14.24 -21.30 43.02
CA PRO F 7 -12.85 -21.66 42.76
C PRO F 7 -11.98 -20.43 42.87
N PHE F 8 -10.78 -20.65 43.40
CA PHE F 8 -9.78 -19.61 43.55
C PHE F 8 -8.81 -19.67 42.37
N TYR F 9 -8.48 -20.91 41.97
CA TYR F 9 -7.65 -21.16 40.79
C TYR F 9 -8.48 -21.01 39.51
N GLY F 10 -7.88 -20.48 38.46
CA GLY F 10 -8.66 -20.39 37.23
C GLY F 10 -7.88 -19.58 36.22
N LYS F 11 -8.41 -19.49 35.00
CA LYS F 11 -7.87 -18.58 34.00
C LYS F 11 -7.92 -17.15 34.57
N HIS F 12 -8.95 -16.88 35.36
CA HIS F 12 -9.11 -15.55 35.92
C HIS F 12 -9.09 -15.63 37.44
N GLN F 13 -8.78 -14.48 38.07
CA GLN F 13 -9.14 -14.27 39.46
C GLN F 13 -10.66 -14.23 39.62
N ALA F 14 -11.15 -14.87 40.69
CA ALA F 14 -12.55 -14.75 41.03
C ALA F 14 -12.82 -13.31 41.55
N GLY F 15 -14.11 -12.97 41.69
CA GLY F 15 -14.44 -11.68 42.30
C GLY F 15 -14.62 -10.54 41.30
N ILE F 16 -14.79 -10.88 40.01
CA ILE F 16 -14.95 -9.90 38.94
C ILE F 16 -16.22 -10.24 38.15
N THR F 17 -16.24 -11.42 37.52
CA THR F 17 -17.40 -11.95 36.81
C THR F 17 -18.19 -12.87 37.75
N THR F 18 -17.61 -13.19 38.92
CA THR F 18 -18.32 -13.96 39.94
C THR F 18 -19.61 -13.20 40.31
N ALA F 19 -20.73 -13.93 40.40
CA ALA F 19 -21.96 -13.30 40.89
C ALA F 19 -21.67 -12.45 42.14
N HIS F 20 -22.37 -11.30 42.27
CA HIS F 20 -22.08 -10.26 43.25
C HIS F 20 -22.49 -10.76 44.62
N GLN F 21 -21.55 -10.82 45.57
CA GLN F 21 -21.92 -11.23 46.92
C GLN F 21 -22.50 -10.05 47.70
N THR F 22 -23.00 -10.29 48.91
CA THR F 22 -23.56 -9.19 49.69
C THR F 22 -22.52 -8.24 50.30
N TYR F 23 -21.34 -8.72 50.74
CA TYR F 23 -20.47 -7.92 51.61
C TYR F 23 -19.09 -7.80 50.98
N VAL F 24 -18.43 -6.66 51.18
CA VAL F 24 -17.05 -6.53 50.74
C VAL F 24 -16.27 -5.90 51.88
N TYR F 25 -15.00 -6.27 51.97
CA TYR F 25 -13.97 -5.51 52.66
C TYR F 25 -12.93 -5.22 51.60
N PHE F 26 -12.53 -3.97 51.54
CA PHE F 26 -11.68 -3.55 50.45
C PHE F 26 -10.53 -2.78 51.06
N ALA F 27 -9.32 -3.36 51.01
CA ALA F 27 -8.16 -2.79 51.70
C ALA F 27 -7.06 -2.43 50.70
N ALA F 28 -6.25 -1.45 51.07
CA ALA F 28 -5.03 -1.17 50.38
C ALA F 28 -3.88 -1.26 51.37
N LEU F 29 -2.73 -1.74 50.86
CA LEU F 29 -1.49 -1.78 51.63
C LEU F 29 -0.36 -1.06 50.88
N ASP F 30 0.53 -0.40 51.64
CA ASP F 30 1.86 -0.02 51.22
C ASP F 30 2.97 -1.02 51.66
N VAL F 31 3.73 -1.54 50.67
CA VAL F 31 4.92 -2.32 50.93
C VAL F 31 5.93 -1.41 51.62
N THR F 32 6.49 -1.87 52.75
CA THR F 32 7.59 -1.20 53.43
C THR F 32 8.88 -2.04 53.39
N ALA F 33 8.81 -3.28 52.90
CA ALA F 33 10.01 -4.10 52.77
C ALA F 33 10.85 -3.56 51.62
N LYS F 34 12.18 -3.77 51.67
CA LYS F 34 13.07 -3.26 50.65
C LYS F 34 13.21 -4.26 49.50
N GLU F 35 13.28 -5.55 49.81
CA GLU F 35 13.72 -6.52 48.81
C GLU F 35 12.52 -7.21 48.18
N LYS F 36 12.67 -7.50 46.88
CA LYS F 36 11.65 -8.19 46.11
C LYS F 36 11.38 -9.57 46.72
N SER F 37 12.37 -10.19 47.37
CA SER F 37 12.20 -11.58 47.78
C SER F 37 11.19 -11.68 48.94
N ASP F 38 11.11 -10.63 49.76
CA ASP F 38 10.07 -10.51 50.79
C ASP F 38 8.68 -10.50 50.17
N ILE F 39 8.55 -9.88 49.01
CA ILE F 39 7.27 -9.72 48.32
C ILE F 39 6.88 -11.06 47.72
N ILE F 40 7.86 -11.87 47.35
CA ILE F 40 7.58 -13.17 46.77
C ILE F 40 7.04 -14.08 47.87
N THR F 41 7.70 -14.06 49.04
CA THR F 41 7.19 -14.72 50.24
C THR F 41 5.73 -14.31 50.52
N LEU F 42 5.44 -13.00 50.56
CA LEU F 42 4.10 -12.46 50.80
C LEU F 42 3.07 -13.08 49.86
N PHE F 43 3.36 -13.07 48.54
CA PHE F 43 2.38 -13.48 47.54
C PHE F 43 2.17 -14.99 47.55
N ARG F 44 3.24 -15.72 47.88
CA ARG F 44 3.21 -17.15 48.03
C ARG F 44 2.30 -17.53 49.21
N ASN F 45 2.55 -16.88 50.35
CA ASN F 45 1.75 -17.06 51.57
C ASN F 45 0.29 -16.66 51.32
N TRP F 46 0.07 -15.52 50.66
CA TRP F 46 -1.29 -15.07 50.45
C TRP F 46 -2.00 -16.07 49.57
N THR F 47 -1.26 -16.66 48.63
CA THR F 47 -1.85 -17.65 47.74
C THR F 47 -2.23 -18.91 48.51
N SER F 48 -1.28 -19.50 49.27
CA SER F 48 -1.59 -20.70 50.05
C SER F 48 -2.77 -20.40 50.98
N LEU F 49 -2.72 -19.28 51.72
CA LEU F 49 -3.81 -18.96 52.63
C LEU F 49 -5.14 -18.74 51.90
N THR F 50 -5.17 -17.96 50.79
CA THR F 50 -6.41 -17.75 50.07
C THR F 50 -7.01 -19.07 49.61
N GLN F 51 -6.17 -19.95 49.06
CA GLN F 51 -6.66 -21.26 48.64
C GLN F 51 -7.43 -21.96 49.77
N MET F 52 -6.89 -21.87 50.99
CA MET F 52 -7.55 -22.47 52.16
C MET F 52 -8.86 -21.74 52.51
N LEU F 53 -8.84 -20.40 52.62
CA LEU F 53 -10.04 -19.67 53.04
C LEU F 53 -11.21 -19.91 52.10
N THR F 54 -10.95 -19.92 50.79
CA THR F 54 -12.06 -20.02 49.80
C THR F 54 -12.52 -21.45 49.57
N SER F 55 -11.68 -22.45 49.82
CA SER F 55 -12.02 -23.87 49.56
C SER F 55 -12.93 -24.40 50.65
N GLY F 56 -12.80 -23.88 51.85
CA GLY F 56 -13.61 -24.29 53.01
C GLY F 56 -13.68 -25.78 53.24
N LYS F 57 -12.59 -26.41 53.66
CA LYS F 57 -12.63 -27.86 53.95
C LYS F 57 -11.47 -28.26 54.86
N LYS F 58 -10.85 -27.29 55.53
CA LYS F 58 -9.68 -27.53 56.36
C LYS F 58 -9.75 -26.70 57.64
N MET F 59 -8.75 -26.89 58.51
CA MET F 59 -8.62 -26.18 59.78
C MET F 59 -9.79 -26.54 60.70
N SER F 60 -10.65 -25.54 60.96
CA SER F 60 -11.79 -25.57 61.89
C SER F 60 -11.33 -25.59 63.35
N ALA F 61 -10.69 -26.69 63.74
CA ALA F 61 -10.12 -26.83 65.09
C ALA F 61 -8.60 -26.78 64.97
N GLU F 62 -8.04 -27.76 64.23
CA GLU F 62 -6.61 -27.95 63.86
C GLU F 62 -5.65 -27.28 64.84
N GLN F 63 -5.70 -27.65 66.12
CA GLN F 63 -4.85 -26.95 67.11
C GLN F 63 -3.40 -27.42 66.98
N ARG F 64 -2.46 -26.49 67.10
CA ARG F 64 -1.01 -26.82 67.15
C ARG F 64 -0.53 -26.63 68.60
N ASN F 65 0.76 -26.57 68.85
CA ASN F 65 1.16 -26.37 70.22
C ASN F 65 0.47 -25.15 70.88
N GLN F 66 -0.09 -25.39 72.07
CA GLN F 66 -0.84 -24.38 72.80
C GLN F 66 0.00 -23.14 73.14
N TYR F 67 1.35 -23.24 73.17
CA TYR F 67 2.14 -22.10 73.59
C TYR F 67 2.49 -21.15 72.41
N LEU F 68 2.12 -21.54 71.19
CA LEU F 68 2.25 -20.64 70.03
C LEU F 68 0.91 -19.93 69.79
N PRO F 69 0.87 -18.81 69.03
CA PRO F 69 -0.41 -18.23 68.64
C PRO F 69 -1.17 -19.18 67.73
N PRO F 70 -2.51 -19.19 67.79
CA PRO F 70 -3.28 -20.03 66.89
C PRO F 70 -2.94 -19.58 65.45
N GLN F 71 -2.86 -20.53 64.51
CA GLN F 71 -2.60 -20.20 63.13
C GLN F 71 -3.74 -19.32 62.59
N ASP F 72 -4.99 -19.70 62.91
CA ASP F 72 -6.24 -19.09 62.42
C ASP F 72 -6.96 -18.35 63.57
N THR F 73 -7.50 -17.17 63.33
CA THR F 73 -8.03 -16.36 64.42
C THR F 73 -9.36 -16.94 64.94
N GLY F 74 -9.97 -17.84 64.18
CA GLY F 74 -11.02 -18.73 64.69
C GLY F 74 -12.48 -18.28 64.50
N GLU F 75 -12.74 -17.01 64.12
CA GLU F 75 -14.13 -16.51 64.17
C GLU F 75 -15.01 -17.05 63.06
N SER F 76 -14.41 -17.78 62.09
CA SER F 76 -15.19 -18.43 61.04
C SER F 76 -15.32 -19.95 61.22
N ALA F 77 -14.83 -20.50 62.33
CA ALA F 77 -14.81 -21.96 62.43
C ALA F 77 -16.15 -22.58 62.04
N ASP F 78 -17.27 -21.96 62.38
CA ASP F 78 -18.57 -22.62 62.25
C ASP F 78 -19.37 -22.09 61.06
N LEU F 79 -18.78 -21.20 60.27
CA LEU F 79 -19.50 -20.59 59.14
C LEU F 79 -19.14 -21.32 57.85
N SER F 80 -20.02 -21.18 56.85
CA SER F 80 -19.85 -21.66 55.48
C SER F 80 -18.87 -20.78 54.72
N PRO F 81 -18.29 -21.29 53.62
CA PRO F 81 -17.41 -20.46 52.80
C PRO F 81 -18.11 -19.19 52.29
N SER F 82 -19.45 -19.22 52.09
CA SER F 82 -20.20 -18.02 51.69
C SER F 82 -19.75 -17.38 50.38
N ASN F 83 -19.33 -18.19 49.39
CA ASN F 83 -18.83 -17.74 48.10
C ASN F 83 -17.73 -16.71 48.24
N LEU F 84 -16.90 -16.86 49.30
CA LEU F 84 -15.72 -16.02 49.46
C LEU F 84 -14.90 -16.02 48.18
N THR F 85 -14.51 -14.80 47.76
CA THR F 85 -13.51 -14.57 46.74
C THR F 85 -12.58 -13.48 47.28
N VAL F 86 -11.33 -13.50 46.81
CA VAL F 86 -10.31 -12.53 47.17
C VAL F 86 -9.58 -12.15 45.89
N THR F 87 -9.49 -10.85 45.60
CA THR F 87 -8.99 -10.34 44.33
C THR F 87 -7.86 -9.39 44.66
N PHE F 88 -6.67 -9.60 44.05
CA PHE F 88 -5.51 -8.75 44.25
C PHE F 88 -5.29 -7.84 43.04
N GLY F 89 -4.79 -6.64 43.30
CA GLY F 89 -4.46 -5.62 42.33
C GLY F 89 -3.22 -4.87 42.78
N PHE F 90 -2.47 -4.33 41.80
CA PHE F 90 -1.31 -3.51 42.11
C PHE F 90 -1.53 -2.10 41.60
N GLY F 91 -0.97 -1.17 42.36
CA GLY F 91 -1.14 0.23 42.10
C GLY F 91 0.13 0.85 41.57
N PRO F 92 0.01 2.01 40.89
CA PRO F 92 1.18 2.69 40.33
C PRO F 92 2.38 2.64 41.26
N SER F 93 2.17 2.91 42.54
CA SER F 93 3.28 3.08 43.47
C SER F 93 4.06 1.77 43.73
N PHE F 94 3.48 0.60 43.40
CA PHE F 94 4.19 -0.66 43.57
C PHE F 94 5.33 -0.71 42.55
N PHE F 95 5.09 -0.06 41.41
CA PHE F 95 6.02 -0.04 40.29
C PHE F 95 7.05 1.08 40.49
N GLU F 96 6.58 2.23 40.99
CA GLU F 96 7.49 3.34 41.23
C GLU F 96 6.91 4.23 42.32
N LYS F 97 7.79 4.63 43.25
CA LYS F 97 7.37 5.48 44.33
C LYS F 97 8.46 6.52 44.49
N ASP F 98 8.04 7.80 44.46
CA ASP F 98 8.94 8.95 44.51
C ASP F 98 10.07 8.74 43.50
N GLY F 99 9.68 8.51 42.23
CA GLY F 99 10.57 8.20 41.12
C GLY F 99 11.63 7.12 41.38
N LYS F 100 11.26 6.01 42.02
CA LYS F 100 12.16 4.87 42.11
C LYS F 100 11.42 3.59 41.77
N ASP F 101 11.99 2.84 40.82
CA ASP F 101 11.60 1.46 40.64
C ASP F 101 12.12 0.67 41.84
N ARG F 102 11.26 0.45 42.85
CA ARG F 102 11.80 -0.05 44.12
C ARG F 102 12.22 -1.51 43.96
N PHE F 103 11.50 -2.25 43.12
CA PHE F 103 11.60 -3.70 43.08
C PHE F 103 12.08 -4.19 41.71
N GLY F 104 12.40 -3.28 40.78
CA GLY F 104 12.88 -3.71 39.46
C GLY F 104 11.74 -4.16 38.56
N LEU F 105 10.59 -3.51 38.70
CA LEU F 105 9.42 -4.03 38.04
C LEU F 105 8.86 -3.03 37.03
N LYS F 106 9.46 -1.83 36.94
CA LYS F 106 8.90 -0.78 36.07
C LYS F 106 8.81 -1.24 34.61
N SER F 107 9.81 -2.01 34.17
CA SER F 107 9.78 -2.66 32.88
C SER F 107 8.48 -3.43 32.65
N LYS F 108 7.92 -3.99 33.74
N LYS F 108 7.92 -4.01 33.72
CA LYS F 108 6.78 -4.89 33.63
CA LYS F 108 6.76 -4.88 33.55
C LYS F 108 5.45 -4.17 33.91
C LYS F 108 5.45 -4.17 33.92
N LYS F 109 5.50 -2.86 34.24
CA LYS F 109 4.29 -2.08 34.53
C LYS F 109 3.29 -2.19 33.38
N PRO F 110 1.96 -2.39 33.61
CA PRO F 110 0.98 -2.49 32.52
C PRO F 110 0.76 -1.15 31.83
N LYS F 111 0.11 -1.19 30.65
CA LYS F 111 0.12 -0.05 29.72
C LYS F 111 -0.60 1.14 30.34
N HIS F 112 -1.75 0.88 30.95
CA HIS F 112 -2.65 1.94 31.34
C HIS F 112 -2.61 2.24 32.85
N LEU F 113 -1.58 1.75 33.54
CA LEU F 113 -1.59 1.84 34.99
C LEU F 113 -1.01 3.18 35.42
N ALA F 114 -1.93 4.12 35.71
CA ALA F 114 -1.54 5.41 36.26
C ALA F 114 -2.68 5.93 37.16
N ALA F 115 -2.32 6.79 38.13
CA ALA F 115 -3.30 7.51 38.95
C ALA F 115 -4.33 8.17 38.05
N LEU F 116 -5.62 8.09 38.42
CA LEU F 116 -6.66 8.74 37.65
C LEU F 116 -6.42 10.25 37.57
N PRO F 117 -6.86 10.90 36.48
CA PRO F 117 -6.72 12.36 36.38
C PRO F 117 -7.65 13.04 37.41
N ALA F 118 -7.15 14.09 38.07
CA ALA F 118 -7.98 15.09 38.76
C ALA F 118 -9.25 15.42 37.97
N MET F 119 -10.40 15.42 38.66
CA MET F 119 -11.67 15.70 38.01
C MET F 119 -12.29 16.92 38.69
N PRO F 120 -13.29 17.56 38.03
CA PRO F 120 -14.13 18.56 38.69
C PRO F 120 -15.05 17.93 39.74
N ASN F 121 -15.10 18.58 40.91
CA ASN F 121 -15.92 18.18 42.04
C ASN F 121 -15.19 17.16 42.94
N ASP F 122 -13.91 16.85 42.69
CA ASP F 122 -13.26 15.84 43.52
C ASP F 122 -12.94 16.48 44.87
N ASN F 123 -13.01 15.68 45.95
CA ASN F 123 -12.45 16.18 47.19
C ASN F 123 -11.63 15.06 47.85
N LEU F 124 -10.51 14.69 47.21
CA LEU F 124 -9.90 13.41 47.52
C LEU F 124 -9.06 13.55 48.78
N ASP F 125 -9.27 12.61 49.68
CA ASP F 125 -8.33 12.34 50.77
C ASP F 125 -7.29 11.36 50.22
N GLU F 126 -6.02 11.79 50.23
CA GLU F 126 -4.96 10.99 49.63
C GLU F 126 -4.77 9.65 50.36
N LYS F 127 -5.03 9.63 51.67
CA LYS F 127 -4.88 8.42 52.48
C LYS F 127 -6.09 7.51 52.31
N GLN F 128 -7.08 7.96 51.55
CA GLN F 128 -8.26 7.15 51.28
C GLN F 128 -8.22 6.62 49.85
N GLY F 129 -7.05 6.67 49.21
CA GLY F 129 -6.90 6.13 47.87
C GLY F 129 -5.46 5.71 47.62
N GLY F 130 -5.19 5.23 46.38
CA GLY F 130 -3.87 4.74 46.08
C GLY F 130 -3.62 3.42 46.81
N GLY F 131 -2.37 3.26 47.28
CA GLY F 131 -1.89 1.99 47.80
C GLY F 131 -1.00 1.23 46.82
N ASP F 132 0.07 0.59 47.33
CA ASP F 132 0.82 -0.39 46.54
C ASP F 132 -0.03 -1.58 46.09
N ILE F 133 -0.85 -2.11 47.01
CA ILE F 133 -1.55 -3.37 46.78
C ILE F 133 -2.97 -3.16 47.32
N CYS F 134 -3.98 -3.72 46.62
CA CYS F 134 -5.32 -3.78 47.15
C CYS F 134 -5.77 -5.24 47.27
N ILE F 135 -6.58 -5.49 48.30
CA ILE F 135 -7.26 -6.77 48.40
C ILE F 135 -8.75 -6.50 48.53
N GLN F 136 -9.50 -7.13 47.62
CA GLN F 136 -10.93 -7.04 47.59
C GLN F 136 -11.46 -8.39 48.07
N VAL F 137 -12.08 -8.38 49.26
CA VAL F 137 -12.65 -9.58 49.87
C VAL F 137 -14.17 -9.47 49.86
N CYS F 138 -14.84 -10.45 49.23
CA CYS F 138 -16.29 -10.49 49.11
C CYS F 138 -16.81 -11.83 49.63
N ALA F 139 -17.98 -11.78 50.26
CA ALA F 139 -18.63 -13.02 50.67
C ALA F 139 -20.06 -12.64 51.03
N ASP F 140 -20.93 -13.63 51.21
CA ASP F 140 -22.34 -13.36 51.47
C ASP F 140 -22.58 -13.18 52.96
N ASP F 141 -21.49 -13.16 53.74
CA ASP F 141 -21.57 -13.11 55.19
C ASP F 141 -20.41 -12.26 55.71
N GLU F 142 -20.71 -11.21 56.49
CA GLU F 142 -19.69 -10.20 56.74
C GLU F 142 -18.56 -10.76 57.63
N GLN F 143 -18.92 -11.61 58.58
CA GLN F 143 -17.93 -12.24 59.44
C GLN F 143 -16.96 -13.09 58.59
N VAL F 144 -17.44 -13.80 57.55
CA VAL F 144 -16.55 -14.57 56.69
C VAL F 144 -15.55 -13.62 56.02
N ALA F 145 -16.06 -12.52 55.45
CA ALA F 145 -15.20 -11.55 54.78
C ALA F 145 -14.19 -10.91 55.72
N PHE F 146 -14.65 -10.47 56.89
CA PHE F 146 -13.70 -9.85 57.78
C PHE F 146 -12.61 -10.83 58.19
N HIS F 147 -12.97 -12.10 58.42
CA HIS F 147 -12.01 -13.07 58.91
C HIS F 147 -10.95 -13.32 57.84
N ALA F 148 -11.36 -13.37 56.57
CA ALA F 148 -10.42 -13.59 55.46
C ALA F 148 -9.42 -12.43 55.41
N LEU F 149 -9.92 -11.20 55.54
CA LEU F 149 -9.04 -10.04 55.41
C LEU F 149 -8.07 -9.97 56.58
N ARG F 150 -8.47 -10.18 57.72
CA ARG F 150 -7.73 -10.23 59.01
C ARG F 150 -6.57 -11.22 58.90
N ASN F 151 -6.87 -12.44 58.46
CA ASN F 151 -5.86 -13.49 58.31
C ASN F 151 -4.91 -13.16 57.14
N LEU F 152 -5.42 -12.67 56.00
CA LEU F 152 -4.52 -12.12 55.00
C LEU F 152 -3.64 -10.96 55.53
N LEU F 153 -4.19 -10.01 56.30
CA LEU F 153 -3.37 -8.89 56.74
C LEU F 153 -2.31 -9.31 57.77
N ASN F 154 -2.65 -10.30 58.60
CA ASN F 154 -1.72 -10.86 59.57
C ASN F 154 -0.50 -11.42 58.83
N GLN F 155 -0.69 -12.09 57.67
CA GLN F 155 0.45 -12.57 56.88
C GLN F 155 1.35 -11.41 56.46
N ALA F 156 0.79 -10.20 56.35
CA ALA F 156 1.58 -9.12 55.77
C ALA F 156 2.33 -8.27 56.79
N VAL F 157 2.22 -8.55 58.11
CA VAL F 157 2.96 -7.72 59.06
C VAL F 157 4.46 -7.94 58.91
N GLY F 158 5.20 -6.84 59.06
CA GLY F 158 6.62 -6.87 58.79
C GLY F 158 6.98 -6.71 57.31
N THR F 159 5.97 -6.69 56.41
CA THR F 159 6.23 -6.54 54.99
C THR F 159 5.46 -5.35 54.43
N CYS F 160 4.24 -5.13 54.95
CA CYS F 160 3.42 -4.01 54.51
C CYS F 160 2.86 -3.26 55.72
N GLU F 161 2.42 -2.02 55.49
N GLU F 161 2.44 -2.03 55.47
CA GLU F 161 1.58 -1.30 56.42
CA GLU F 161 1.55 -1.33 56.36
C GLU F 161 0.24 -1.07 55.73
C GLU F 161 0.20 -1.25 55.68
N VAL F 162 -0.86 -1.21 56.48
CA VAL F 162 -2.19 -1.13 55.93
C VAL F 162 -2.47 0.34 55.69
N ARG F 163 -2.98 0.66 54.49
CA ARG F 163 -3.18 2.07 54.21
C ARG F 163 -4.60 2.49 54.56
N PHE F 164 -5.60 1.71 54.09
CA PHE F 164 -6.98 1.96 54.46
C PHE F 164 -7.76 0.66 54.40
N VAL F 165 -8.90 0.60 55.13
CA VAL F 165 -9.76 -0.55 55.05
C VAL F 165 -11.18 -0.02 54.93
N ASN F 166 -11.88 -0.36 53.85
CA ASN F 166 -13.27 -0.02 53.67
C ASN F 166 -14.09 -1.28 53.67
N LYS F 167 -15.40 -1.15 53.97
CA LYS F 167 -16.28 -2.28 53.82
C LYS F 167 -17.65 -1.83 53.32
N GLY F 168 -18.41 -2.73 52.73
CA GLY F 168 -19.67 -2.30 52.16
C GLY F 168 -20.59 -3.50 52.02
N PHE F 169 -21.83 -3.22 51.59
CA PHE F 169 -22.85 -4.23 51.43
C PHE F 169 -23.71 -3.84 50.22
N LEU F 170 -24.46 -4.82 49.71
CA LEU F 170 -25.34 -4.61 48.57
C LEU F 170 -26.19 -5.85 48.40
N SER F 171 -27.46 -5.77 48.84
CA SER F 171 -28.29 -6.96 48.98
C SER F 171 -29.09 -7.17 47.70
N GLY F 172 -28.85 -8.30 47.00
CA GLY F 172 -29.69 -8.68 45.89
C GLY F 172 -31.13 -8.89 46.33
N GLY F 173 -32.08 -8.77 45.39
CA GLY F 173 -33.48 -9.04 45.70
C GLY F 173 -33.74 -10.49 46.09
N LYS F 174 -34.82 -10.71 46.86
CA LYS F 174 -35.25 -12.02 47.28
C LYS F 174 -35.51 -12.96 46.10
N ASN F 175 -36.00 -12.43 44.96
CA ASN F 175 -36.28 -13.29 43.82
C ASN F 175 -35.26 -13.07 42.69
N GLY F 176 -34.06 -12.61 43.03
CA GLY F 176 -32.99 -12.43 42.05
C GLY F 176 -32.98 -11.04 41.40
N GLU F 177 -33.86 -10.12 41.84
CA GLU F 177 -33.86 -8.73 41.36
C GLU F 177 -32.47 -8.10 41.45
N THR F 178 -32.16 -7.25 40.47
CA THR F 178 -30.96 -6.45 40.51
C THR F 178 -30.89 -5.71 41.86
N PRO F 179 -29.71 -5.74 42.55
CA PRO F 179 -29.57 -5.10 43.87
C PRO F 179 -29.71 -3.58 43.80
N ARG F 180 -30.35 -2.96 44.81
CA ARG F 180 -30.45 -1.51 44.79
C ARG F 180 -29.39 -0.88 45.67
N ASN F 181 -28.89 0.29 45.25
CA ASN F 181 -27.92 1.10 45.99
C ASN F 181 -28.64 1.99 47.03
N LEU F 182 -27.93 2.93 47.68
CA LEU F 182 -28.58 3.62 48.79
C LEU F 182 -29.58 4.70 48.34
N PHE F 183 -29.58 5.08 47.04
CA PHE F 183 -30.58 5.99 46.50
C PHE F 183 -31.84 5.25 46.03
N GLY F 184 -31.87 3.92 46.23
CA GLY F 184 -33.10 3.17 46.08
C GLY F 184 -33.32 2.61 44.67
N PHE F 185 -32.33 2.80 43.80
CA PHE F 185 -32.33 2.38 42.41
C PHE F 185 -31.48 1.11 42.21
N LYS F 186 -32.03 0.08 41.53
CA LYS F 186 -31.32 -1.04 40.94
C LYS F 186 -30.00 -0.57 40.33
N ASP F 187 -28.92 -1.33 40.58
CA ASP F 187 -27.56 -0.92 40.25
C ASP F 187 -26.88 -2.10 39.55
N GLY F 188 -26.28 -1.83 38.37
CA GLY F 188 -25.66 -2.83 37.51
C GLY F 188 -26.51 -3.30 36.33
N THR F 189 -27.64 -2.64 36.06
CA THR F 189 -28.56 -3.08 35.02
C THR F 189 -27.88 -3.12 33.65
N GLY F 190 -27.04 -2.12 33.39
CA GLY F 190 -26.50 -1.88 32.07
C GLY F 190 -25.14 -2.55 31.90
N ASN F 191 -24.75 -3.34 32.90
CA ASN F 191 -23.65 -4.26 32.70
C ASN F 191 -24.13 -5.30 31.69
N GLN F 192 -23.23 -5.70 30.78
CA GLN F 192 -23.42 -6.93 30.03
C GLN F 192 -23.46 -8.13 30.99
N SER F 193 -23.99 -9.25 30.50
CA SER F 193 -24.08 -10.50 31.24
C SER F 193 -22.69 -11.04 31.54
N THR F 194 -22.48 -11.47 32.80
CA THR F 194 -21.15 -11.88 33.26
C THR F 194 -20.85 -13.30 32.79
N GLU F 195 -21.92 -14.04 32.47
CA GLU F 195 -21.84 -15.37 31.89
C GLU F 195 -21.48 -15.29 30.40
N ASP F 196 -21.61 -14.12 29.78
CA ASP F 196 -21.32 -13.95 28.36
C ASP F 196 -19.82 -13.72 28.13
N ASP F 197 -19.13 -14.84 27.89
CA ASP F 197 -17.68 -14.96 27.77
C ASP F 197 -17.13 -14.02 26.71
N SER F 198 -17.78 -14.00 25.55
CA SER F 198 -17.40 -13.10 24.48
C SER F 198 -17.46 -11.65 24.96
N LEU F 199 -18.62 -11.27 25.51
CA LEU F 199 -18.82 -9.89 25.92
C LEU F 199 -17.82 -9.51 27.03
N MET F 200 -17.52 -10.50 27.89
CA MET F 200 -16.58 -10.28 28.99
C MET F 200 -15.15 -10.13 28.47
N ASN F 201 -14.84 -10.82 27.37
CA ASN F 201 -13.53 -10.74 26.77
C ASN F 201 -13.34 -9.34 26.19
N SER F 202 -14.44 -8.72 25.72
CA SER F 202 -14.30 -7.43 25.06
C SER F 202 -14.32 -6.28 26.06
N ILE F 203 -15.04 -6.45 27.17
CA ILE F 203 -15.16 -5.37 28.14
C ILE F 203 -14.04 -5.44 29.17
N VAL F 204 -13.88 -6.61 29.81
CA VAL F 204 -13.11 -6.76 31.05
C VAL F 204 -11.71 -7.34 30.82
N TRP F 205 -11.64 -8.51 30.17
CA TRP F 205 -10.41 -9.29 30.20
C TRP F 205 -9.40 -8.82 29.16
N VAL F 206 -8.18 -8.57 29.60
CA VAL F 206 -7.01 -8.51 28.75
C VAL F 206 -6.76 -9.87 28.06
N GLN F 207 -6.51 -9.77 26.74
CA GLN F 207 -6.23 -10.84 25.81
C GLN F 207 -4.75 -10.79 25.42
N SER F 208 -4.22 -9.57 25.30
CA SER F 208 -2.87 -9.27 24.87
C SER F 208 -2.66 -7.76 24.91
N GLY F 209 -1.42 -7.33 24.60
CA GLY F 209 -1.09 -5.91 24.54
C GLY F 209 -0.32 -5.53 25.79
N GLU F 210 -0.43 -6.39 26.80
CA GLU F 210 0.12 -6.11 28.11
C GLU F 210 1.21 -7.13 28.40
N PRO F 211 2.11 -6.85 29.39
CA PRO F 211 3.00 -7.86 29.94
C PRO F 211 2.18 -9.11 30.25
N ASP F 212 2.82 -10.28 30.12
CA ASP F 212 2.13 -11.56 30.05
C ASP F 212 1.42 -11.88 31.36
N TRP F 213 2.00 -11.44 32.48
CA TRP F 213 1.39 -11.61 33.78
C TRP F 213 0.02 -10.92 33.85
N MET F 214 -0.25 -9.96 32.94
CA MET F 214 -1.51 -9.25 32.95
C MET F 214 -2.57 -9.99 32.14
N THR F 215 -2.16 -11.09 31.49
CA THR F 215 -3.06 -11.79 30.57
C THR F 215 -4.10 -12.53 31.39
N GLY F 216 -5.37 -12.44 30.98
CA GLY F 216 -6.48 -12.96 31.77
C GLY F 216 -6.88 -12.08 32.97
N GLY F 217 -6.08 -11.03 33.24
CA GLY F 217 -6.33 -10.01 34.26
C GLY F 217 -7.19 -8.86 33.74
N THR F 218 -7.10 -7.70 34.41
CA THR F 218 -8.02 -6.59 34.19
C THR F 218 -7.51 -5.42 35.02
N TYR F 219 -8.15 -4.27 34.83
CA TYR F 219 -7.82 -3.12 35.65
C TYR F 219 -9.06 -2.78 36.47
N MET F 220 -8.80 -2.40 37.72
CA MET F 220 -9.90 -2.17 38.65
C MET F 220 -9.91 -0.68 38.96
N ALA F 221 -11.08 -0.08 38.75
CA ALA F 221 -11.13 1.32 39.12
C ALA F 221 -11.82 1.43 40.48
N PHE F 222 -11.24 2.25 41.37
CA PHE F 222 -11.92 2.48 42.64
C PHE F 222 -12.21 3.97 42.85
N ARG F 223 -13.46 4.27 43.21
CA ARG F 223 -13.83 5.61 43.68
C ARG F 223 -14.74 5.50 44.90
N LYS F 224 -14.33 6.14 45.97
CA LYS F 224 -15.19 6.20 47.14
C LYS F 224 -16.10 7.44 47.03
N ILE F 225 -17.40 7.20 46.89
CA ILE F 225 -18.25 8.33 46.57
C ILE F 225 -19.24 8.53 47.70
N LYS F 226 -19.07 9.62 48.46
CA LYS F 226 -19.99 10.02 49.52
C LYS F 226 -21.35 10.34 48.90
N MET F 227 -22.41 9.69 49.37
CA MET F 227 -23.75 9.99 48.88
C MET F 227 -24.52 10.73 49.97
N PHE F 228 -24.98 11.95 49.66
CA PHE F 228 -25.68 12.82 50.61
C PHE F 228 -27.14 12.43 50.76
N LEU F 229 -27.39 11.41 51.59
CA LEU F 229 -28.72 10.84 51.73
C LEU F 229 -29.73 11.89 52.20
N GLU F 230 -29.31 12.84 53.02
CA GLU F 230 -30.25 13.72 53.66
C GLU F 230 -30.79 14.72 52.62
N ILE F 231 -29.95 15.09 51.62
CA ILE F 231 -30.35 15.96 50.52
C ILE F 231 -31.23 15.20 49.51
N TRP F 232 -30.73 14.04 49.09
CA TRP F 232 -31.42 13.12 48.21
C TRP F 232 -32.83 12.79 48.70
N ASP F 233 -32.99 12.63 50.03
CA ASP F 233 -34.21 12.13 50.63
C ASP F 233 -35.27 13.24 50.65
N ARG F 234 -34.82 14.49 50.49
CA ARG F 234 -35.66 15.67 50.54
C ARG F 234 -36.00 16.09 49.11
N SER F 235 -35.57 15.27 48.15
CA SER F 235 -35.76 15.53 46.73
C SER F 235 -36.97 14.71 46.26
N SER F 236 -37.70 15.23 45.25
CA SER F 236 -38.92 14.57 44.80
C SER F 236 -38.58 13.34 43.95
N LEU F 237 -39.51 12.38 43.85
CA LEU F 237 -39.38 11.33 42.84
C LEU F 237 -38.92 11.85 41.47
N LYS F 238 -39.60 12.86 40.90
CA LYS F 238 -39.23 13.35 39.58
C LYS F 238 -37.75 13.66 39.50
N ASP F 239 -37.24 14.45 40.44
CA ASP F 239 -35.83 14.82 40.41
C ASP F 239 -34.93 13.60 40.57
N GLN F 240 -35.35 12.60 41.39
CA GLN F 240 -34.55 11.39 41.60
C GLN F 240 -34.46 10.63 40.26
N GLU F 241 -35.62 10.35 39.65
CA GLU F 241 -35.69 9.69 38.35
C GLU F 241 -34.96 10.51 37.31
N ASP F 242 -35.22 11.83 37.29
CA ASP F 242 -34.57 12.63 36.26
C ASP F 242 -33.05 12.62 36.44
N THR F 243 -32.54 12.30 37.64
CA THR F 243 -31.11 12.28 37.86
C THR F 243 -30.47 11.16 37.04
N PHE F 244 -31.23 10.08 36.85
CA PHE F 244 -30.65 8.84 36.36
C PHE F 244 -31.12 8.62 34.94
N GLY F 245 -32.44 8.66 34.75
CA GLY F 245 -33.04 8.41 33.46
C GLY F 245 -33.80 7.09 33.48
N ARG F 246 -34.03 6.56 34.68
CA ARG F 246 -34.79 5.32 34.77
C ARG F 246 -35.88 5.52 35.82
N ARG F 247 -36.96 4.76 35.66
CA ARG F 247 -38.03 4.77 36.68
C ARG F 247 -37.41 4.07 37.89
N LYS F 248 -37.71 4.54 39.09
CA LYS F 248 -37.08 4.08 40.31
C LYS F 248 -37.52 2.64 40.58
N SER F 249 -38.82 2.45 40.65
CA SER F 249 -39.39 1.20 41.13
C SER F 249 -39.19 0.07 40.13
N SER F 250 -39.40 0.40 38.84
CA SER F 250 -39.32 -0.58 37.78
C SER F 250 -37.87 -0.77 37.35
N GLY F 251 -37.05 0.28 37.43
CA GLY F 251 -35.73 0.29 36.81
C GLY F 251 -35.74 0.49 35.29
N ALA F 252 -36.94 0.52 34.66
CA ALA F 252 -37.07 0.73 33.23
C ALA F 252 -36.55 2.11 32.85
N PRO F 253 -35.86 2.29 31.69
CA PRO F 253 -35.55 3.63 31.20
C PRO F 253 -36.82 4.40 30.83
N PHE F 254 -36.70 5.72 30.68
CA PHE F 254 -37.90 6.54 30.47
C PHE F 254 -38.56 6.14 29.14
N GLY F 255 -39.84 5.81 29.20
CA GLY F 255 -40.57 5.48 27.98
C GLY F 255 -40.70 3.97 27.79
N GLN F 256 -39.77 3.20 28.37
CA GLN F 256 -39.74 1.75 28.17
C GLN F 256 -40.56 1.05 29.24
N LYS F 257 -40.82 -0.24 29.04
CA LYS F 257 -41.77 -0.97 29.87
C LYS F 257 -41.03 -1.76 30.97
N LYS F 258 -39.82 -2.23 30.64
CA LYS F 258 -39.04 -3.15 31.47
C LYS F 258 -37.65 -2.56 31.73
N GLU F 259 -37.03 -3.00 32.83
CA GLU F 259 -35.67 -2.64 33.20
C GLU F 259 -34.67 -2.98 32.08
N THR F 260 -34.95 -4.11 31.40
CA THR F 260 -34.06 -4.73 30.43
C THR F 260 -34.14 -4.06 29.05
N ASP F 261 -35.24 -3.35 28.74
CA ASP F 261 -35.42 -2.68 27.46
C ASP F 261 -34.23 -1.76 27.18
N PRO F 262 -33.81 -1.61 25.90
CA PRO F 262 -32.77 -0.64 25.54
C PRO F 262 -33.12 0.80 25.92
N VAL F 263 -32.07 1.61 26.09
CA VAL F 263 -32.22 2.98 26.54
C VAL F 263 -32.29 3.87 25.32
N LYS F 264 -33.45 4.50 25.16
CA LYS F 264 -33.69 5.49 24.13
C LYS F 264 -33.18 6.83 24.64
N LEU F 265 -32.04 7.28 24.09
CA LEU F 265 -31.33 8.44 24.62
C LEU F 265 -32.13 9.73 24.40
N ASN F 266 -33.20 9.67 23.61
CA ASN F 266 -33.95 10.85 23.21
C ASN F 266 -35.08 11.09 24.20
N GLN F 267 -35.38 10.08 25.02
CA GLN F 267 -36.53 10.12 25.89
C GLN F 267 -36.11 10.41 27.34
N ILE F 268 -34.81 10.65 27.56
CA ILE F 268 -34.27 10.93 28.89
C ILE F 268 -33.50 12.24 28.85
N PRO F 269 -33.37 12.94 30.01
CA PRO F 269 -32.62 14.20 30.07
C PRO F 269 -31.18 13.97 29.70
N SER F 270 -30.50 15.07 29.34
CA SER F 270 -29.20 14.96 28.72
C SER F 270 -28.11 15.16 29.77
N ASN F 271 -28.51 15.69 30.94
CA ASN F 271 -27.57 15.81 32.05
C ASN F 271 -27.75 14.65 33.03
N SER F 272 -28.66 13.74 32.69
CA SER F 272 -28.92 12.54 33.46
C SER F 272 -27.71 11.62 33.44
N HIS F 273 -27.77 10.63 34.33
CA HIS F 273 -26.60 9.85 34.66
C HIS F 273 -26.39 8.76 33.60
N VAL F 274 -27.46 8.03 33.29
CA VAL F 274 -27.39 6.99 32.28
C VAL F 274 -27.02 7.62 30.93
N SER F 275 -27.70 8.72 30.58
CA SER F 275 -27.45 9.41 29.32
C SER F 275 -25.98 9.84 29.20
N LEU F 276 -25.39 10.40 30.24
CA LEU F 276 -24.01 10.86 30.13
C LEU F 276 -23.03 9.68 30.08
N ALA F 277 -23.37 8.53 30.71
CA ALA F 277 -22.46 7.40 30.74
C ALA F 277 -22.53 6.63 29.42
N LYS F 278 -23.76 6.20 29.03
CA LYS F 278 -24.03 5.47 27.80
C LYS F 278 -23.57 6.23 26.56
N SER F 279 -23.81 7.55 26.51
CA SER F 279 -23.47 8.41 25.39
C SER F 279 -21.96 8.56 25.21
N THR F 280 -21.17 7.71 25.86
CA THR F 280 -19.74 7.68 25.57
C THR F 280 -19.51 6.58 24.54
N GLY F 281 -20.53 5.72 24.38
CA GLY F 281 -20.43 4.53 23.53
C GLY F 281 -19.76 3.35 24.23
N LYS F 282 -19.12 3.63 25.38
CA LYS F 282 -18.20 2.72 26.04
C LYS F 282 -18.91 1.88 27.11
N GLN F 283 -18.30 0.72 27.43
CA GLN F 283 -18.76 -0.16 28.50
C GLN F 283 -17.66 -0.44 29.54
N ILE F 284 -18.10 -0.80 30.76
CA ILE F 284 -17.28 -1.23 31.89
C ILE F 284 -18.08 -2.24 32.71
N LEU F 285 -17.38 -3.01 33.56
CA LEU F 285 -18.10 -3.93 34.46
C LEU F 285 -18.14 -3.30 35.84
N ARG F 286 -19.35 -2.95 36.28
CA ARG F 286 -19.51 -2.21 37.52
C ARG F 286 -19.83 -3.25 38.60
N ARG F 287 -19.13 -3.21 39.74
CA ARG F 287 -19.34 -4.22 40.78
C ARG F 287 -19.21 -3.56 42.16
N ALA F 288 -20.13 -2.62 42.45
CA ALA F 288 -19.96 -1.66 43.55
C ALA F 288 -20.64 -2.14 44.84
N PHE F 289 -20.26 -1.53 45.98
CA PHE F 289 -20.99 -1.79 47.21
C PHE F 289 -21.35 -0.49 47.92
N SER F 290 -22.49 -0.46 48.65
CA SER F 290 -22.83 0.70 49.49
C SER F 290 -21.99 0.68 50.78
N TYR F 291 -21.70 1.83 51.37
CA TYR F 291 -21.10 1.79 52.70
C TYR F 291 -21.84 2.72 53.66
N THR F 292 -21.71 2.43 54.95
CA THR F 292 -22.03 3.42 55.97
C THR F 292 -20.94 3.38 57.03
N GLU F 293 -20.58 4.57 57.54
CA GLU F 293 -19.50 4.68 58.49
C GLU F 293 -19.88 5.59 59.64
N GLY F 294 -21.04 5.37 60.24
CA GLY F 294 -21.34 6.16 61.42
C GLY F 294 -21.79 7.57 61.04
N LEU F 295 -21.74 8.50 62.01
CA LEU F 295 -22.13 9.89 61.76
C LEU F 295 -20.94 10.61 61.14
N ASP F 296 -21.20 11.46 60.16
CA ASP F 296 -20.14 12.33 59.68
C ASP F 296 -20.07 13.52 60.63
N PRO F 297 -18.95 13.74 61.36
CA PRO F 297 -18.84 14.89 62.24
C PRO F 297 -19.00 16.26 61.54
N LYS F 298 -18.73 16.31 60.24
CA LYS F 298 -18.91 17.57 59.54
C LYS F 298 -20.39 17.93 59.56
N THR F 299 -21.23 16.99 59.13
CA THR F 299 -22.60 17.28 58.75
C THR F 299 -23.55 17.06 59.92
N GLY F 300 -23.25 16.04 60.75
CA GLY F 300 -24.14 15.49 61.76
C GLY F 300 -25.18 14.53 61.17
N TYR F 301 -24.97 14.12 59.90
CA TYR F 301 -25.80 13.08 59.33
C TYR F 301 -24.90 11.87 59.09
N MET F 302 -25.54 10.78 58.66
CA MET F 302 -24.91 9.52 58.33
C MET F 302 -23.83 9.78 57.29
N ASP F 303 -22.66 9.19 57.50
CA ASP F 303 -21.60 9.12 56.52
C ASP F 303 -21.84 7.85 55.69
N ALA F 304 -22.42 8.04 54.49
CA ALA F 304 -22.84 6.93 53.67
C ALA F 304 -22.38 7.15 52.25
N GLY F 305 -22.26 6.06 51.45
CA GLY F 305 -21.74 6.27 50.10
C GLY F 305 -21.70 5.02 49.24
N LEU F 306 -20.99 5.13 48.12
CA LEU F 306 -20.79 4.00 47.22
C LEU F 306 -19.31 3.73 47.15
N LEU F 307 -18.95 2.46 47.42
CA LEU F 307 -17.62 2.01 47.07
C LEU F 307 -17.73 1.65 45.59
N PHE F 308 -17.37 2.60 44.73
CA PHE F 308 -17.46 2.35 43.30
C PHE F 308 -16.27 1.48 42.88
N ILE F 309 -16.59 0.31 42.31
CA ILE F 309 -15.59 -0.61 41.78
C ILE F 309 -16.08 -1.04 40.40
N SER F 310 -15.21 -0.84 39.38
CA SER F 310 -15.47 -1.28 38.01
C SER F 310 -14.26 -2.01 37.44
N PHE F 311 -14.55 -3.00 36.58
CA PHE F 311 -13.48 -3.69 35.87
C PHE F 311 -13.57 -3.35 34.38
N GLN F 312 -12.42 -3.01 33.78
CA GLN F 312 -12.29 -2.72 32.35
C GLN F 312 -10.92 -3.12 31.82
N LYS F 313 -10.87 -3.75 30.62
CA LYS F 313 -9.59 -4.17 30.05
C LYS F 313 -8.66 -2.99 29.74
N ASN F 314 -9.25 -1.81 29.52
CA ASN F 314 -8.49 -0.61 29.19
C ASN F 314 -9.22 0.62 29.74
N PRO F 315 -8.78 1.19 30.87
CA PRO F 315 -9.47 2.32 31.51
C PRO F 315 -9.36 3.66 30.77
N ASP F 316 -8.20 3.91 30.16
CA ASP F 316 -7.95 5.01 29.22
C ASP F 316 -9.03 5.09 28.13
N ASN F 317 -9.28 3.97 27.44
CA ASN F 317 -10.35 3.92 26.45
C ASN F 317 -11.73 3.91 27.12
N GLN F 318 -11.93 3.14 28.22
CA GLN F 318 -13.31 2.85 28.64
C GLN F 318 -13.83 3.78 29.75
N PHE F 319 -12.96 4.21 30.66
CA PHE F 319 -13.50 4.52 31.98
C PHE F 319 -13.34 6.01 32.23
N ILE F 320 -12.10 6.48 32.02
CA ILE F 320 -11.79 7.89 32.11
C ILE F 320 -12.73 8.76 31.27
N PRO F 321 -13.08 8.42 30.02
CA PRO F 321 -14.08 9.22 29.27
C PRO F 321 -15.46 9.31 29.94
N MET F 322 -15.86 8.25 30.65
CA MET F 322 -17.08 8.29 31.43
C MET F 322 -16.90 9.25 32.59
N LEU F 323 -15.69 9.24 33.16
CA LEU F 323 -15.36 10.06 34.31
C LEU F 323 -15.51 11.52 33.91
N LYS F 324 -14.84 11.90 32.83
CA LYS F 324 -14.82 13.23 32.21
C LYS F 324 -16.24 13.74 31.94
N ALA F 325 -17.00 12.99 31.15
CA ALA F 325 -18.39 13.32 30.84
C ALA F 325 -19.19 13.55 32.12
N LEU F 326 -19.10 12.59 33.05
CA LEU F 326 -19.91 12.57 34.25
C LEU F 326 -19.54 13.74 35.16
N SER F 327 -18.24 13.96 35.36
CA SER F 327 -17.72 14.97 36.27
C SER F 327 -18.13 16.36 35.84
N ALA F 328 -18.74 16.48 34.66
CA ALA F 328 -18.99 17.77 34.08
C ALA F 328 -20.43 18.21 34.34
N LYS F 329 -21.38 17.31 34.04
CA LYS F 329 -22.75 17.67 33.76
C LYS F 329 -23.71 16.77 34.52
N ASP F 330 -23.18 15.74 35.20
CA ASP F 330 -24.03 14.73 35.81
C ASP F 330 -24.87 15.42 36.88
N ALA F 331 -26.19 15.35 36.74
CA ALA F 331 -27.15 15.70 37.78
C ALA F 331 -26.84 15.03 39.14
N LEU F 332 -26.16 13.87 39.14
CA LEU F 332 -25.81 13.12 40.34
C LEU F 332 -24.90 13.97 41.21
N ASN F 333 -24.17 14.90 40.56
CA ASN F 333 -23.11 15.60 41.25
C ASN F 333 -23.65 16.47 42.38
N GLU F 334 -24.95 16.76 42.31
CA GLU F 334 -25.62 17.56 43.31
C GLU F 334 -25.73 16.77 44.63
N TYR F 335 -25.78 15.44 44.54
CA TYR F 335 -26.01 14.58 45.68
C TYR F 335 -24.79 13.71 46.04
N THR F 336 -23.62 13.98 45.45
CA THR F 336 -22.49 13.08 45.65
C THR F 336 -21.18 13.83 45.66
N GLN F 337 -20.13 13.17 46.13
CA GLN F 337 -18.79 13.73 46.11
C GLN F 337 -17.72 12.65 46.33
N THR F 338 -16.75 12.59 45.43
CA THR F 338 -15.74 11.57 45.41
C THR F 338 -14.63 11.97 46.38
N ILE F 339 -14.32 11.12 47.38
CA ILE F 339 -13.39 11.54 48.41
C ILE F 339 -12.17 10.62 48.46
N GLY F 340 -12.17 9.59 47.62
CA GLY F 340 -11.01 8.73 47.50
C GLY F 340 -11.00 8.05 46.13
N SER F 341 -9.81 7.70 45.67
CA SER F 341 -9.63 7.26 44.30
C SER F 341 -8.35 6.45 44.13
N ALA F 342 -8.45 5.40 43.28
CA ALA F 342 -7.31 4.55 42.91
C ALA F 342 -7.64 3.76 41.65
N LEU F 343 -6.57 3.27 41.03
CA LEU F 343 -6.65 2.33 39.91
C LEU F 343 -5.63 1.23 40.18
N TYR F 344 -6.01 -0.02 39.95
CA TYR F 344 -5.06 -1.10 40.21
C TYR F 344 -5.07 -2.07 39.02
N ALA F 345 -3.89 -2.62 38.72
CA ALA F 345 -3.79 -3.68 37.75
C ALA F 345 -4.00 -5.03 38.45
N CYS F 346 -5.04 -5.78 38.10
CA CYS F 346 -5.35 -7.10 38.62
C CYS F 346 -4.72 -8.22 37.77
N PRO F 347 -3.79 -9.04 38.33
CA PRO F 347 -3.26 -10.19 37.63
C PRO F 347 -4.28 -11.10 36.98
N GLY F 348 -3.77 -11.83 35.98
CA GLY F 348 -4.52 -12.97 35.50
C GLY F 348 -4.59 -14.02 36.61
N GLY F 349 -5.41 -15.03 36.37
CA GLY F 349 -5.68 -16.16 37.28
C GLY F 349 -4.40 -16.85 37.75
N CYS F 350 -4.49 -17.56 38.88
CA CYS F 350 -3.44 -18.44 39.32
C CYS F 350 -3.78 -19.83 38.80
N LYS F 351 -2.76 -20.52 38.28
CA LYS F 351 -2.87 -21.96 38.02
C LYS F 351 -2.50 -22.66 39.30
N LYS F 352 -3.18 -23.78 39.58
CA LYS F 352 -2.70 -24.71 40.60
C LYS F 352 -1.19 -24.91 40.41
N GLY F 353 -0.41 -24.86 41.48
CA GLY F 353 1.04 -24.99 41.39
C GLY F 353 1.81 -23.67 41.28
N GLU F 354 1.10 -22.55 41.14
CA GLU F 354 1.75 -21.26 40.98
C GLU F 354 1.20 -20.25 42.00
N TYR F 355 1.82 -19.08 42.09
CA TYR F 355 1.29 -18.07 43.00
C TYR F 355 0.93 -16.77 42.28
N ILE F 356 0.01 -15.97 42.87
CA ILE F 356 -0.44 -14.65 42.42
C ILE F 356 0.74 -13.74 42.00
N ALA F 357 0.69 -13.27 40.74
CA ALA F 357 1.67 -12.27 40.29
C ALA F 357 3.08 -12.88 40.15
N GLN F 358 3.14 -14.21 39.99
CA GLN F 358 4.41 -14.92 39.91
C GLN F 358 5.10 -14.45 38.64
N ARG F 359 4.31 -14.42 37.57
CA ARG F 359 4.79 -13.87 36.32
C ARG F 359 5.43 -12.49 36.51
N LEU F 360 4.84 -11.59 37.33
CA LEU F 360 5.42 -10.28 37.53
C LEU F 360 6.68 -10.37 38.38
N LEU F 361 6.71 -11.24 39.40
CA LEU F 361 7.76 -11.07 40.39
C LEU F 361 8.97 -11.94 40.06
N GLU F 362 8.79 -12.99 39.26
CA GLU F 362 9.91 -13.90 39.01
C GLU F 362 10.84 -13.30 37.95
CHA HEM G . 23.62 -20.20 -4.72
CHB HEM G . 20.21 -23.26 -6.19
CHC HEM G . 20.77 -21.88 -10.83
CHD HEM G . 23.83 -18.44 -9.23
C1A HEM G . 22.68 -21.20 -4.74
C2A HEM G . 22.33 -22.00 -3.62
C3A HEM G . 21.34 -22.87 -4.03
C4A HEM G . 21.13 -22.63 -5.41
CMA HEM G . 20.64 -23.92 -3.16
CAA HEM G . 22.96 -21.93 -2.21
CBA HEM G . 22.22 -20.94 -1.26
CGA HEM G . 22.18 -19.53 -1.86
O1A HEM G . 23.11 -18.69 -1.67
O2A HEM G . 21.18 -19.21 -2.55
C1B HEM G . 20.10 -23.11 -7.57
C2B HEM G . 19.21 -23.91 -8.34
C3B HEM G . 19.38 -23.56 -9.65
C4B HEM G . 20.37 -22.50 -9.64
CMB HEM G . 18.33 -24.98 -7.75
CAB HEM G . 18.77 -24.05 -10.92
CBB HEM G . 17.74 -24.89 -11.02
C1C HEM G . 21.66 -20.81 -10.78
C2C HEM G . 22.12 -20.08 -11.92
C3C HEM G . 22.98 -19.10 -11.40
C4C HEM G . 23.02 -19.26 -10.00
CMC HEM G . 21.72 -20.31 -13.38
CAC HEM G . 23.84 -18.07 -12.01
CBC HEM G . 24.03 -18.02 -13.31
C1D HEM G . 24.03 -18.67 -7.87
C2D HEM G . 24.83 -17.77 -7.07
C3D HEM G . 24.76 -18.24 -5.81
C4D HEM G . 23.88 -19.42 -5.85
CMD HEM G . 25.61 -16.53 -7.53
CAD HEM G . 25.47 -17.60 -4.62
CBD HEM G . 26.95 -18.01 -4.57
CGD HEM G . 27.60 -17.23 -3.44
O1D HEM G . 27.52 -17.69 -2.26
O2D HEM G . 28.21 -16.16 -3.69
NA HEM G . 21.92 -21.61 -5.83
NB HEM G . 20.74 -22.28 -8.35
NC HEM G . 22.19 -20.30 -9.63
ND HEM G . 23.49 -19.66 -7.11
FE HEM G . 22.22 -20.99 -7.69
O1 OXY H . 19.57 -20.00 -7.13
O2 OXY H . 18.74 -19.21 -7.48
C1 MPD I . -6.23 -11.53 -24.44
C2 MPD I . -4.92 -11.38 -23.70
O2 MPD I . -4.62 -9.98 -23.67
CM MPD I . -3.77 -12.05 -24.46
C3 MPD I . -5.03 -11.87 -22.25
C4 MPD I . -4.33 -13.18 -21.93
O4 MPD I . -4.48 -13.41 -20.54
C5 MPD I . -4.78 -14.39 -22.69
C1 GOL J . 5.71 -38.31 -8.83
O1 GOL J . 5.98 -39.65 -9.24
C2 GOL J . 6.44 -37.32 -9.71
O2 GOL J . 5.51 -36.50 -10.43
C3 GOL J . 7.42 -36.44 -8.95
O3 GOL J . 8.71 -36.52 -9.53
C1 GOL K . 2.48 1.96 1.03
O1 GOL K . 2.63 2.09 -0.38
C2 GOL K . 1.05 2.16 1.46
O2 GOL K . 0.83 1.57 2.75
C3 GOL K . 0.62 3.61 1.48
O3 GOL K . -0.81 3.74 1.55
C1 GOL L . 22.19 -24.43 -15.50
O1 GOL L . 23.06 -23.35 -15.86
C2 GOL L . 21.93 -24.43 -14.02
O2 GOL L . 21.34 -25.66 -13.61
C3 GOL L . 23.18 -24.19 -13.20
O3 GOL L . 24.17 -25.16 -13.57
CL CL M . 34.24 -31.11 -8.19
P PO4 N . 0.06 9.35 -18.04
O1 PO4 N . 1.32 10.07 -18.52
O2 PO4 N . 0.34 8.60 -16.74
O3 PO4 N . -0.38 8.36 -19.13
O4 PO4 N . -1.05 10.39 -17.81
CHA HEM O . -57.26 25.16 -33.27
CHB HEM O . -58.75 20.62 -34.49
CHC HEM O . -59.18 19.41 -29.74
CHD HEM O . -56.88 23.60 -28.67
C1A HEM O . -57.70 24.04 -33.96
C2A HEM O . -57.91 24.07 -35.35
C3A HEM O . -58.33 22.79 -35.73
C4A HEM O . -58.34 21.96 -34.56
CMA HEM O . -58.67 22.34 -37.13
CAA HEM O . -57.75 25.30 -36.25
CBA HEM O . -56.42 25.28 -37.05
CGA HEM O . -55.29 25.42 -36.03
O1A HEM O . -55.12 26.54 -35.47
O2A HEM O . -54.62 24.40 -35.69
C1B HEM O . -58.98 19.93 -33.27
C2B HEM O . -59.55 18.67 -33.25
C3B HEM O . -59.64 18.30 -31.91
C4B HEM O . -59.17 19.41 -31.12
CMB HEM O . -59.89 17.86 -34.48
CAB HEM O . -60.11 17.04 -31.30
CBB HEM O . -60.30 15.97 -32.08
C1C HEM O . -58.57 20.46 -29.02
C2C HEM O . -58.37 20.50 -27.62
C3C HEM O . -57.73 21.68 -27.32
C4C HEM O . -57.55 22.39 -28.56
CMC HEM O . -58.81 19.39 -26.67
CAC HEM O . -57.25 22.21 -26.00
CBC HEM O . -57.82 22.16 -24.81
C1D HEM O . -56.79 24.33 -29.87
C2D HEM O . -56.10 25.61 -29.92
C3D HEM O . -56.21 26.04 -31.17
C4D HEM O . -56.96 25.02 -31.89
CMD HEM O . -55.41 26.31 -28.77
CAD HEM O . -55.66 27.35 -31.71
CBD HEM O . -56.63 28.56 -31.41
CGD HEM O . -55.86 29.76 -31.98
O1D HEM O . -55.93 30.03 -33.19
O2D HEM O . -55.09 30.45 -31.24
NA HEM O . -57.98 22.73 -33.47
NB HEM O . -58.79 20.36 -32.01
NC HEM O . -58.09 21.63 -29.57
ND HEM O . -57.30 24.00 -31.07
FE HEM O . -58.16 22.28 -31.53
O1 OXY P . -55.21 19.70 -32.21
O2 OXY P . -56.05 20.53 -32.53
C1 GOL Q . -44.10 -5.15 -23.47
O1 GOL Q . -42.84 -5.47 -22.90
C2 GOL Q . -44.10 -5.43 -24.95
O2 GOL Q . -42.80 -5.14 -25.47
C3 GOL Q . -44.52 -6.85 -25.33
O3 GOL Q . -44.00 -7.29 -26.59
CL CL R . -63.77 19.77 -27.54
CHA HEM S . 51.55 7.41 -10.79
CHB HEM S . 53.99 9.69 -14.27
CHC HEM S . 53.15 14.06 -12.06
CHD HEM S . 50.18 11.78 -8.95
C1A HEM S . 52.37 7.70 -11.91
C2A HEM S . 52.91 6.67 -12.70
C3A HEM S . 53.58 7.29 -13.69
C4A HEM S . 53.42 8.69 -13.53
CMA HEM S . 54.31 6.57 -14.80
CAA HEM S . 52.75 5.16 -12.48
CBA HEM S . 51.56 4.57 -13.25
CGA HEM S . 50.25 5.25 -12.79
O1A HEM S . 49.72 6.22 -13.44
O2A HEM S . 49.69 4.85 -11.75
C1B HEM S . 53.96 11.05 -13.94
C2B HEM S . 54.67 12.06 -14.72
C3B HEM S . 54.43 13.32 -14.09
C4B HEM S . 53.56 13.06 -12.94
CMB HEM S . 55.52 11.71 -15.98
CAB HEM S . 54.90 14.66 -14.46
CBB HEM S . 55.70 14.83 -15.53
C1C HEM S . 52.29 13.85 -11.02
C2C HEM S . 51.80 14.84 -10.15
C3C HEM S . 50.95 14.15 -9.30
C4C HEM S . 50.98 12.75 -9.60
CMC HEM S . 52.09 16.35 -10.17
CAC HEM S . 50.12 14.70 -8.18
CBC HEM S . 50.19 15.93 -7.76
C1D HEM S . 50.31 10.42 -9.27
C2D HEM S . 49.52 9.41 -8.51
C3D HEM S . 49.91 8.20 -9.00
C4D HEM S . 50.92 8.47 -10.08
CMD HEM S . 48.46 9.70 -7.46
CAD HEM S . 49.33 6.85 -8.54
CBD HEM S . 49.96 6.42 -7.17
CGD HEM S . 49.22 5.19 -6.70
O1D HEM S . 48.34 5.29 -5.81
O2D HEM S . 49.44 4.09 -7.27
NA HEM S . 52.71 8.97 -12.40
NB HEM S . 53.34 11.69 -12.91
NC HEM S . 51.83 12.57 -10.67
ND HEM S . 51.14 9.82 -10.20
FE HEM S . 52.29 10.73 -11.47
O1 OXY T . 50.70 11.10 -13.64
O2 OXY T . 50.01 11.33 -14.65
CAB VOH U . 41.50 8.98 -16.85
OAI VOH U . 42.11 8.08 -17.79
CAL VOH U . 43.50 8.18 -17.94
CAF VOH U . 44.21 9.34 -17.63
CAJ VOH U . 45.62 9.36 -17.86
CAG VOH U . 46.38 10.46 -17.65
OAC VOH U . 46.87 10.47 -16.36
CAD VOH U . 46.28 8.25 -18.35
CAE VOH U . 45.59 7.08 -18.63
CAK VOH U . 44.24 7.05 -18.44
OAH VOH U . 43.60 5.88 -18.79
CAA VOH U . 43.28 6.06 -20.21
C1 MPD V . 64.64 14.99 -29.11
C2 MPD V . 65.56 16.21 -28.96
O2 MPD V . 66.30 16.11 -27.72
CM MPD V . 64.78 17.51 -28.83
C3 MPD V . 66.53 16.32 -30.13
C4 MPD V . 67.98 16.34 -29.80
O4 MPD V . 68.23 15.19 -29.00
C5 MPD V . 68.82 16.22 -31.05
C1 GOL W . 32.94 19.61 -33.61
O1 GOL W . 34.28 20.09 -33.48
C2 GOL W . 32.86 18.16 -34.02
O2 GOL W . 31.58 17.67 -33.65
C3 GOL W . 33.13 17.92 -35.49
O3 GOL W . 33.13 16.53 -35.84
C1 GOL X . 70.80 9.33 -12.06
O1 GOL X . 70.39 9.80 -10.78
C2 GOL X . 71.02 10.48 -13.03
O2 GOL X . 72.40 10.83 -13.16
C3 GOL X . 70.40 10.29 -14.41
O3 GOL X . 70.57 11.45 -15.21
CL CL Y . 25.93 23.38 -14.80
CHA HEM Z . 31.61 5.99 22.72
CHB HEM Z . 30.34 8.41 26.72
CHC HEM Z . 25.82 6.64 26.30
CHD HEM Z . 27.04 4.62 22.06
C1A HEM Z . 31.66 6.75 23.86
C2A HEM Z . 32.87 7.37 24.39
C3A HEM Z . 32.48 8.06 25.52
C4A HEM Z . 31.05 7.90 25.68
CMA HEM Z . 33.32 8.87 26.46
CAA HEM Z . 34.29 7.27 23.87
CBA HEM Z . 34.69 8.36 22.83
CGA HEM Z . 33.76 8.41 21.61
O1A HEM Z . 32.78 9.20 21.67
O2A HEM Z . 33.92 7.74 20.54
C1B HEM Z . 29.00 8.09 26.93
C2B HEM Z . 28.30 8.61 28.03
C3B HEM Z . 27.03 8.10 27.92
C4B HEM Z . 26.96 7.30 26.68
CMB HEM Z . 28.76 9.51 29.14
CAB HEM Z . 25.89 8.34 28.81
CBB HEM Z . 25.84 9.19 29.86
C1C HEM Z . 25.74 5.95 25.08
C2C HEM Z . 24.61 5.23 24.61
C3C HEM Z . 24.97 4.61 23.39
C4C HEM Z . 26.35 4.99 23.19
CMC HEM Z . 23.30 5.23 25.35
CAC HEM Z . 24.25 3.82 22.35
CBC HEM Z . 23.18 3.01 22.50
C1D HEM Z . 28.40 4.87 21.95
C2D HEM Z . 29.09 4.45 20.73
C3D HEM Z . 30.39 4.77 20.90
C4D HEM Z . 30.44 5.47 22.20
CMD HEM Z . 28.43 3.72 19.57
CAD HEM Z . 31.52 4.52 19.88
CBD HEM Z . 32.12 3.06 19.88
CGD HEM Z . 33.13 3.02 18.75
O1D HEM Z . 32.81 2.48 17.64
O2D HEM Z . 34.27 3.58 18.86
NA HEM Z . 30.60 7.07 24.69
NB HEM Z . 28.19 7.33 26.14
NC HEM Z . 26.76 5.79 24.19
ND HEM Z . 29.23 5.48 22.83
FE HEM Z . 28.78 6.35 24.45
O1 OXY AA . 27.45 10.15 23.20
O2 OXY AA . 28.29 9.61 23.90
C1 GOL BA . 20.51 2.82 31.94
O1 GOL BA . 19.61 3.28 32.95
C2 GOL BA . 21.84 3.56 31.98
O2 GOL BA . 22.81 2.78 32.70
C3 GOL BA . 22.31 3.96 30.58
O3 GOL BA . 23.64 4.49 30.53
CL CL CA . 11.20 4.81 23.50
CL CL DA . 29.42 3.60 -0.99
CHA HEM EA . -24.11 -21.65 -9.41
CHB HEM EA . -20.14 -20.49 -12.03
CHC HEM EA . -20.02 -25.08 -13.82
CHD HEM EA . -23.63 -26.25 -10.77
C1A HEM EA . -23.08 -20.94 -10.05
C2A HEM EA . -22.89 -19.54 -9.90
C3A HEM EA . -21.77 -19.22 -10.66
C4A HEM EA . -21.27 -20.41 -11.22
CMA HEM EA . -21.15 -17.83 -10.81
CAA HEM EA . -23.81 -18.53 -9.14
CBA HEM EA . -23.27 -18.21 -7.77
CGA HEM EA . -23.21 -19.53 -6.99
O1A HEM EA . -22.10 -20.17 -6.89
O2A HEM EA . -24.30 -20.00 -6.52
C1B HEM EA . -19.81 -21.66 -12.72
C2B HEM EA . -18.72 -21.70 -13.61
C3B HEM EA . -18.63 -22.98 -14.13
C4B HEM EA . -19.76 -23.73 -13.51
CMB HEM EA . -17.85 -20.49 -13.86
CAB HEM EA . -17.71 -23.59 -15.13
CBB HEM EA . -16.60 -23.03 -15.65
C1C HEM EA . -21.00 -25.81 -13.13
C2C HEM EA . -21.30 -27.16 -13.35
C3C HEM EA . -22.33 -27.48 -12.47
C4C HEM EA . -22.65 -26.30 -11.74
CMC HEM EA . -20.59 -28.09 -14.31
CAC HEM EA . -22.96 -28.81 -12.31
CBC HEM EA . -23.10 -29.62 -13.37
C1D HEM EA . -24.02 -25.07 -10.17
C2D HEM EA . -25.04 -25.09 -9.13
C3D HEM EA . -25.20 -23.80 -8.70
C4D HEM EA . -24.24 -23.01 -9.52
CMD HEM EA . -25.77 -26.31 -8.61
CAD HEM EA . -26.19 -23.33 -7.62
CBD HEM EA . -27.64 -23.12 -8.19
CGD HEM EA . -28.50 -22.70 -7.01
O1D HEM EA . -29.16 -23.55 -6.38
O2D HEM EA . -28.49 -21.51 -6.62
NA HEM EA . -22.08 -21.45 -10.86
NB HEM EA . -20.42 -22.87 -12.70
NC HEM EA . -21.83 -25.30 -12.16
ND HEM EA . -23.56 -23.82 -10.39
FE HEM EA . -22.11 -23.30 -11.57
O1 OXY FA . -19.70 -23.17 -9.80
O2 OXY FA . -18.87 -23.94 -9.38
CAB VOH GA . -17.45 -25.42 -0.01
OAI VOH GA . -17.02 -24.06 -0.07
CAL VOH GA . -16.92 -23.39 -1.32
CAF VOH GA . -16.82 -24.08 -2.55
CAJ VOH GA . -16.72 -23.27 -3.72
CAG VOH GA . -16.60 -23.76 -5.00
OAC VOH GA . -17.70 -23.36 -5.74
CAD VOH GA . -16.68 -21.86 -3.66
CAE VOH GA . -16.79 -21.17 -2.48
CAK VOH GA . -16.90 -21.94 -1.34
OAH VOH GA . -16.93 -21.23 -0.17
CAA VOH GA . -15.59 -20.70 0.10
C1 GOL HA . -37.61 -14.04 -17.51
O1 GOL HA . -37.66 -12.90 -18.35
C2 GOL HA . -38.28 -15.23 -18.18
O2 GOL HA . -37.29 -16.12 -18.70
C3 GOL HA . -39.26 -15.96 -17.28
O3 GOL HA . -40.60 -15.72 -17.68
C1 GOL IA . -19.82 -25.60 -18.81
O1 GOL IA . -19.27 -26.53 -19.74
C2 GOL IA . -21.15 -26.06 -18.26
O2 GOL IA . -22.22 -25.19 -18.65
C3 GOL IA . -21.53 -27.47 -18.67
O3 GOL IA . -21.24 -28.41 -17.63
CL CL JA . -12.37 -19.91 -12.48
CHA HEM KA . -25.62 3.32 35.43
CHB HEM KA . -25.95 4.75 40.08
CHC HEM KA . -21.37 6.54 39.99
CHD HEM KA . -20.93 4.52 35.48
C1A HEM KA . -26.10 3.66 36.67
C2A HEM KA . -27.42 3.46 37.07
C3A HEM KA . -27.51 3.87 38.38
C4A HEM KA . -26.25 4.30 38.81
CMA HEM KA . -28.71 3.81 39.27
CAA HEM KA . -28.57 2.89 36.24
CBA HEM KA . -28.84 1.37 36.43
CGA HEM KA . -27.57 0.68 36.03
O1A HEM KA . -27.23 0.50 34.83
O2A HEM KA . -26.75 0.37 36.92
C1B HEM KA . -24.70 5.35 40.43
C2B HEM KA . -24.46 5.91 41.74
C3B HEM KA . -23.20 6.40 41.69
C4B HEM KA . -22.67 6.13 40.36
CMB HEM KA . -25.44 5.95 42.91
CAB HEM KA . -22.43 7.11 42.70
CBB HEM KA . -22.81 7.10 43.96
C1C HEM KA . -20.87 6.15 38.74
C2C HEM KA . -19.55 6.41 38.25
C3C HEM KA . -19.48 5.81 36.98
C4C HEM KA . -20.71 5.17 36.69
CMC HEM KA . -18.45 7.17 38.94
CAC HEM KA . -18.37 5.78 36.03
CBC HEM KA . -17.29 6.54 36.18
C1D HEM KA . -22.18 4.06 35.14
C2D HEM KA . -22.43 3.37 33.89
C3D HEM KA . -23.74 3.03 33.86
C4D HEM KA . -24.30 3.51 35.13
CMD HEM KA . -21.43 3.07 32.84
CAD HEM KA . -24.46 2.27 32.76
CBD HEM KA . -25.34 3.13 31.82
CGD HEM KA . -25.32 2.48 30.48
O1D HEM KA . -24.25 2.48 29.81
O2D HEM KA . -26.37 1.91 30.11
NA HEM KA . -25.39 4.22 37.73
NB HEM KA . -23.63 5.49 39.67
NC HEM KA . -21.55 5.42 37.76
ND HEM KA . -23.32 4.12 35.87
FE HEM KA . -23.48 4.82 37.65
O1 OXY LA . -22.10 2.30 39.51
O2 OXY LA . -23.20 1.98 39.99
N1 EPE MA . -32.40 20.78 46.30
C2 EPE MA . -32.34 19.34 45.90
C3 EPE MA . -33.20 18.96 44.69
N4 EPE MA . -33.21 19.96 43.59
C5 EPE MA . -32.52 21.22 43.92
C6 EPE MA . -32.99 21.69 45.30
C7 EPE MA . -32.64 19.30 42.41
C8 EPE MA . -33.27 19.80 41.11
O8 EPE MA . -32.23 20.60 40.57
C9 EPE MA . -33.04 20.92 47.61
C10 EPE MA . -31.93 20.63 48.65
S EPE MA . -32.56 20.42 50.18
O1S EPE MA . -33.57 19.34 50.09
O2S EPE MA . -31.53 19.92 51.15
O3S EPE MA . -33.11 21.75 50.59
C1 GOL NA . 7.20 -16.81 35.20
O1 GOL NA . 7.70 -16.86 36.54
C2 GOL NA . 6.11 -17.83 34.96
O2 GOL NA . 6.62 -19.16 34.83
C3 GOL NA . 5.00 -17.81 36.01
O3 GOL NA . 3.74 -18.17 35.44
C1 GOL OA . -8.78 17.57 50.77
O1 GOL OA . -10.00 17.22 50.13
C2 GOL OA . -8.50 16.78 52.04
O2 GOL OA . -9.63 16.01 52.48
C3 GOL OA . -7.26 15.92 51.95
O3 GOL OA . -6.46 16.02 53.14
C1 GOL PA . -21.19 19.60 63.12
O1 GOL PA . -20.06 20.46 63.10
C2 GOL PA . -22.44 20.37 62.74
O2 GOL PA . -22.52 20.55 61.32
C3 GOL PA . -23.72 19.72 63.25
O3 GOL PA . -24.86 20.52 62.95
C1 GOL QA . -2.72 -23.45 69.07
O1 GOL QA . -1.50 -22.70 68.93
C2 GOL QA . -3.57 -23.64 67.81
O2 GOL QA . -4.94 -23.41 68.12
C3 GOL QA . -3.15 -22.87 66.56
O3 GOL QA . -3.68 -23.35 65.32
CL CL RA . 0.05 -29.50 66.03
CL CL SA . -3.86 -15.98 66.02
#